data_2CTL
#
_entry.id   2CTL
#
_entity_poly.entity_id   1
_entity_poly.type   'polypeptide(L)'
_entity_poly.pdbx_seq_one_letter_code
;GSSGSSGEQEDRALRSFKLSVTVDPKYHPKIIGRKGAVITQIRLEHDVNIQFPDKDDGNQPQDQITITGYEKNTEAARDA
ILRIVGELEQMSGPSSG
;
_entity_poly.pdbx_strand_id   A
#
# COMPACT_ATOMS: atom_id res chain seq x y z
N GLY A 1 -16.50 -36.33 29.35
CA GLY A 1 -16.35 -34.90 29.26
C GLY A 1 -16.54 -34.38 27.85
N SER A 2 -16.94 -33.12 27.73
CA SER A 2 -17.15 -32.51 26.43
C SER A 2 -17.09 -30.99 26.52
N SER A 3 -16.07 -30.40 25.89
CA SER A 3 -15.89 -28.96 25.90
C SER A 3 -15.75 -28.41 24.48
N GLY A 4 -15.85 -27.09 24.35
CA GLY A 4 -15.73 -26.47 23.04
C GLY A 4 -15.86 -24.96 23.11
N SER A 5 -14.98 -24.32 23.89
CA SER A 5 -15.01 -22.88 24.04
C SER A 5 -13.90 -22.23 23.22
N SER A 6 -14.28 -21.66 22.07
CA SER A 6 -13.31 -21.01 21.19
C SER A 6 -14.01 -20.08 20.21
N GLY A 7 -13.56 -18.82 20.17
CA GLY A 7 -14.16 -17.85 19.28
C GLY A 7 -13.58 -17.92 17.88
N GLU A 8 -14.43 -17.70 16.88
CA GLU A 8 -14.00 -17.74 15.49
C GLU A 8 -12.83 -16.80 15.25
N GLN A 9 -12.08 -17.05 14.18
CA GLN A 9 -10.92 -16.22 13.85
C GLN A 9 -11.02 -15.71 12.41
N GLU A 10 -11.69 -16.47 11.55
CA GLU A 10 -11.86 -16.09 10.16
C GLU A 10 -10.62 -15.37 9.64
N ASP A 11 -9.45 -15.94 9.93
CA ASP A 11 -8.19 -15.35 9.49
C ASP A 11 -7.95 -15.62 8.01
N ARG A 12 -8.15 -16.86 7.60
CA ARG A 12 -7.96 -17.25 6.21
C ARG A 12 -8.47 -16.17 5.27
N ALA A 13 -9.66 -15.65 5.55
CA ALA A 13 -10.26 -14.60 4.74
C ALA A 13 -9.58 -13.26 4.97
N LEU A 14 -9.33 -12.94 6.24
CA LEU A 14 -8.69 -11.68 6.59
C LEU A 14 -7.38 -11.50 5.82
N ARG A 15 -6.52 -12.52 5.88
CA ARG A 15 -5.25 -12.47 5.19
C ARG A 15 -5.44 -12.33 3.68
N SER A 16 -6.63 -12.69 3.20
CA SER A 16 -6.95 -12.60 1.79
C SER A 16 -7.57 -11.25 1.46
N PHE A 17 -7.24 -10.24 2.25
CA PHE A 17 -7.76 -8.90 2.04
C PHE A 17 -6.89 -8.11 1.07
N LYS A 18 -7.51 -7.58 0.02
CA LYS A 18 -6.79 -6.81 -0.99
C LYS A 18 -7.24 -5.34 -0.98
N LEU A 19 -6.29 -4.43 -0.81
CA LEU A 19 -6.59 -3.01 -0.78
C LEU A 19 -6.08 -2.32 -2.05
N SER A 20 -6.75 -1.25 -2.44
CA SER A 20 -6.37 -0.50 -3.63
C SER A 20 -6.18 0.98 -3.31
N VAL A 21 -4.95 1.47 -3.49
CA VAL A 21 -4.64 2.86 -3.23
C VAL A 21 -4.61 3.68 -4.51
N THR A 22 -5.47 4.68 -4.59
CA THR A 22 -5.56 5.54 -5.77
C THR A 22 -4.52 6.65 -5.71
N VAL A 23 -3.46 6.52 -6.52
CA VAL A 23 -2.41 7.52 -6.55
C VAL A 23 -1.71 7.53 -7.91
N ASP A 24 -1.56 8.72 -8.48
CA ASP A 24 -0.91 8.86 -9.78
C ASP A 24 0.33 7.97 -9.87
N PRO A 25 0.58 7.42 -11.07
CA PRO A 25 1.72 6.54 -11.31
C PRO A 25 3.04 7.29 -11.28
N LYS A 26 2.97 8.60 -11.05
CA LYS A 26 4.17 9.43 -10.98
C LYS A 26 4.89 9.25 -9.66
N TYR A 27 4.12 9.18 -8.57
CA TYR A 27 4.69 9.02 -7.24
C TYR A 27 5.02 7.55 -6.97
N HIS A 28 4.39 6.66 -7.74
CA HIS A 28 4.61 5.23 -7.58
C HIS A 28 6.10 4.92 -7.47
N PRO A 29 6.87 5.28 -8.52
CA PRO A 29 8.31 5.05 -8.56
C PRO A 29 9.07 5.94 -7.57
N LYS A 30 8.35 6.85 -6.93
CA LYS A 30 8.95 7.76 -5.96
C LYS A 30 8.84 7.20 -4.55
N ILE A 31 7.73 6.52 -4.26
CA ILE A 31 7.51 5.93 -2.96
C ILE A 31 8.47 4.77 -2.70
N ILE A 32 8.59 3.89 -3.69
CA ILE A 32 9.48 2.74 -3.57
C ILE A 32 10.81 3.13 -2.95
N GLY A 33 11.37 4.24 -3.42
CA GLY A 33 12.65 4.70 -2.90
C GLY A 33 13.77 4.62 -3.92
N ARG A 34 14.98 4.89 -3.48
CA ARG A 34 16.15 4.85 -4.36
C ARG A 34 16.34 3.44 -4.93
N LYS A 35 16.52 2.46 -4.05
CA LYS A 35 16.72 1.08 -4.46
C LYS A 35 15.46 0.26 -4.18
N GLY A 36 14.79 0.56 -3.09
CA GLY A 36 13.58 -0.16 -2.73
C GLY A 36 13.54 -0.54 -1.26
N ALA A 37 14.14 0.29 -0.43
CA ALA A 37 14.17 0.04 1.02
C ALA A 37 12.99 0.70 1.71
N VAL A 38 12.82 1.99 1.49
CA VAL A 38 11.72 2.74 2.10
C VAL A 38 10.44 1.91 2.10
N ILE A 39 10.02 1.48 0.92
CA ILE A 39 8.80 0.68 0.79
C ILE A 39 8.90 -0.61 1.58
N THR A 40 10.09 -1.22 1.56
CA THR A 40 10.32 -2.47 2.27
C THR A 40 10.09 -2.29 3.77
N GLN A 41 10.67 -1.25 4.34
CA GLN A 41 10.53 -0.96 5.76
C GLN A 41 9.06 -0.93 6.16
N ILE A 42 8.29 -0.05 5.53
CA ILE A 42 6.87 0.07 5.83
C ILE A 42 6.18 -1.30 5.82
N ARG A 43 6.35 -2.03 4.72
CA ARG A 43 5.74 -3.35 4.58
C ARG A 43 5.97 -4.18 5.84
N LEU A 44 7.25 -4.39 6.18
CA LEU A 44 7.60 -5.17 7.36
C LEU A 44 7.02 -4.55 8.62
N GLU A 45 7.06 -3.22 8.69
CA GLU A 45 6.54 -2.49 9.84
C GLU A 45 5.12 -2.95 10.17
N HIS A 46 4.30 -3.10 9.15
CA HIS A 46 2.92 -3.53 9.34
C HIS A 46 2.76 -5.01 8.98
N ASP A 47 3.82 -5.60 8.43
CA ASP A 47 3.80 -7.01 8.05
C ASP A 47 2.82 -7.25 6.90
N VAL A 48 2.86 -6.36 5.91
CA VAL A 48 1.98 -6.48 4.75
C VAL A 48 2.78 -6.55 3.46
N ASN A 49 2.08 -6.69 2.34
CA ASN A 49 2.73 -6.78 1.04
C ASN A 49 2.19 -5.69 0.10
N ILE A 50 3.07 -4.80 -0.32
CA ILE A 50 2.68 -3.72 -1.22
C ILE A 50 3.30 -3.91 -2.60
N GLN A 51 2.46 -4.13 -3.60
CA GLN A 51 2.93 -4.33 -4.97
C GLN A 51 2.32 -3.29 -5.90
N PHE A 52 3.18 -2.59 -6.63
CA PHE A 52 2.74 -1.55 -7.57
C PHE A 52 2.54 -2.14 -8.96
N PRO A 53 1.62 -1.53 -9.73
CA PRO A 53 1.32 -1.97 -11.10
C PRO A 53 2.46 -1.70 -12.07
N ASP A 54 2.52 -2.47 -13.14
CA ASP A 54 3.56 -2.31 -14.15
C ASP A 54 3.06 -1.46 -15.32
N LYS A 55 3.76 -0.37 -15.59
CA LYS A 55 3.38 0.51 -16.69
C LYS A 55 3.32 -0.24 -18.01
N ASP A 56 4.33 -1.06 -18.26
CA ASP A 56 4.39 -1.85 -19.50
C ASP A 56 3.07 -2.57 -19.74
N ASP A 57 2.50 -3.13 -18.67
CA ASP A 57 1.24 -3.85 -18.77
C ASP A 57 0.19 -3.02 -19.50
N GLY A 58 -0.16 -1.87 -18.93
CA GLY A 58 -1.15 -1.01 -19.55
C GLY A 58 -2.56 -1.35 -19.11
N ASN A 59 -3.12 -2.41 -19.69
CA ASN A 59 -4.48 -2.83 -19.37
C ASN A 59 -4.78 -2.59 -17.89
N GLN A 60 -3.80 -2.87 -17.04
CA GLN A 60 -3.96 -2.68 -15.60
C GLN A 60 -3.69 -1.23 -15.21
N PRO A 61 -4.32 -0.80 -14.10
CA PRO A 61 -4.16 0.56 -13.59
C PRO A 61 -2.77 0.82 -13.02
N GLN A 62 -2.12 1.87 -13.50
CA GLN A 62 -0.79 2.22 -13.03
C GLN A 62 -0.85 3.16 -11.84
N ASP A 63 -2.03 3.71 -11.59
CA ASP A 63 -2.22 4.63 -10.48
C ASP A 63 -2.76 3.90 -9.25
N GLN A 64 -3.23 2.67 -9.47
CA GLN A 64 -3.77 1.87 -8.38
C GLN A 64 -2.69 0.96 -7.78
N ILE A 65 -2.60 0.96 -6.46
CA ILE A 65 -1.61 0.13 -5.76
C ILE A 65 -2.27 -1.00 -5.00
N THR A 66 -1.85 -2.23 -5.29
CA THR A 66 -2.40 -3.40 -4.63
C THR A 66 -1.65 -3.72 -3.34
N ILE A 67 -2.39 -4.00 -2.28
CA ILE A 67 -1.79 -4.33 -0.99
C ILE A 67 -2.55 -5.45 -0.29
N THR A 68 -1.84 -6.53 0.02
CA THR A 68 -2.45 -7.68 0.69
C THR A 68 -2.07 -7.72 2.17
N GLY A 69 -2.93 -8.32 2.98
CA GLY A 69 -2.66 -8.42 4.40
C GLY A 69 -3.89 -8.14 5.24
N TYR A 70 -3.72 -8.12 6.56
CA TYR A 70 -4.82 -7.87 7.47
C TYR A 70 -5.47 -6.51 7.19
N GLU A 71 -6.76 -6.53 6.87
CA GLU A 71 -7.49 -5.31 6.58
C GLU A 71 -6.99 -4.16 7.44
N LYS A 72 -6.69 -4.45 8.70
CA LYS A 72 -6.19 -3.44 9.64
C LYS A 72 -4.79 -2.98 9.25
N ASN A 73 -3.85 -3.91 9.24
CA ASN A 73 -2.47 -3.60 8.88
C ASN A 73 -2.40 -2.87 7.54
N THR A 74 -2.94 -3.52 6.50
CA THR A 74 -2.95 -2.95 5.17
C THR A 74 -3.27 -1.46 5.21
N GLU A 75 -4.35 -1.11 5.91
CA GLU A 75 -4.77 0.28 6.02
C GLU A 75 -3.67 1.12 6.67
N ALA A 76 -3.01 0.55 7.67
CA ALA A 76 -1.94 1.25 8.38
C ALA A 76 -0.78 1.57 7.44
N ALA A 77 -0.58 0.72 6.43
CA ALA A 77 0.49 0.91 5.48
C ALA A 77 0.05 1.80 4.33
N ARG A 78 -1.19 1.62 3.88
CA ARG A 78 -1.73 2.42 2.79
C ARG A 78 -1.77 3.90 3.16
N ASP A 79 -1.79 4.18 4.46
CA ASP A 79 -1.83 5.55 4.94
C ASP A 79 -0.52 6.27 4.65
N ALA A 80 0.58 5.52 4.67
CA ALA A 80 1.89 6.08 4.38
C ALA A 80 2.01 6.55 2.94
N ILE A 81 1.76 5.62 2.02
CA ILE A 81 1.83 5.94 0.59
C ILE A 81 1.23 7.30 0.30
N LEU A 82 0.15 7.62 1.00
CA LEU A 82 -0.53 8.91 0.81
C LEU A 82 0.16 10.01 1.61
N ARG A 83 0.42 9.75 2.88
CA ARG A 83 1.08 10.72 3.75
C ARG A 83 2.27 11.34 3.05
N ILE A 84 2.87 10.60 2.14
CA ILE A 84 4.03 11.09 1.38
C ILE A 84 3.59 11.93 0.19
N VAL A 85 2.93 11.28 -0.76
CA VAL A 85 2.46 11.98 -1.96
C VAL A 85 2.03 13.41 -1.64
N GLY A 86 1.47 13.60 -0.46
CA GLY A 86 1.03 14.93 -0.05
C GLY A 86 2.18 15.91 0.02
N GLU A 87 3.27 15.52 0.67
CA GLU A 87 4.43 16.38 0.79
C GLU A 87 5.14 16.55 -0.54
N LEU A 88 5.24 15.47 -1.30
CA LEU A 88 5.89 15.49 -2.60
C LEU A 88 5.28 16.57 -3.49
N GLU A 89 3.98 16.47 -3.73
CA GLU A 89 3.27 17.43 -4.56
C GLU A 89 3.82 18.84 -4.35
N GLN A 90 4.00 19.22 -3.09
CA GLN A 90 4.52 20.53 -2.74
C GLN A 90 6.02 20.61 -3.02
N MET A 91 6.73 19.54 -2.72
CA MET A 91 8.17 19.49 -2.92
C MET A 91 8.56 20.16 -4.24
N SER A 92 9.53 21.05 -4.18
CA SER A 92 9.99 21.77 -5.36
C SER A 92 8.89 22.68 -5.91
N GLY A 93 8.01 23.11 -5.02
CA GLY A 93 6.92 23.99 -5.42
C GLY A 93 7.02 25.37 -4.80
N PRO A 94 6.20 26.31 -5.31
CA PRO A 94 6.20 27.69 -4.82
C PRO A 94 5.62 27.81 -3.41
N SER A 95 6.50 27.88 -2.42
CA SER A 95 6.08 27.98 -1.03
C SER A 95 6.08 29.44 -0.56
N SER A 96 4.90 29.95 -0.23
CA SER A 96 4.77 31.33 0.22
C SER A 96 5.08 31.45 1.70
N GLY A 97 5.39 32.67 2.15
CA GLY A 97 5.70 32.88 3.55
C GLY A 97 6.93 33.75 3.75
N GLY A 1 -28.43 -22.41 20.46
CA GLY A 1 -27.91 -23.54 19.71
C GLY A 1 -27.14 -23.10 18.47
N SER A 2 -25.88 -23.50 18.40
CA SER A 2 -25.04 -23.14 17.25
C SER A 2 -24.60 -24.39 16.49
N SER A 3 -25.41 -24.81 15.53
CA SER A 3 -25.10 -25.98 14.73
C SER A 3 -25.20 -25.68 13.23
N GLY A 4 -24.28 -26.24 12.46
CA GLY A 4 -24.29 -26.01 11.02
C GLY A 4 -22.88 -25.85 10.46
N SER A 5 -22.79 -25.20 9.30
CA SER A 5 -21.50 -24.98 8.66
C SER A 5 -20.90 -23.64 9.08
N SER A 6 -21.02 -23.32 10.36
CA SER A 6 -20.49 -22.07 10.90
C SER A 6 -19.16 -21.72 10.23
N GLY A 7 -18.20 -22.61 10.35
CA GLY A 7 -16.89 -22.38 9.76
C GLY A 7 -15.76 -22.99 10.57
N GLU A 8 -14.58 -23.06 9.97
CA GLU A 8 -13.42 -23.63 10.65
C GLU A 8 -12.39 -22.55 10.98
N GLN A 9 -12.10 -21.70 10.01
CA GLN A 9 -11.13 -20.63 10.19
C GLN A 9 -11.69 -19.30 9.69
N GLU A 10 -11.19 -18.20 10.26
CA GLU A 10 -11.65 -16.87 9.86
C GLU A 10 -10.46 -16.01 9.42
N ASP A 11 -9.27 -16.39 9.85
CA ASP A 11 -8.06 -15.65 9.49
C ASP A 11 -7.79 -15.75 8.00
N ARG A 12 -8.09 -16.91 7.42
CA ARG A 12 -7.87 -17.13 5.99
C ARG A 12 -8.51 -16.02 5.16
N ALA A 13 -9.53 -15.38 5.72
CA ALA A 13 -10.22 -14.30 5.04
C ALA A 13 -9.55 -12.97 5.30
N LEU A 14 -9.05 -12.78 6.51
CA LEU A 14 -8.38 -11.54 6.89
C LEU A 14 -7.10 -11.35 6.08
N ARG A 15 -6.27 -12.39 6.03
CA ARG A 15 -5.02 -12.34 5.29
C ARG A 15 -5.27 -12.24 3.79
N SER A 16 -6.42 -12.74 3.36
CA SER A 16 -6.79 -12.71 1.95
C SER A 16 -7.48 -11.40 1.59
N PHE A 17 -7.20 -10.36 2.36
CA PHE A 17 -7.80 -9.04 2.13
C PHE A 17 -6.96 -8.23 1.15
N LYS A 18 -7.61 -7.75 0.09
CA LYS A 18 -6.92 -6.97 -0.92
C LYS A 18 -7.40 -5.51 -0.89
N LEU A 19 -6.45 -4.58 -0.85
CA LEU A 19 -6.77 -3.16 -0.81
C LEU A 19 -6.24 -2.46 -2.06
N SER A 20 -6.91 -1.37 -2.45
CA SER A 20 -6.51 -0.60 -3.62
C SER A 20 -6.30 0.87 -3.26
N VAL A 21 -5.06 1.33 -3.42
CA VAL A 21 -4.72 2.72 -3.12
C VAL A 21 -4.72 3.58 -4.38
N THR A 22 -5.40 4.71 -4.31
CA THR A 22 -5.49 5.62 -5.45
C THR A 22 -4.40 6.68 -5.39
N VAL A 23 -3.31 6.45 -6.12
CA VAL A 23 -2.20 7.40 -6.14
C VAL A 23 -1.57 7.48 -7.53
N ASP A 24 -1.45 8.69 -8.06
CA ASP A 24 -0.86 8.89 -9.38
C ASP A 24 0.38 8.05 -9.56
N PRO A 25 0.59 7.54 -10.78
CA PRO A 25 1.74 6.71 -11.12
C PRO A 25 3.05 7.49 -11.12
N LYS A 26 2.94 8.80 -10.90
CA LYS A 26 4.11 9.67 -10.89
C LYS A 26 4.84 9.57 -9.55
N TYR A 27 4.12 9.16 -8.51
CA TYR A 27 4.69 9.02 -7.18
C TYR A 27 5.00 7.56 -6.86
N HIS A 28 4.43 6.67 -7.66
CA HIS A 28 4.64 5.23 -7.47
C HIS A 28 6.13 4.92 -7.32
N PRO A 29 6.91 5.26 -8.35
CA PRO A 29 8.36 5.02 -8.36
C PRO A 29 9.10 5.93 -7.37
N LYS A 30 8.36 6.85 -6.77
CA LYS A 30 8.95 7.79 -5.81
C LYS A 30 8.87 7.23 -4.39
N ILE A 31 7.85 6.40 -4.15
CA ILE A 31 7.65 5.79 -2.83
C ILE A 31 8.60 4.62 -2.62
N ILE A 32 8.79 3.82 -3.67
CA ILE A 32 9.67 2.67 -3.60
C ILE A 32 11.03 3.04 -3.00
N GLY A 33 11.69 4.02 -3.61
CA GLY A 33 12.99 4.46 -3.12
C GLY A 33 14.09 4.21 -4.12
N ARG A 34 15.30 4.65 -3.78
CA ARG A 34 16.45 4.48 -4.65
C ARG A 34 16.53 3.04 -5.17
N LYS A 35 16.77 2.11 -4.27
CA LYS A 35 16.87 0.70 -4.62
C LYS A 35 15.59 -0.05 -4.26
N GLY A 36 14.90 0.42 -3.22
CA GLY A 36 13.67 -0.22 -2.79
C GLY A 36 13.66 -0.53 -1.31
N ALA A 37 14.42 0.26 -0.54
CA ALA A 37 14.48 0.06 0.90
C ALA A 37 13.33 0.77 1.62
N VAL A 38 13.11 2.03 1.26
CA VAL A 38 12.04 2.82 1.87
C VAL A 38 10.77 2.00 1.99
N ILE A 39 10.25 1.54 0.86
CA ILE A 39 9.04 0.74 0.84
C ILE A 39 9.14 -0.45 1.78
N THR A 40 10.25 -1.17 1.70
CA THR A 40 10.49 -2.33 2.56
C THR A 40 10.19 -2.01 4.01
N GLN A 41 10.64 -0.84 4.47
CA GLN A 41 10.41 -0.41 5.84
C GLN A 41 8.93 -0.41 6.17
N ILE A 42 8.12 0.15 5.28
CA ILE A 42 6.68 0.21 5.48
C ILE A 42 6.06 -1.18 5.42
N ARG A 43 6.49 -1.98 4.45
CA ARG A 43 5.98 -3.33 4.28
C ARG A 43 6.20 -4.16 5.54
N LEU A 44 7.42 -4.11 6.07
CA LEU A 44 7.77 -4.86 7.26
C LEU A 44 7.08 -4.28 8.50
N GLU A 45 7.01 -2.95 8.55
CA GLU A 45 6.38 -2.27 9.67
C GLU A 45 4.99 -2.85 9.95
N HIS A 46 4.12 -2.80 8.95
CA HIS A 46 2.77 -3.33 9.08
C HIS A 46 2.69 -4.77 8.60
N ASP A 47 3.85 -5.35 8.33
CA ASP A 47 3.92 -6.74 7.86
C ASP A 47 2.91 -6.98 6.74
N VAL A 48 2.93 -6.13 5.73
CA VAL A 48 2.01 -6.26 4.61
C VAL A 48 2.76 -6.26 3.28
N ASN A 49 2.11 -6.77 2.24
CA ASN A 49 2.71 -6.84 0.92
C ASN A 49 2.25 -5.68 0.04
N ILE A 50 3.20 -4.83 -0.35
CA ILE A 50 2.89 -3.68 -1.19
C ILE A 50 3.49 -3.84 -2.58
N GLN A 51 2.63 -4.05 -3.57
CA GLN A 51 3.07 -4.20 -4.95
C GLN A 51 2.45 -3.16 -5.87
N PHE A 52 3.26 -2.54 -6.71
CA PHE A 52 2.78 -1.51 -7.63
C PHE A 52 2.53 -2.10 -9.01
N PRO A 53 1.60 -1.49 -9.75
CA PRO A 53 1.24 -1.93 -11.11
C PRO A 53 2.36 -1.67 -12.12
N ASP A 54 2.25 -2.29 -13.29
CA ASP A 54 3.25 -2.12 -14.34
C ASP A 54 2.67 -1.33 -15.52
N LYS A 55 3.36 -0.26 -15.90
CA LYS A 55 2.91 0.58 -17.00
C LYS A 55 2.84 -0.23 -18.29
N ASP A 56 3.81 -1.12 -18.49
CA ASP A 56 3.86 -1.95 -19.69
C ASP A 56 2.54 -2.70 -19.87
N ASP A 57 2.02 -3.25 -18.78
CA ASP A 57 0.77 -3.99 -18.83
C ASP A 57 -0.32 -3.18 -19.52
N GLY A 58 -0.64 -2.02 -18.95
CA GLY A 58 -1.67 -1.17 -19.53
C GLY A 58 -3.05 -1.49 -19.00
N ASN A 59 -3.66 -2.55 -19.55
CA ASN A 59 -4.99 -2.96 -19.12
C ASN A 59 -5.19 -2.72 -17.63
N GLN A 60 -4.13 -2.91 -16.85
CA GLN A 60 -4.19 -2.72 -15.41
C GLN A 60 -3.92 -1.26 -15.05
N PRO A 61 -4.50 -0.81 -13.93
CA PRO A 61 -4.34 0.57 -13.44
C PRO A 61 -2.93 0.84 -12.95
N GLN A 62 -2.38 1.99 -13.34
CA GLN A 62 -1.03 2.38 -12.93
C GLN A 62 -1.07 3.26 -11.69
N ASP A 63 -2.23 3.85 -11.43
CA ASP A 63 -2.40 4.72 -10.27
C ASP A 63 -2.92 3.94 -9.08
N GLN A 64 -3.38 2.72 -9.32
CA GLN A 64 -3.90 1.87 -8.26
C GLN A 64 -2.80 0.99 -7.68
N ILE A 65 -2.78 0.89 -6.35
CA ILE A 65 -1.77 0.08 -5.67
C ILE A 65 -2.43 -1.11 -4.95
N THR A 66 -1.90 -2.30 -5.21
CA THR A 66 -2.43 -3.51 -4.59
C THR A 66 -1.68 -3.84 -3.31
N ILE A 67 -2.43 -4.01 -2.22
CA ILE A 67 -1.84 -4.32 -0.92
C ILE A 67 -2.59 -5.47 -0.25
N THR A 68 -1.86 -6.55 0.04
CA THR A 68 -2.45 -7.71 0.69
C THR A 68 -2.08 -7.77 2.17
N GLY A 69 -2.97 -8.33 2.97
CA GLY A 69 -2.72 -8.43 4.40
C GLY A 69 -3.97 -8.16 5.22
N TYR A 70 -3.82 -8.17 6.55
CA TYR A 70 -4.94 -7.92 7.45
C TYR A 70 -5.58 -6.57 7.16
N GLU A 71 -6.86 -6.59 6.80
CA GLU A 71 -7.60 -5.37 6.51
C GLU A 71 -7.14 -4.23 7.40
N LYS A 72 -6.76 -4.57 8.63
CA LYS A 72 -6.29 -3.57 9.59
C LYS A 72 -4.90 -3.06 9.21
N ASN A 73 -3.91 -3.95 9.26
CA ASN A 73 -2.54 -3.59 8.92
C ASN A 73 -2.48 -2.89 7.56
N THR A 74 -3.00 -3.55 6.53
CA THR A 74 -3.01 -3.00 5.19
C THR A 74 -3.36 -1.52 5.21
N GLU A 75 -4.45 -1.18 5.87
CA GLU A 75 -4.90 0.20 5.98
C GLU A 75 -3.83 1.08 6.62
N ALA A 76 -3.16 0.53 7.62
CA ALA A 76 -2.11 1.26 8.33
C ALA A 76 -0.92 1.53 7.41
N ALA A 77 -0.68 0.63 6.47
CA ALA A 77 0.42 0.77 5.52
C ALA A 77 0.00 1.59 4.30
N ARG A 78 -1.28 1.49 3.96
CA ARG A 78 -1.82 2.22 2.80
C ARG A 78 -1.89 3.71 3.10
N ASP A 79 -1.98 4.05 4.38
CA ASP A 79 -2.06 5.45 4.80
C ASP A 79 -0.75 6.18 4.52
N ALA A 80 0.36 5.45 4.62
CA ALA A 80 1.67 6.04 4.38
C ALA A 80 1.83 6.46 2.92
N ILE A 81 1.63 5.50 2.02
CA ILE A 81 1.76 5.78 0.59
C ILE A 81 1.16 7.13 0.23
N LEU A 82 0.05 7.46 0.88
CA LEU A 82 -0.63 8.74 0.64
C LEU A 82 0.07 9.88 1.38
N ARG A 83 0.32 9.67 2.67
CA ARG A 83 0.98 10.68 3.49
C ARG A 83 2.15 11.31 2.73
N ILE A 84 2.96 10.47 2.10
CA ILE A 84 4.11 10.95 1.35
C ILE A 84 3.68 11.80 0.17
N VAL A 85 2.89 11.22 -0.72
CA VAL A 85 2.40 11.92 -1.91
C VAL A 85 2.15 13.39 -1.59
N GLY A 86 1.30 13.65 -0.61
CA GLY A 86 0.99 15.02 -0.23
C GLY A 86 2.23 15.90 -0.18
N GLU A 87 3.30 15.39 0.41
CA GLU A 87 4.55 16.13 0.53
C GLU A 87 5.22 16.27 -0.83
N LEU A 88 5.48 15.14 -1.48
CA LEU A 88 6.11 15.14 -2.79
C LEU A 88 5.59 16.29 -3.65
N GLU A 89 4.31 16.61 -3.49
CA GLU A 89 3.70 17.68 -4.25
C GLU A 89 4.31 19.02 -3.91
N GLN A 90 4.37 19.32 -2.61
CA GLN A 90 4.94 20.58 -2.13
C GLN A 90 6.33 20.81 -2.75
N MET A 91 7.16 19.77 -2.71
CA MET A 91 8.51 19.87 -3.26
C MET A 91 8.48 20.40 -4.69
N SER A 92 7.81 19.67 -5.58
CA SER A 92 7.71 20.06 -6.98
C SER A 92 6.47 20.91 -7.22
N GLY A 93 6.68 22.16 -7.61
CA GLY A 93 5.58 23.06 -7.87
C GLY A 93 4.93 23.56 -6.59
N PRO A 94 5.50 24.62 -6.02
CA PRO A 94 4.99 25.22 -4.77
C PRO A 94 3.66 25.93 -4.98
N SER A 95 3.36 26.27 -6.23
CA SER A 95 2.11 26.95 -6.55
C SER A 95 0.92 26.26 -5.90
N SER A 96 -0.18 26.99 -5.76
CA SER A 96 -1.39 26.46 -5.15
C SER A 96 -2.59 26.64 -6.06
N GLY A 97 -2.80 27.86 -6.53
CA GLY A 97 -3.92 28.14 -7.42
C GLY A 97 -4.92 29.09 -6.79
N GLY A 1 -20.70 -32.36 29.16
CA GLY A 1 -20.60 -30.91 29.03
C GLY A 1 -19.24 -30.46 28.54
N SER A 2 -18.97 -29.17 28.68
CA SER A 2 -17.69 -28.62 28.24
C SER A 2 -17.37 -29.05 26.81
N SER A 3 -18.37 -28.91 25.93
CA SER A 3 -18.20 -29.30 24.53
C SER A 3 -19.16 -28.52 23.64
N GLY A 4 -18.62 -27.92 22.58
CA GLY A 4 -19.45 -27.16 21.66
C GLY A 4 -18.65 -26.12 20.90
N SER A 5 -19.33 -25.38 20.02
CA SER A 5 -18.67 -24.36 19.22
C SER A 5 -19.54 -23.11 19.13
N SER A 6 -19.01 -21.99 19.60
CA SER A 6 -19.73 -20.72 19.57
C SER A 6 -18.81 -19.56 19.22
N GLY A 7 -19.05 -18.96 18.06
CA GLY A 7 -18.23 -17.84 17.62
C GLY A 7 -17.03 -18.30 16.81
N GLU A 8 -16.97 -17.88 15.56
CA GLU A 8 -15.86 -18.24 14.67
C GLU A 8 -15.41 -17.04 13.84
N GLN A 9 -14.12 -16.73 13.92
CA GLN A 9 -13.55 -15.62 13.17
C GLN A 9 -13.31 -16.00 11.72
N GLU A 10 -13.03 -15.00 10.89
CA GLU A 10 -12.76 -15.24 9.48
C GLU A 10 -11.34 -14.85 9.11
N ASP A 11 -10.38 -15.26 9.95
CA ASP A 11 -8.97 -14.96 9.71
C ASP A 11 -8.58 -15.28 8.27
N ARG A 12 -8.95 -16.48 7.82
CA ARG A 12 -8.63 -16.91 6.47
C ARG A 12 -9.00 -15.84 5.45
N ALA A 13 -10.17 -15.23 5.63
CA ALA A 13 -10.65 -14.20 4.73
C ALA A 13 -9.90 -12.89 4.96
N LEU A 14 -9.65 -12.56 6.22
CA LEU A 14 -8.94 -11.34 6.57
C LEU A 14 -7.59 -11.27 5.87
N ARG A 15 -6.80 -12.33 6.01
CA ARG A 15 -5.49 -12.40 5.39
C ARG A 15 -5.60 -12.27 3.87
N SER A 16 -6.80 -12.51 3.35
CA SER A 16 -7.04 -12.42 1.92
C SER A 16 -7.67 -11.09 1.55
N PHE A 17 -7.44 -10.08 2.38
CA PHE A 17 -7.99 -8.75 2.15
C PHE A 17 -7.13 -7.98 1.15
N LYS A 18 -7.72 -7.64 0.00
CA LYS A 18 -7.01 -6.91 -1.03
C LYS A 18 -7.45 -5.45 -1.06
N LEU A 19 -6.48 -4.54 -0.89
CA LEU A 19 -6.76 -3.11 -0.89
C LEU A 19 -6.09 -2.42 -2.08
N SER A 20 -6.70 -1.35 -2.56
CA SER A 20 -6.16 -0.60 -3.69
C SER A 20 -6.02 0.87 -3.35
N VAL A 21 -4.78 1.36 -3.33
CA VAL A 21 -4.51 2.76 -3.01
C VAL A 21 -4.56 3.62 -4.27
N THR A 22 -5.30 4.73 -4.19
CA THR A 22 -5.43 5.64 -5.32
C THR A 22 -4.34 6.71 -5.30
N VAL A 23 -3.32 6.52 -6.13
CA VAL A 23 -2.21 7.48 -6.20
C VAL A 23 -1.59 7.47 -7.60
N ASP A 24 -1.53 8.66 -8.21
CA ASP A 24 -0.95 8.80 -9.54
C ASP A 24 0.31 7.93 -9.68
N PRO A 25 0.51 7.37 -10.88
CA PRO A 25 1.67 6.53 -11.17
C PRO A 25 2.97 7.32 -11.21
N LYS A 26 2.88 8.62 -10.94
CA LYS A 26 4.06 9.49 -10.94
C LYS A 26 4.86 9.33 -9.65
N TYR A 27 4.15 9.19 -8.54
CA TYR A 27 4.79 9.02 -7.24
C TYR A 27 5.11 7.55 -6.97
N HIS A 28 4.46 6.67 -7.71
CA HIS A 28 4.67 5.23 -7.56
C HIS A 28 6.15 4.91 -7.44
N PRO A 29 6.91 5.27 -8.48
CA PRO A 29 8.36 5.02 -8.52
C PRO A 29 9.12 5.90 -7.54
N LYS A 30 8.43 6.87 -6.96
CA LYS A 30 9.04 7.78 -6.00
C LYS A 30 8.89 7.25 -4.57
N ILE A 31 7.92 6.36 -4.38
CA ILE A 31 7.67 5.79 -3.06
C ILE A 31 8.54 4.54 -2.84
N ILE A 32 8.81 3.81 -3.92
CA ILE A 32 9.63 2.62 -3.83
C ILE A 32 10.95 2.89 -3.13
N GLY A 33 11.67 3.91 -3.60
CA GLY A 33 12.94 4.26 -3.00
C GLY A 33 14.09 4.17 -3.98
N ARG A 34 15.24 4.73 -3.60
CA ARG A 34 16.41 4.71 -4.46
C ARG A 34 16.68 3.30 -4.98
N LYS A 35 16.86 2.36 -4.07
CA LYS A 35 17.12 0.97 -4.43
C LYS A 35 15.90 0.10 -4.17
N GLY A 36 14.98 0.60 -3.35
CA GLY A 36 13.78 -0.16 -3.03
C GLY A 36 13.73 -0.59 -1.58
N ALA A 37 14.36 0.19 -0.71
CA ALA A 37 14.39 -0.11 0.71
C ALA A 37 13.24 0.58 1.44
N VAL A 38 12.97 1.83 1.07
CA VAL A 38 11.90 2.60 1.68
C VAL A 38 10.63 1.77 1.82
N ILE A 39 10.06 1.38 0.67
CA ILE A 39 8.85 0.57 0.66
C ILE A 39 8.96 -0.61 1.61
N THR A 40 10.06 -1.35 1.50
CA THR A 40 10.28 -2.52 2.34
C THR A 40 9.98 -2.21 3.81
N GLN A 41 10.69 -1.23 4.36
CA GLN A 41 10.49 -0.84 5.75
C GLN A 41 9.00 -0.71 6.07
N ILE A 42 8.26 -0.10 5.16
CA ILE A 42 6.83 0.09 5.35
C ILE A 42 6.10 -1.26 5.38
N ARG A 43 6.48 -2.15 4.47
CA ARG A 43 5.87 -3.47 4.40
C ARG A 43 6.08 -4.25 5.69
N LEU A 44 7.33 -4.35 6.12
CA LEU A 44 7.67 -5.06 7.34
C LEU A 44 6.95 -4.45 8.54
N GLU A 45 7.06 -3.13 8.68
CA GLU A 45 6.43 -2.42 9.78
C GLU A 45 5.02 -2.95 10.03
N HIS A 46 4.21 -2.97 8.97
CA HIS A 46 2.83 -3.45 9.08
C HIS A 46 2.74 -4.92 8.68
N ASP A 47 3.89 -5.53 8.42
CA ASP A 47 3.94 -6.93 8.02
C ASP A 47 2.93 -7.23 6.91
N VAL A 48 2.99 -6.43 5.85
CA VAL A 48 2.09 -6.60 4.72
C VAL A 48 2.85 -6.64 3.40
N ASN A 49 2.12 -6.85 2.30
CA ASN A 49 2.74 -6.91 0.99
C ASN A 49 2.23 -5.77 0.10
N ILE A 50 3.15 -4.88 -0.28
CA ILE A 50 2.79 -3.75 -1.13
C ILE A 50 3.46 -3.85 -2.50
N GLN A 51 2.65 -4.02 -3.54
CA GLN A 51 3.15 -4.14 -4.90
C GLN A 51 2.67 -2.99 -5.76
N PHE A 52 3.45 -2.65 -6.78
CA PHE A 52 3.09 -1.56 -7.69
C PHE A 52 2.89 -2.08 -9.10
N PRO A 53 1.96 -1.43 -9.84
CA PRO A 53 1.64 -1.81 -11.22
C PRO A 53 2.78 -1.49 -12.18
N ASP A 54 2.70 -2.05 -13.39
CA ASP A 54 3.72 -1.81 -14.41
C ASP A 54 3.13 -1.11 -15.63
N LYS A 55 3.65 0.07 -15.93
CA LYS A 55 3.17 0.84 -17.07
C LYS A 55 3.18 0.00 -18.35
N ASP A 56 4.19 -0.85 -18.47
CA ASP A 56 4.32 -1.72 -19.64
C ASP A 56 3.06 -2.56 -19.83
N ASP A 57 2.55 -3.11 -18.74
CA ASP A 57 1.36 -3.94 -18.79
C ASP A 57 0.21 -3.19 -19.45
N GLY A 58 -0.24 -2.11 -18.80
CA GLY A 58 -1.33 -1.32 -19.34
C GLY A 58 -2.67 -1.75 -18.80
N ASN A 59 -3.18 -2.88 -19.28
CA ASN A 59 -4.46 -3.40 -18.84
C ASN A 59 -4.67 -3.15 -17.34
N GLN A 60 -3.57 -3.20 -16.59
CA GLN A 60 -3.64 -2.98 -15.15
C GLN A 60 -3.49 -1.49 -14.82
N PRO A 61 -4.08 -1.07 -13.70
CA PRO A 61 -4.04 0.32 -13.25
C PRO A 61 -2.64 0.72 -12.78
N GLN A 62 -2.20 1.90 -13.20
CA GLN A 62 -0.89 2.40 -12.81
C GLN A 62 -0.98 3.31 -11.59
N ASP A 63 -2.19 3.77 -11.30
CA ASP A 63 -2.42 4.65 -10.16
C ASP A 63 -2.92 3.85 -8.95
N GLN A 64 -3.27 2.59 -9.19
CA GLN A 64 -3.77 1.72 -8.13
C GLN A 64 -2.64 0.86 -7.56
N ILE A 65 -2.49 0.89 -6.23
CA ILE A 65 -1.45 0.11 -5.57
C ILE A 65 -2.05 -1.12 -4.88
N THR A 66 -1.48 -2.28 -5.18
CA THR A 66 -1.96 -3.53 -4.60
C THR A 66 -1.37 -3.73 -3.20
N ILE A 67 -2.23 -4.02 -2.23
CA ILE A 67 -1.80 -4.24 -0.86
C ILE A 67 -2.57 -5.38 -0.20
N THR A 68 -1.87 -6.43 0.17
CA THR A 68 -2.50 -7.59 0.80
C THR A 68 -2.10 -7.68 2.27
N GLY A 69 -2.99 -8.27 3.08
CA GLY A 69 -2.71 -8.43 4.50
C GLY A 69 -3.92 -8.15 5.36
N TYR A 70 -3.72 -8.10 6.66
CA TYR A 70 -4.81 -7.85 7.60
C TYR A 70 -5.50 -6.52 7.28
N GLU A 71 -6.79 -6.60 6.97
CA GLU A 71 -7.57 -5.42 6.64
C GLU A 71 -7.15 -4.23 7.50
N LYS A 72 -6.68 -4.52 8.72
CA LYS A 72 -6.24 -3.48 9.64
C LYS A 72 -4.86 -2.95 9.24
N ASN A 73 -3.88 -3.83 9.22
CA ASN A 73 -2.51 -3.47 8.85
C ASN A 73 -2.49 -2.79 7.48
N THR A 74 -3.00 -3.49 6.47
CA THR A 74 -3.02 -2.96 5.12
C THR A 74 -3.40 -1.48 5.11
N GLU A 75 -4.44 -1.13 5.86
CA GLU A 75 -4.90 0.24 5.95
C GLU A 75 -3.84 1.13 6.60
N ALA A 76 -3.14 0.58 7.58
CA ALA A 76 -2.09 1.32 8.28
C ALA A 76 -0.89 1.58 7.37
N ALA A 77 -0.62 0.64 6.47
CA ALA A 77 0.49 0.78 5.55
C ALA A 77 0.10 1.61 4.34
N ARG A 78 -1.15 1.46 3.89
CA ARG A 78 -1.64 2.20 2.74
C ARG A 78 -1.70 3.70 3.04
N ASP A 79 -1.83 4.04 4.32
CA ASP A 79 -1.90 5.43 4.74
C ASP A 79 -0.60 6.17 4.41
N ALA A 80 0.52 5.45 4.50
CA ALA A 80 1.82 6.04 4.21
C ALA A 80 1.88 6.53 2.77
N ILE A 81 1.68 5.63 1.82
CA ILE A 81 1.71 5.97 0.40
C ILE A 81 1.11 7.36 0.16
N LEU A 82 0.04 7.67 0.89
CA LEU A 82 -0.63 8.96 0.76
C LEU A 82 0.12 10.04 1.53
N ARG A 83 0.42 9.75 2.79
CA ARG A 83 1.14 10.70 3.64
C ARG A 83 2.30 11.33 2.88
N ILE A 84 2.90 10.58 1.97
CA ILE A 84 4.02 11.07 1.18
C ILE A 84 3.53 11.94 0.02
N VAL A 85 2.74 11.34 -0.86
CA VAL A 85 2.20 12.06 -2.01
C VAL A 85 1.84 13.49 -1.66
N GLY A 86 1.34 13.68 -0.44
CA GLY A 86 0.97 15.01 0.01
C GLY A 86 2.15 15.95 0.08
N GLU A 87 3.27 15.45 0.60
CA GLU A 87 4.48 16.26 0.72
C GLU A 87 5.13 16.49 -0.64
N LEU A 88 5.22 15.43 -1.43
CA LEU A 88 5.81 15.51 -2.76
C LEU A 88 5.13 16.58 -3.60
N GLU A 89 3.83 16.75 -3.41
CA GLU A 89 3.06 17.74 -4.15
C GLU A 89 3.59 19.14 -3.86
N GLN A 90 3.71 19.49 -2.58
CA GLN A 90 4.19 20.80 -2.19
C GLN A 90 5.51 21.13 -2.88
N MET A 91 6.42 20.16 -2.90
CA MET A 91 7.73 20.35 -3.53
C MET A 91 7.55 20.88 -4.96
N SER A 92 8.66 21.31 -5.56
CA SER A 92 8.64 21.85 -6.92
C SER A 92 9.34 20.90 -7.88
N GLY A 93 8.65 20.57 -8.97
CA GLY A 93 9.23 19.67 -9.96
C GLY A 93 8.57 19.80 -11.32
N PRO A 94 7.33 19.33 -11.43
CA PRO A 94 6.55 19.38 -12.67
C PRO A 94 6.15 20.81 -13.04
N SER A 95 5.45 20.95 -14.16
CA SER A 95 4.99 22.25 -14.62
C SER A 95 3.48 22.26 -14.85
N SER A 96 2.92 21.08 -15.13
CA SER A 96 1.50 20.95 -15.37
C SER A 96 1.00 19.57 -14.94
N GLY A 97 -0.22 19.52 -14.44
CA GLY A 97 -0.80 18.26 -14.01
C GLY A 97 -2.28 18.17 -14.30
N GLY A 1 -25.50 -23.35 30.72
CA GLY A 1 -24.57 -23.56 29.62
C GLY A 1 -24.77 -22.55 28.51
N SER A 2 -23.81 -22.48 27.59
CA SER A 2 -23.87 -21.56 26.48
C SER A 2 -23.27 -22.16 25.21
N SER A 3 -23.52 -21.52 24.08
CA SER A 3 -23.00 -22.00 22.80
C SER A 3 -22.13 -20.95 22.13
N GLY A 4 -21.31 -21.38 21.17
CA GLY A 4 -20.44 -20.46 20.46
C GLY A 4 -20.77 -20.36 18.99
N SER A 5 -19.75 -20.10 18.18
CA SER A 5 -19.94 -19.98 16.73
C SER A 5 -18.97 -20.88 15.98
N SER A 6 -19.22 -21.05 14.68
CA SER A 6 -18.37 -21.90 13.85
C SER A 6 -16.90 -21.73 14.23
N GLY A 7 -16.49 -20.50 14.47
CA GLY A 7 -15.12 -20.22 14.84
C GLY A 7 -14.85 -18.74 15.06
N GLU A 8 -13.95 -18.44 15.99
CA GLU A 8 -13.62 -17.06 16.30
C GLU A 8 -12.51 -16.54 15.37
N GLN A 9 -11.36 -17.22 15.40
CA GLN A 9 -10.24 -16.83 14.56
C GLN A 9 -10.62 -16.87 13.09
N GLU A 10 -10.61 -15.70 12.45
CA GLU A 10 -10.95 -15.61 11.03
C GLU A 10 -9.81 -14.97 10.23
N ASP A 11 -8.59 -15.41 10.52
CA ASP A 11 -7.41 -14.88 9.83
C ASP A 11 -7.40 -15.32 8.36
N ARG A 12 -7.63 -16.61 8.14
CA ARG A 12 -7.63 -17.16 6.79
C ARG A 12 -8.25 -16.16 5.81
N ALA A 13 -9.23 -15.40 6.28
CA ALA A 13 -9.90 -14.42 5.44
C ALA A 13 -9.22 -13.06 5.53
N LEU A 14 -8.88 -12.65 6.75
CA LEU A 14 -8.21 -11.38 6.98
C LEU A 14 -6.98 -11.23 6.09
N ARG A 15 -6.13 -12.25 6.12
CA ARG A 15 -4.91 -12.24 5.31
C ARG A 15 -5.25 -12.20 3.82
N SER A 16 -6.47 -12.59 3.48
CA SER A 16 -6.92 -12.60 2.09
C SER A 16 -7.66 -11.32 1.75
N PHE A 17 -7.18 -10.19 2.28
CA PHE A 17 -7.80 -8.90 2.03
C PHE A 17 -6.96 -8.07 1.06
N LYS A 18 -7.56 -7.72 -0.08
CA LYS A 18 -6.85 -6.93 -1.09
C LYS A 18 -7.36 -5.48 -1.08
N LEU A 19 -6.43 -4.55 -0.91
CA LEU A 19 -6.78 -3.13 -0.89
C LEU A 19 -6.26 -2.42 -2.13
N SER A 20 -6.93 -1.35 -2.52
CA SER A 20 -6.53 -0.58 -3.70
C SER A 20 -6.36 0.90 -3.35
N VAL A 21 -5.13 1.39 -3.50
CA VAL A 21 -4.84 2.78 -3.20
C VAL A 21 -4.80 3.63 -4.48
N THR A 22 -5.49 4.75 -4.45
CA THR A 22 -5.54 5.65 -5.61
C THR A 22 -4.46 6.72 -5.51
N VAL A 23 -3.40 6.55 -6.29
CA VAL A 23 -2.30 7.51 -6.31
C VAL A 23 -1.61 7.54 -7.66
N ASP A 24 -1.43 8.73 -8.20
CA ASP A 24 -0.78 8.91 -9.50
C ASP A 24 0.49 8.07 -9.59
N PRO A 25 0.75 7.51 -10.78
CA PRO A 25 1.93 6.68 -11.02
C PRO A 25 3.23 7.48 -11.01
N LYS A 26 3.10 8.79 -10.87
CA LYS A 26 4.25 9.68 -10.83
C LYS A 26 5.01 9.53 -9.52
N TYR A 27 4.28 9.21 -8.46
CA TYR A 27 4.88 9.05 -7.14
C TYR A 27 5.18 7.58 -6.85
N HIS A 28 4.51 6.69 -7.59
CA HIS A 28 4.70 5.26 -7.41
C HIS A 28 6.18 4.92 -7.30
N PRO A 29 6.94 5.26 -8.35
CA PRO A 29 8.39 5.00 -8.39
C PRO A 29 9.16 5.88 -7.42
N LYS A 30 8.47 6.82 -6.78
CA LYS A 30 9.08 7.72 -5.82
C LYS A 30 8.92 7.20 -4.40
N ILE A 31 7.98 6.29 -4.21
CA ILE A 31 7.73 5.70 -2.91
C ILE A 31 8.60 4.48 -2.67
N ILE A 32 8.83 3.71 -3.74
CA ILE A 32 9.65 2.51 -3.64
C ILE A 32 11.04 2.82 -3.12
N GLY A 33 11.68 3.84 -3.68
CA GLY A 33 13.01 4.23 -3.25
C GLY A 33 14.07 3.90 -4.28
N ARG A 34 15.26 4.48 -4.10
CA ARG A 34 16.37 4.23 -5.03
C ARG A 34 16.33 2.81 -5.56
N LYS A 35 16.59 1.85 -4.66
CA LYS A 35 16.60 0.44 -5.05
C LYS A 35 15.32 -0.25 -4.59
N GLY A 36 14.77 0.20 -3.46
CA GLY A 36 13.55 -0.39 -2.95
C GLY A 36 13.64 -0.69 -1.46
N ALA A 37 14.36 0.14 -0.73
CA ALA A 37 14.54 -0.05 0.71
C ALA A 37 13.43 0.65 1.49
N VAL A 38 13.10 1.88 1.08
CA VAL A 38 12.07 2.65 1.73
C VAL A 38 10.79 1.84 1.89
N ILE A 39 10.31 1.28 0.78
CA ILE A 39 9.09 0.49 0.79
C ILE A 39 9.27 -0.77 1.65
N THR A 40 10.40 -1.43 1.49
CA THR A 40 10.69 -2.65 2.26
C THR A 40 10.46 -2.42 3.75
N GLN A 41 10.86 -1.26 4.24
CA GLN A 41 10.70 -0.92 5.65
C GLN A 41 9.22 -0.79 6.01
N ILE A 42 8.44 -0.19 5.11
CA ILE A 42 7.02 -0.02 5.33
C ILE A 42 6.29 -1.36 5.37
N ARG A 43 6.63 -2.23 4.43
CA ARG A 43 6.00 -3.55 4.36
C ARG A 43 6.16 -4.29 5.69
N LEU A 44 7.38 -4.38 6.19
CA LEU A 44 7.66 -5.05 7.44
C LEU A 44 6.98 -4.34 8.61
N GLU A 45 7.02 -3.01 8.57
CA GLU A 45 6.41 -2.21 9.63
C GLU A 45 4.98 -2.66 9.90
N HIS A 46 4.19 -2.75 8.84
CA HIS A 46 2.79 -3.17 8.96
C HIS A 46 2.64 -4.65 8.64
N ASP A 47 3.77 -5.33 8.43
CA ASP A 47 3.77 -6.75 8.12
C ASP A 47 2.78 -7.05 7.00
N VAL A 48 2.80 -6.23 5.95
CA VAL A 48 1.91 -6.41 4.82
C VAL A 48 2.69 -6.48 3.51
N ASN A 49 2.02 -6.90 2.44
CA ASN A 49 2.65 -7.00 1.14
C ASN A 49 2.17 -5.89 0.21
N ILE A 50 3.10 -5.03 -0.21
CA ILE A 50 2.78 -3.92 -1.10
C ILE A 50 3.38 -4.13 -2.48
N GLN A 51 2.53 -4.05 -3.50
CA GLN A 51 2.98 -4.24 -4.87
C GLN A 51 2.39 -3.15 -5.78
N PHE A 52 3.27 -2.51 -6.55
CA PHE A 52 2.84 -1.46 -7.46
C PHE A 52 2.65 -2.00 -8.88
N PRO A 53 1.75 -1.35 -9.64
CA PRO A 53 1.45 -1.75 -11.02
C PRO A 53 2.60 -1.47 -11.97
N ASP A 54 2.54 -2.06 -13.16
CA ASP A 54 3.58 -1.88 -14.16
C ASP A 54 3.03 -1.15 -15.39
N LYS A 55 3.82 -0.21 -15.90
CA LYS A 55 3.41 0.56 -17.08
C LYS A 55 3.42 -0.32 -18.33
N ASP A 56 4.38 -1.24 -18.40
CA ASP A 56 4.50 -2.13 -19.54
C ASP A 56 3.20 -2.90 -19.77
N ASP A 57 2.61 -3.38 -18.68
CA ASP A 57 1.35 -4.13 -18.76
C ASP A 57 0.27 -3.31 -19.44
N GLY A 58 -0.08 -2.18 -18.85
CA GLY A 58 -1.11 -1.32 -19.42
C GLY A 58 -2.50 -1.70 -18.97
N ASN A 59 -2.98 -2.85 -19.45
CA ASN A 59 -4.30 -3.33 -19.08
C ASN A 59 -4.60 -3.05 -17.61
N GLN A 60 -3.56 -3.10 -16.78
CA GLN A 60 -3.71 -2.87 -15.35
C GLN A 60 -3.51 -1.39 -15.03
N PRO A 61 -4.15 -0.93 -13.94
CA PRO A 61 -4.05 0.47 -13.50
C PRO A 61 -2.68 0.80 -12.94
N GLN A 62 -2.13 1.93 -13.39
CA GLN A 62 -0.81 2.36 -12.93
C GLN A 62 -0.93 3.30 -11.73
N ASP A 63 -2.14 3.81 -11.50
CA ASP A 63 -2.39 4.71 -10.39
C ASP A 63 -2.92 3.96 -9.18
N GLN A 64 -3.36 2.72 -9.40
CA GLN A 64 -3.90 1.90 -8.33
C GLN A 64 -2.81 0.99 -7.74
N ILE A 65 -2.74 0.95 -6.42
CA ILE A 65 -1.75 0.13 -5.74
C ILE A 65 -2.41 -1.06 -5.05
N THR A 66 -1.85 -2.25 -5.27
CA THR A 66 -2.37 -3.46 -4.68
C THR A 66 -1.63 -3.82 -3.39
N ILE A 67 -2.38 -4.00 -2.31
CA ILE A 67 -1.80 -4.34 -1.02
C ILE A 67 -2.55 -5.49 -0.36
N THR A 68 -1.80 -6.51 0.07
CA THR A 68 -2.40 -7.67 0.72
C THR A 68 -2.04 -7.72 2.20
N GLY A 69 -2.90 -8.33 2.99
CA GLY A 69 -2.65 -8.44 4.42
C GLY A 69 -3.91 -8.21 5.25
N TYR A 70 -3.73 -8.12 6.56
CA TYR A 70 -4.86 -7.90 7.46
C TYR A 70 -5.58 -6.60 7.13
N GLU A 71 -6.88 -6.71 6.88
CA GLU A 71 -7.69 -5.53 6.54
C GLU A 71 -7.27 -4.33 7.38
N LYS A 72 -6.76 -4.59 8.57
CA LYS A 72 -6.31 -3.53 9.47
C LYS A 72 -4.89 -3.09 9.13
N ASN A 73 -3.95 -4.02 9.26
CA ASN A 73 -2.55 -3.72 8.95
C ASN A 73 -2.42 -3.00 7.61
N THR A 74 -3.18 -3.46 6.62
CA THR A 74 -3.15 -2.87 5.30
C THR A 74 -3.33 -1.34 5.37
N GLU A 75 -4.47 -0.91 5.89
CA GLU A 75 -4.76 0.51 6.01
C GLU A 75 -3.53 1.28 6.51
N ALA A 76 -3.05 0.89 7.70
CA ALA A 76 -1.89 1.53 8.29
C ALA A 76 -0.76 1.68 7.27
N ALA A 77 -0.68 0.73 6.35
CA ALA A 77 0.35 0.75 5.31
C ALA A 77 -0.04 1.68 4.17
N ARG A 78 -1.30 1.58 3.75
CA ARG A 78 -1.81 2.40 2.65
C ARG A 78 -1.90 3.86 3.07
N ASP A 79 -1.96 4.09 4.38
CA ASP A 79 -2.05 5.45 4.91
C ASP A 79 -0.73 6.19 4.75
N ALA A 80 0.35 5.43 4.58
CA ALA A 80 1.68 6.01 4.41
C ALA A 80 1.88 6.53 2.99
N ILE A 81 1.58 5.67 2.01
CA ILE A 81 1.72 6.05 0.61
C ILE A 81 1.11 7.41 0.33
N LEU A 82 0.02 7.72 1.03
CA LEU A 82 -0.65 9.01 0.85
C LEU A 82 0.09 10.11 1.61
N ARG A 83 0.22 9.94 2.92
CA ARG A 83 0.91 10.93 3.74
C ARG A 83 2.10 11.53 3.01
N ILE A 84 2.69 10.74 2.10
CA ILE A 84 3.84 11.20 1.32
C ILE A 84 3.40 12.02 0.12
N VAL A 85 2.67 11.38 -0.79
CA VAL A 85 2.18 12.07 -1.98
C VAL A 85 1.85 13.52 -1.69
N GLY A 86 1.32 13.78 -0.49
CA GLY A 86 0.97 15.13 -0.11
C GLY A 86 2.18 16.06 -0.09
N GLU A 87 3.21 15.66 0.64
CA GLU A 87 4.42 16.47 0.75
C GLU A 87 5.12 16.58 -0.61
N LEU A 88 5.12 15.48 -1.35
CA LEU A 88 5.76 15.46 -2.67
C LEU A 88 5.13 16.49 -3.60
N GLU A 89 3.80 16.47 -3.69
CA GLU A 89 3.09 17.41 -4.54
C GLU A 89 3.56 18.84 -4.29
N GLN A 90 3.71 19.19 -3.02
CA GLN A 90 4.15 20.53 -2.64
C GLN A 90 5.54 20.82 -3.19
N MET A 91 6.48 19.92 -2.92
CA MET A 91 7.85 20.08 -3.39
C MET A 91 7.89 20.27 -4.90
N SER A 92 8.66 21.25 -5.35
CA SER A 92 8.79 21.53 -6.78
C SER A 92 10.21 21.26 -7.27
N GLY A 93 10.40 21.35 -8.58
CA GLY A 93 11.70 21.10 -9.16
C GLY A 93 11.71 21.23 -10.67
N PRO A 94 12.67 20.57 -11.32
CA PRO A 94 12.81 20.60 -12.78
C PRO A 94 11.70 19.82 -13.48
N SER A 95 10.76 19.30 -12.68
CA SER A 95 9.64 18.54 -13.23
C SER A 95 8.97 19.29 -14.37
N SER A 96 8.85 20.61 -14.21
CA SER A 96 8.23 21.45 -15.23
C SER A 96 9.08 21.50 -16.49
N GLY A 97 8.64 20.79 -17.52
CA GLY A 97 9.38 20.78 -18.78
C GLY A 97 9.43 22.14 -19.44
N GLY A 1 -6.33 -17.18 36.87
CA GLY A 1 -7.66 -17.74 36.67
C GLY A 1 -7.60 -19.18 36.19
N SER A 2 -8.77 -19.81 36.13
CA SER A 2 -8.86 -21.20 35.68
C SER A 2 -9.75 -21.33 34.45
N SER A 3 -9.16 -21.22 33.27
CA SER A 3 -9.91 -21.30 32.02
C SER A 3 -8.98 -21.66 30.85
N GLY A 4 -9.56 -22.23 29.80
CA GLY A 4 -8.78 -22.59 28.64
C GLY A 4 -9.62 -22.73 27.39
N SER A 5 -9.81 -21.62 26.68
CA SER A 5 -10.61 -21.63 25.46
C SER A 5 -10.31 -20.40 24.61
N SER A 6 -9.90 -20.63 23.36
CA SER A 6 -9.58 -19.54 22.45
C SER A 6 -10.73 -19.28 21.49
N GLY A 7 -11.27 -20.36 20.91
CA GLY A 7 -12.37 -20.22 19.97
C GLY A 7 -11.91 -20.25 18.53
N GLU A 8 -12.77 -19.79 17.63
CA GLU A 8 -12.44 -19.77 16.21
C GLU A 8 -11.96 -18.39 15.77
N GLN A 9 -11.16 -18.35 14.71
CA GLN A 9 -10.64 -17.09 14.20
C GLN A 9 -10.53 -17.12 12.68
N GLU A 10 -11.28 -16.24 12.02
CA GLU A 10 -11.27 -16.17 10.56
C GLU A 10 -10.08 -15.34 10.07
N ASP A 11 -8.93 -16.00 9.94
CA ASP A 11 -7.72 -15.33 9.48
C ASP A 11 -7.54 -15.50 7.98
N ARG A 12 -7.63 -16.75 7.52
CA ARG A 12 -7.47 -17.06 6.10
C ARG A 12 -8.13 -15.99 5.24
N ALA A 13 -9.26 -15.47 5.72
CA ALA A 13 -9.99 -14.44 4.99
C ALA A 13 -9.32 -13.07 5.16
N LEU A 14 -9.09 -12.70 6.42
CA LEU A 14 -8.46 -11.41 6.72
C LEU A 14 -7.16 -11.24 5.92
N ARG A 15 -6.31 -12.25 5.96
CA ARG A 15 -5.04 -12.21 5.25
C ARG A 15 -5.26 -12.06 3.75
N SER A 16 -6.38 -12.57 3.27
CA SER A 16 -6.72 -12.50 1.85
C SER A 16 -7.43 -11.19 1.53
N PHE A 17 -7.03 -10.12 2.21
CA PHE A 17 -7.62 -8.81 2.00
C PHE A 17 -6.80 -7.98 1.01
N LYS A 18 -7.42 -7.58 -0.09
CA LYS A 18 -6.75 -6.79 -1.10
C LYS A 18 -7.25 -5.35 -1.10
N LEU A 19 -6.34 -4.41 -0.91
CA LEU A 19 -6.70 -2.99 -0.89
C LEU A 19 -6.14 -2.27 -2.12
N SER A 20 -6.81 -1.20 -2.51
CA SER A 20 -6.40 -0.42 -3.68
C SER A 20 -6.20 1.05 -3.30
N VAL A 21 -4.97 1.52 -3.44
CA VAL A 21 -4.64 2.91 -3.12
C VAL A 21 -4.55 3.76 -4.38
N THR A 22 -5.39 4.78 -4.47
CA THR A 22 -5.41 5.67 -5.62
C THR A 22 -4.29 6.71 -5.53
N VAL A 23 -3.30 6.59 -6.40
CA VAL A 23 -2.18 7.52 -6.43
C VAL A 23 -1.49 7.52 -7.78
N ASP A 24 -1.41 8.68 -8.41
CA ASP A 24 -0.77 8.82 -9.72
C ASP A 24 0.47 7.92 -9.80
N PRO A 25 0.72 7.37 -11.00
CA PRO A 25 1.87 6.50 -11.24
C PRO A 25 3.20 7.25 -11.19
N LYS A 26 3.12 8.56 -10.97
CA LYS A 26 4.32 9.40 -10.90
C LYS A 26 5.04 9.20 -9.57
N TYR A 27 4.27 9.19 -8.48
CA TYR A 27 4.84 9.01 -7.14
C TYR A 27 5.10 7.54 -6.86
N HIS A 28 4.45 6.67 -7.64
CA HIS A 28 4.60 5.23 -7.45
C HIS A 28 6.08 4.85 -7.32
N PRO A 29 6.87 5.17 -8.35
CA PRO A 29 8.31 4.88 -8.37
C PRO A 29 9.08 5.73 -7.37
N LYS A 30 8.41 6.72 -6.80
CA LYS A 30 9.03 7.61 -5.84
C LYS A 30 8.94 7.04 -4.42
N ILE A 31 7.87 6.31 -4.15
CA ILE A 31 7.66 5.70 -2.84
C ILE A 31 8.56 4.49 -2.64
N ILE A 32 8.65 3.66 -3.68
CA ILE A 32 9.48 2.47 -3.62
C ILE A 32 10.85 2.77 -3.03
N GLY A 33 11.47 3.85 -3.50
CA GLY A 33 12.77 4.23 -2.99
C GLY A 33 13.89 3.95 -3.98
N ARG A 34 15.02 4.63 -3.81
CA ARG A 34 16.16 4.44 -4.70
C ARG A 34 16.30 2.98 -5.10
N LYS A 35 16.56 2.12 -4.13
CA LYS A 35 16.71 0.70 -4.39
C LYS A 35 15.44 -0.06 -4.04
N GLY A 36 14.73 0.42 -3.02
CA GLY A 36 13.50 -0.23 -2.61
C GLY A 36 13.49 -0.55 -1.12
N ALA A 37 14.12 0.31 -0.32
CA ALA A 37 14.18 0.12 1.12
C ALA A 37 13.01 0.81 1.80
N VAL A 38 12.77 2.07 1.44
CA VAL A 38 11.68 2.84 2.03
C VAL A 38 10.40 2.00 2.13
N ILE A 39 9.97 1.47 0.99
CA ILE A 39 8.76 0.64 0.96
C ILE A 39 8.90 -0.58 1.85
N THR A 40 10.08 -1.18 1.85
CA THR A 40 10.34 -2.36 2.66
C THR A 40 10.09 -2.08 4.13
N GLN A 41 10.76 -1.05 4.66
CA GLN A 41 10.61 -0.68 6.06
C GLN A 41 9.13 -0.60 6.44
N ILE A 42 8.34 0.05 5.60
CA ILE A 42 6.92 0.21 5.84
C ILE A 42 6.20 -1.13 5.78
N ARG A 43 6.49 -1.91 4.74
CA ARG A 43 5.88 -3.21 4.56
C ARG A 43 6.12 -4.10 5.78
N LEU A 44 7.37 -4.15 6.23
CA LEU A 44 7.73 -4.96 7.38
C LEU A 44 7.08 -4.43 8.64
N GLU A 45 7.06 -3.10 8.79
CA GLU A 45 6.46 -2.47 9.95
C GLU A 45 5.05 -2.97 10.18
N HIS A 46 4.21 -2.85 9.15
CA HIS A 46 2.82 -3.30 9.24
C HIS A 46 2.69 -4.78 8.88
N ASP A 47 3.78 -5.34 8.35
CA ASP A 47 3.79 -6.74 7.96
C ASP A 47 2.79 -7.01 6.84
N VAL A 48 2.85 -6.20 5.80
CA VAL A 48 1.95 -6.33 4.66
C VAL A 48 2.72 -6.42 3.34
N ASN A 49 2.00 -6.67 2.26
CA ASN A 49 2.63 -6.77 0.94
C ASN A 49 2.12 -5.67 0.01
N ILE A 50 3.03 -4.79 -0.41
CA ILE A 50 2.67 -3.69 -1.30
C ILE A 50 3.22 -3.93 -2.70
N GLN A 51 2.31 -4.13 -3.66
CA GLN A 51 2.70 -4.36 -5.04
C GLN A 51 2.13 -3.28 -5.95
N PHE A 52 3.02 -2.60 -6.68
CA PHE A 52 2.61 -1.54 -7.59
C PHE A 52 2.32 -2.10 -8.99
N PRO A 53 1.44 -1.41 -9.73
CA PRO A 53 1.06 -1.82 -11.09
C PRO A 53 2.20 -1.65 -12.08
N ASP A 54 2.14 -2.38 -13.18
CA ASP A 54 3.17 -2.31 -14.21
C ASP A 54 2.62 -1.65 -15.48
N LYS A 55 3.38 -0.71 -16.02
CA LYS A 55 2.97 0.00 -17.24
C LYS A 55 2.99 -0.94 -18.44
N ASP A 56 3.89 -1.91 -18.41
CA ASP A 56 4.01 -2.87 -19.50
C ASP A 56 2.67 -3.55 -19.79
N ASP A 57 1.95 -3.89 -18.72
CA ASP A 57 0.64 -4.54 -18.86
C ASP A 57 -0.35 -3.63 -19.56
N GLY A 58 -0.71 -2.52 -18.90
CA GLY A 58 -1.65 -1.59 -19.48
C GLY A 58 -3.06 -1.80 -18.97
N ASN A 59 -3.69 -2.89 -19.40
CA ASN A 59 -5.04 -3.21 -18.99
C ASN A 59 -5.27 -2.86 -17.52
N GLN A 60 -4.28 -3.17 -16.69
CA GLN A 60 -4.36 -2.88 -15.26
C GLN A 60 -4.05 -1.41 -14.97
N PRO A 61 -4.63 -0.88 -13.89
CA PRO A 61 -4.42 0.51 -13.48
C PRO A 61 -3.00 0.76 -12.98
N GLN A 62 -2.40 1.85 -13.46
CA GLN A 62 -1.05 2.21 -13.05
C GLN A 62 -1.07 3.14 -11.85
N ASP A 63 -2.21 3.80 -11.63
CA ASP A 63 -2.35 4.73 -10.51
C ASP A 63 -2.85 4.00 -9.27
N GLN A 64 -3.38 2.79 -9.46
CA GLN A 64 -3.90 2.00 -8.35
C GLN A 64 -2.81 1.10 -7.77
N ILE A 65 -2.69 1.11 -6.44
CA ILE A 65 -1.69 0.29 -5.77
C ILE A 65 -2.34 -0.88 -5.04
N THR A 66 -1.86 -2.08 -5.33
CA THR A 66 -2.39 -3.29 -4.71
C THR A 66 -1.63 -3.63 -3.43
N ILE A 67 -2.37 -3.87 -2.35
CA ILE A 67 -1.76 -4.20 -1.06
C ILE A 67 -2.50 -5.35 -0.39
N THR A 68 -1.76 -6.41 -0.07
CA THR A 68 -2.34 -7.58 0.58
C THR A 68 -1.98 -7.62 2.06
N GLY A 69 -2.83 -8.26 2.84
CA GLY A 69 -2.59 -8.36 4.27
C GLY A 69 -3.82 -8.06 5.10
N TYR A 70 -3.71 -8.24 6.41
CA TYR A 70 -4.84 -8.00 7.31
C TYR A 70 -5.49 -6.65 7.02
N GLU A 71 -6.82 -6.65 7.01
CA GLU A 71 -7.57 -5.42 6.74
C GLU A 71 -7.06 -4.27 7.60
N LYS A 72 -6.41 -4.60 8.70
CA LYS A 72 -5.87 -3.59 9.61
C LYS A 72 -4.44 -3.22 9.22
N ASN A 73 -3.58 -4.23 9.11
CA ASN A 73 -2.19 -4.01 8.75
C ASN A 73 -2.08 -3.27 7.42
N THR A 74 -3.02 -3.55 6.52
CA THR A 74 -3.03 -2.92 5.21
C THR A 74 -3.29 -1.42 5.33
N GLU A 75 -4.47 -1.07 5.82
CA GLU A 75 -4.84 0.34 5.99
C GLU A 75 -3.71 1.13 6.63
N ALA A 76 -3.02 0.49 7.58
CA ALA A 76 -1.91 1.15 8.27
C ALA A 76 -0.77 1.46 7.30
N ALA A 77 -0.60 0.61 6.29
CA ALA A 77 0.45 0.79 5.30
C ALA A 77 0.00 1.75 4.21
N ARG A 78 -1.21 1.54 3.70
CA ARG A 78 -1.76 2.38 2.65
C ARG A 78 -1.78 3.84 3.07
N ASP A 79 -1.79 4.08 4.38
CA ASP A 79 -1.80 5.43 4.91
C ASP A 79 -0.49 6.16 4.59
N ALA A 80 0.61 5.42 4.57
CA ALA A 80 1.91 5.99 4.27
C ALA A 80 1.99 6.47 2.82
N ILE A 81 1.72 5.56 1.89
CA ILE A 81 1.76 5.89 0.47
C ILE A 81 1.14 7.26 0.21
N LEU A 82 0.08 7.57 0.94
CA LEU A 82 -0.61 8.85 0.80
C LEU A 82 0.12 9.95 1.57
N ARG A 83 0.45 9.66 2.83
CA ARG A 83 1.14 10.62 3.66
C ARG A 83 2.30 11.27 2.91
N ILE A 84 2.85 10.56 1.94
CA ILE A 84 3.95 11.08 1.15
C ILE A 84 3.45 11.95 0.01
N VAL A 85 2.69 11.35 -0.90
CA VAL A 85 2.14 12.07 -2.04
C VAL A 85 1.80 13.51 -1.67
N GLY A 86 1.21 13.68 -0.49
CA GLY A 86 0.85 15.01 -0.03
C GLY A 86 2.03 15.96 0.00
N GLU A 87 3.14 15.50 0.55
CA GLU A 87 4.34 16.32 0.64
C GLU A 87 4.99 16.49 -0.73
N LEU A 88 5.11 15.39 -1.46
CA LEU A 88 5.70 15.43 -2.79
C LEU A 88 5.08 16.53 -3.65
N GLU A 89 3.77 16.70 -3.52
CA GLU A 89 3.05 17.73 -4.27
C GLU A 89 3.61 19.11 -3.97
N GLN A 90 3.52 19.52 -2.70
CA GLN A 90 4.02 20.83 -2.29
C GLN A 90 5.52 20.78 -2.05
N MET A 91 6.25 20.13 -2.95
CA MET A 91 7.70 20.02 -2.84
C MET A 91 8.38 21.24 -3.44
N SER A 92 7.86 21.72 -4.56
CA SER A 92 8.43 22.87 -5.24
C SER A 92 8.61 24.04 -4.27
N GLY A 93 9.56 24.92 -4.59
CA GLY A 93 9.82 26.06 -3.73
C GLY A 93 9.56 27.38 -4.43
N PRO A 94 10.57 27.89 -5.13
CA PRO A 94 10.47 29.16 -5.86
C PRO A 94 9.56 29.06 -7.08
N SER A 95 9.04 30.21 -7.52
CA SER A 95 8.16 30.25 -8.67
C SER A 95 7.99 31.68 -9.18
N SER A 96 7.89 31.82 -10.50
CA SER A 96 7.72 33.13 -11.11
C SER A 96 6.25 33.46 -11.32
N GLY A 97 5.78 34.52 -10.66
CA GLY A 97 4.40 34.91 -10.78
C GLY A 97 4.22 36.13 -11.68
N GLY A 1 -21.74 -37.27 11.95
CA GLY A 1 -21.77 -37.30 13.41
C GLY A 1 -22.11 -35.94 14.00
N SER A 2 -21.72 -35.74 15.25
CA SER A 2 -21.99 -34.48 15.93
C SER A 2 -20.71 -33.69 16.14
N SER A 3 -20.72 -32.42 15.71
CA SER A 3 -19.55 -31.57 15.84
C SER A 3 -19.22 -31.32 17.31
N GLY A 4 -18.32 -32.12 17.85
CA GLY A 4 -17.93 -31.97 19.24
C GLY A 4 -16.71 -31.07 19.41
N SER A 5 -16.74 -29.92 18.74
CA SER A 5 -15.63 -28.97 18.81
C SER A 5 -16.15 -27.54 18.81
N SER A 6 -15.27 -26.60 19.13
CA SER A 6 -15.63 -25.18 19.16
C SER A 6 -14.40 -24.30 19.02
N GLY A 7 -14.43 -23.39 18.05
CA GLY A 7 -13.31 -22.50 17.84
C GLY A 7 -13.09 -22.18 16.37
N GLU A 8 -13.83 -21.19 15.87
CA GLU A 8 -13.72 -20.79 14.47
C GLU A 8 -12.75 -19.62 14.31
N GLN A 9 -12.19 -19.47 13.12
CA GLN A 9 -11.25 -18.39 12.84
C GLN A 9 -11.31 -17.99 11.37
N GLU A 10 -11.89 -16.82 11.10
CA GLU A 10 -12.01 -16.31 9.74
C GLU A 10 -10.74 -15.59 9.31
N ASP A 11 -9.59 -16.22 9.58
CA ASP A 11 -8.31 -15.63 9.23
C ASP A 11 -7.98 -15.89 7.76
N ARG A 12 -8.24 -17.10 7.31
CA ARG A 12 -7.97 -17.48 5.92
C ARG A 12 -8.50 -16.42 4.97
N ALA A 13 -9.55 -15.71 5.39
CA ALA A 13 -10.14 -14.67 4.56
C ALA A 13 -9.51 -13.31 4.85
N LEU A 14 -9.34 -13.00 6.13
CA LEU A 14 -8.75 -11.73 6.54
C LEU A 14 -7.41 -11.52 5.86
N ARG A 15 -6.57 -12.55 5.88
CA ARG A 15 -5.25 -12.48 5.27
C ARG A 15 -5.36 -12.28 3.75
N SER A 16 -6.43 -12.80 3.17
CA SER A 16 -6.66 -12.68 1.73
C SER A 16 -7.35 -11.36 1.40
N PHE A 17 -7.02 -10.32 2.16
CA PHE A 17 -7.60 -9.00 1.94
C PHE A 17 -6.77 -8.19 0.95
N LYS A 18 -7.40 -7.71 -0.11
CA LYS A 18 -6.71 -6.92 -1.12
C LYS A 18 -7.19 -5.47 -1.09
N LEU A 19 -6.24 -4.55 -0.99
CA LEU A 19 -6.56 -3.13 -0.96
C LEU A 19 -6.04 -2.42 -2.20
N SER A 20 -6.66 -1.29 -2.54
CA SER A 20 -6.27 -0.52 -3.71
C SER A 20 -6.10 0.95 -3.36
N VAL A 21 -4.88 1.46 -3.48
CA VAL A 21 -4.59 2.86 -3.18
C VAL A 21 -4.60 3.71 -4.45
N THR A 22 -5.40 4.76 -4.44
CA THR A 22 -5.50 5.65 -5.59
C THR A 22 -4.47 6.77 -5.51
N VAL A 23 -3.39 6.63 -6.28
CA VAL A 23 -2.33 7.63 -6.30
C VAL A 23 -1.65 7.67 -7.66
N ASP A 24 -1.52 8.88 -8.21
CA ASP A 24 -0.88 9.06 -9.51
C ASP A 24 0.37 8.19 -9.62
N PRO A 25 0.59 7.62 -10.82
CA PRO A 25 1.76 6.77 -11.09
C PRO A 25 3.06 7.55 -11.11
N LYS A 26 2.97 8.85 -10.84
CA LYS A 26 4.15 9.71 -10.82
C LYS A 26 4.93 9.53 -9.52
N TYR A 27 4.21 9.29 -8.43
CA TYR A 27 4.84 9.10 -7.13
C TYR A 27 5.13 7.63 -6.87
N HIS A 28 4.46 6.77 -7.63
CA HIS A 28 4.65 5.32 -7.48
C HIS A 28 6.13 4.97 -7.38
N PRO A 29 6.90 5.32 -8.42
CA PRO A 29 8.34 5.06 -8.47
C PRO A 29 9.12 5.91 -7.47
N LYS A 30 8.43 6.84 -6.82
CA LYS A 30 9.05 7.74 -5.85
C LYS A 30 8.91 7.17 -4.44
N ILE A 31 7.86 6.38 -4.22
CA ILE A 31 7.63 5.78 -2.91
C ILE A 31 8.48 4.54 -2.71
N ILE A 32 8.54 3.70 -3.74
CA ILE A 32 9.33 2.47 -3.67
C ILE A 32 10.66 2.71 -2.98
N GLY A 33 11.39 3.71 -3.46
CA GLY A 33 12.69 4.03 -2.87
C GLY A 33 13.82 3.92 -3.86
N ARG A 34 14.77 4.84 -3.79
CA ARG A 34 15.91 4.84 -4.69
C ARG A 34 16.57 3.45 -4.75
N LYS A 35 16.63 2.80 -3.60
CA LYS A 35 17.22 1.47 -3.51
C LYS A 35 16.15 0.40 -3.32
N GLY A 36 15.07 0.77 -2.63
CA GLY A 36 13.99 -0.17 -2.38
C GLY A 36 13.84 -0.51 -0.91
N ALA A 37 14.72 0.04 -0.08
CA ALA A 37 14.69 -0.22 1.35
C ALA A 37 13.56 0.56 2.02
N VAL A 38 13.00 1.51 1.29
CA VAL A 38 11.91 2.34 1.81
C VAL A 38 10.62 1.53 1.92
N ILE A 39 10.04 1.20 0.77
CA ILE A 39 8.80 0.43 0.74
C ILE A 39 8.93 -0.86 1.54
N THR A 40 10.12 -1.47 1.47
CA THR A 40 10.38 -2.71 2.19
C THR A 40 10.22 -2.52 3.70
N GLN A 41 10.78 -1.44 4.21
CA GLN A 41 10.70 -1.14 5.63
C GLN A 41 9.26 -1.04 6.09
N ILE A 42 8.48 -0.22 5.40
CA ILE A 42 7.06 -0.04 5.73
C ILE A 42 6.33 -1.38 5.78
N ARG A 43 6.47 -2.16 4.71
CA ARG A 43 5.83 -3.47 4.63
C ARG A 43 6.07 -4.27 5.91
N LEU A 44 7.34 -4.51 6.22
CA LEU A 44 7.69 -5.26 7.42
C LEU A 44 7.09 -4.63 8.67
N GLU A 45 7.16 -3.30 8.74
CA GLU A 45 6.64 -2.57 9.88
C GLU A 45 5.17 -2.92 10.12
N HIS A 46 4.37 -2.89 9.06
CA HIS A 46 2.95 -3.21 9.15
C HIS A 46 2.70 -4.66 8.75
N ASP A 47 3.77 -5.45 8.68
CA ASP A 47 3.65 -6.85 8.31
C ASP A 47 2.66 -7.04 7.18
N VAL A 48 2.84 -6.29 6.10
CA VAL A 48 1.96 -6.37 4.95
C VAL A 48 2.75 -6.55 3.66
N ASN A 49 2.03 -6.70 2.55
CA ASN A 49 2.67 -6.87 1.24
C ASN A 49 2.20 -5.80 0.27
N ILE A 50 3.14 -5.02 -0.26
CA ILE A 50 2.82 -3.97 -1.21
C ILE A 50 3.32 -4.32 -2.60
N GLN A 51 2.46 -4.14 -3.60
CA GLN A 51 2.80 -4.43 -4.99
C GLN A 51 2.28 -3.36 -5.92
N PHE A 52 3.19 -2.65 -6.58
CA PHE A 52 2.82 -1.59 -7.51
C PHE A 52 2.56 -2.16 -8.90
N PRO A 53 1.70 -1.47 -9.66
CA PRO A 53 1.35 -1.88 -11.03
C PRO A 53 2.50 -1.70 -12.00
N ASP A 54 2.42 -2.37 -13.14
CA ASP A 54 3.46 -2.28 -14.16
C ASP A 54 3.06 -1.31 -15.27
N LYS A 55 3.86 -0.27 -15.44
CA LYS A 55 3.59 0.74 -16.45
C LYS A 55 3.91 0.21 -17.85
N ASP A 56 4.80 -0.78 -17.90
CA ASP A 56 5.19 -1.38 -19.17
C ASP A 56 4.08 -2.24 -19.75
N ASP A 57 3.15 -2.65 -18.88
CA ASP A 57 2.03 -3.48 -19.30
C ASP A 57 0.87 -2.61 -19.81
N GLY A 58 0.25 -1.88 -18.89
CA GLY A 58 -0.87 -1.02 -19.25
C GLY A 58 -2.21 -1.64 -18.91
N ASN A 59 -2.30 -2.96 -19.02
CA ASN A 59 -3.54 -3.66 -18.73
C ASN A 59 -4.02 -3.37 -17.31
N GLN A 60 -3.06 -3.18 -16.40
CA GLN A 60 -3.38 -2.89 -15.01
C GLN A 60 -3.28 -1.39 -14.74
N PRO A 61 -4.01 -0.93 -13.71
CA PRO A 61 -4.02 0.48 -13.31
C PRO A 61 -2.69 0.91 -12.69
N GLN A 62 -2.03 1.87 -13.34
CA GLN A 62 -0.75 2.37 -12.85
C GLN A 62 -0.95 3.36 -11.71
N ASP A 63 -2.18 3.85 -11.57
CA ASP A 63 -2.51 4.80 -10.51
C ASP A 63 -2.97 4.06 -9.25
N GLN A 64 -3.32 2.80 -9.40
CA GLN A 64 -3.79 1.99 -8.28
C GLN A 64 -2.65 1.13 -7.72
N ILE A 65 -2.65 0.96 -6.41
CA ILE A 65 -1.62 0.16 -5.74
C ILE A 65 -2.24 -0.97 -4.93
N THR A 66 -1.89 -2.20 -5.30
CA THR A 66 -2.41 -3.37 -4.61
C THR A 66 -1.61 -3.65 -3.33
N ILE A 67 -2.33 -3.98 -2.26
CA ILE A 67 -1.69 -4.28 -0.98
C ILE A 67 -2.43 -5.40 -0.25
N THR A 68 -1.73 -6.49 -0.01
CA THR A 68 -2.30 -7.64 0.69
C THR A 68 -1.93 -7.64 2.15
N GLY A 69 -2.79 -8.21 2.99
CA GLY A 69 -2.53 -8.27 4.42
C GLY A 69 -3.79 -8.03 5.25
N TYR A 70 -3.63 -8.06 6.56
CA TYR A 70 -4.75 -7.85 7.47
C TYR A 70 -5.46 -6.54 7.18
N GLU A 71 -6.76 -6.62 6.91
CA GLU A 71 -7.55 -5.42 6.61
C GLU A 71 -7.12 -4.26 7.49
N LYS A 72 -6.63 -4.57 8.68
CA LYS A 72 -6.19 -3.54 9.62
C LYS A 72 -4.80 -3.03 9.26
N ASN A 73 -3.81 -3.92 9.27
CA ASN A 73 -2.45 -3.56 8.94
C ASN A 73 -2.38 -2.86 7.58
N THR A 74 -2.91 -3.52 6.56
CA THR A 74 -2.91 -2.96 5.21
C THR A 74 -3.25 -1.47 5.23
N GLU A 75 -4.41 -1.14 5.80
CA GLU A 75 -4.84 0.25 5.89
C GLU A 75 -3.77 1.12 6.51
N ALA A 76 -3.08 0.58 7.52
CA ALA A 76 -2.02 1.30 8.20
C ALA A 76 -0.89 1.66 7.24
N ALA A 77 -0.57 0.73 6.34
CA ALA A 77 0.49 0.94 5.38
C ALA A 77 0.02 1.85 4.24
N ARG A 78 -1.16 1.56 3.70
CA ARG A 78 -1.71 2.35 2.62
C ARG A 78 -1.77 3.83 2.99
N ASP A 79 -1.81 4.11 4.29
CA ASP A 79 -1.88 5.48 4.78
C ASP A 79 -0.57 6.22 4.48
N ALA A 80 0.53 5.48 4.44
CA ALA A 80 1.84 6.06 4.17
C ALA A 80 1.92 6.58 2.74
N ILE A 81 1.55 5.72 1.78
CA ILE A 81 1.58 6.10 0.37
C ILE A 81 0.98 7.48 0.15
N LEU A 82 0.01 7.83 0.99
CA LEU A 82 -0.65 9.13 0.88
C LEU A 82 0.12 10.19 1.65
N ARG A 83 0.30 9.97 2.94
CA ARG A 83 1.03 10.90 3.79
C ARG A 83 2.22 11.49 3.06
N ILE A 84 2.79 10.72 2.13
CA ILE A 84 3.94 11.15 1.35
C ILE A 84 3.50 12.03 0.19
N VAL A 85 2.81 11.41 -0.78
CA VAL A 85 2.34 12.14 -1.96
C VAL A 85 1.96 13.57 -1.61
N GLY A 86 1.23 13.74 -0.51
CA GLY A 86 0.82 15.06 -0.09
C GLY A 86 1.95 16.06 -0.10
N GLU A 87 3.07 15.69 0.51
CA GLU A 87 4.24 16.56 0.57
C GLU A 87 4.90 16.68 -0.80
N LEU A 88 5.05 15.55 -1.48
CA LEU A 88 5.67 15.52 -2.80
C LEU A 88 5.06 16.59 -3.70
N GLU A 89 3.75 16.56 -3.86
CA GLU A 89 3.06 17.54 -4.70
C GLU A 89 3.64 18.93 -4.50
N GLN A 90 3.90 19.28 -3.24
CA GLN A 90 4.44 20.59 -2.91
C GLN A 90 5.80 20.79 -3.59
N MET A 91 6.74 19.89 -3.34
CA MET A 91 8.06 19.97 -3.94
C MET A 91 7.97 20.40 -5.40
N SER A 92 7.38 19.55 -6.23
CA SER A 92 7.24 19.85 -7.65
C SER A 92 5.84 20.39 -7.96
N GLY A 93 5.45 21.43 -7.23
CA GLY A 93 4.14 22.03 -7.43
C GLY A 93 4.17 23.53 -7.27
N PRO A 94 3.10 24.20 -7.75
CA PRO A 94 2.98 25.66 -7.67
C PRO A 94 2.76 26.14 -6.24
N SER A 95 2.69 25.19 -5.31
CA SER A 95 2.48 25.53 -3.90
C SER A 95 1.28 26.47 -3.74
N SER A 96 0.16 26.11 -4.36
CA SER A 96 -1.03 26.93 -4.30
C SER A 96 -2.09 26.28 -3.40
N GLY A 97 -2.13 24.95 -3.42
CA GLY A 97 -3.09 24.22 -2.61
C GLY A 97 -2.62 22.82 -2.29
N GLY A 1 -14.34 -21.41 36.01
CA GLY A 1 -14.14 -20.36 35.04
C GLY A 1 -13.34 -20.82 33.84
N SER A 2 -13.59 -20.19 32.69
CA SER A 2 -12.89 -20.55 31.45
C SER A 2 -12.42 -19.31 30.72
N SER A 3 -11.58 -19.50 29.71
CA SER A 3 -11.06 -18.40 28.92
C SER A 3 -11.68 -18.39 27.52
N GLY A 4 -12.98 -18.62 27.45
CA GLY A 4 -13.67 -18.63 26.18
C GLY A 4 -13.56 -19.97 25.47
N SER A 5 -14.38 -20.93 25.88
CA SER A 5 -14.37 -22.26 25.28
C SER A 5 -15.03 -22.25 23.91
N SER A 6 -16.14 -21.51 23.80
CA SER A 6 -16.87 -21.42 22.54
C SER A 6 -16.48 -20.16 21.78
N GLY A 7 -15.19 -20.04 21.47
CA GLY A 7 -14.71 -18.89 20.74
C GLY A 7 -13.81 -19.27 19.58
N GLU A 8 -14.07 -18.69 18.41
CA GLU A 8 -13.28 -18.97 17.22
C GLU A 8 -12.82 -17.69 16.55
N GLN A 9 -11.98 -17.82 15.53
CA GLN A 9 -11.47 -16.67 14.81
C GLN A 9 -11.34 -16.97 13.31
N GLU A 10 -11.34 -15.93 12.49
CA GLU A 10 -11.22 -16.09 11.05
C GLU A 10 -10.05 -15.26 10.51
N ASP A 11 -8.91 -15.92 10.32
CA ASP A 11 -7.73 -15.25 9.80
C ASP A 11 -7.62 -15.42 8.28
N ARG A 12 -7.98 -16.60 7.80
CA ARG A 12 -7.93 -16.88 6.37
C ARG A 12 -8.60 -15.77 5.57
N ALA A 13 -9.61 -15.14 6.17
CA ALA A 13 -10.33 -14.05 5.51
C ALA A 13 -9.58 -12.73 5.66
N LEU A 14 -9.06 -12.49 6.86
CA LEU A 14 -8.33 -11.26 7.14
C LEU A 14 -7.09 -11.14 6.25
N ARG A 15 -6.41 -12.26 6.04
CA ARG A 15 -5.22 -12.28 5.19
C ARG A 15 -5.60 -12.19 3.72
N SER A 16 -6.85 -12.49 3.41
CA SER A 16 -7.33 -12.45 2.04
C SER A 16 -7.98 -11.11 1.72
N PHE A 17 -7.38 -10.04 2.24
CA PHE A 17 -7.91 -8.69 2.02
C PHE A 17 -7.03 -7.93 1.02
N LYS A 18 -7.64 -7.56 -0.10
CA LYS A 18 -6.92 -6.82 -1.15
C LYS A 18 -7.32 -5.35 -1.13
N LEU A 19 -6.33 -4.48 -0.93
CA LEU A 19 -6.57 -3.04 -0.89
C LEU A 19 -6.00 -2.36 -2.13
N SER A 20 -6.65 -1.29 -2.57
CA SER A 20 -6.20 -0.56 -3.75
C SER A 20 -6.11 0.94 -3.45
N VAL A 21 -4.88 1.47 -3.45
CA VAL A 21 -4.66 2.88 -3.18
C VAL A 21 -4.66 3.70 -4.47
N THR A 22 -5.39 4.80 -4.47
CA THR A 22 -5.47 5.66 -5.64
C THR A 22 -4.41 6.76 -5.59
N VAL A 23 -3.27 6.49 -6.23
CA VAL A 23 -2.16 7.46 -6.25
C VAL A 23 -1.53 7.53 -7.63
N ASP A 24 -1.32 8.74 -8.12
CA ASP A 24 -0.72 8.95 -9.43
C ASP A 24 0.52 8.08 -9.61
N PRO A 25 0.72 7.58 -10.84
CA PRO A 25 1.86 6.72 -11.16
C PRO A 25 3.18 7.48 -11.15
N LYS A 26 3.11 8.79 -10.89
CA LYS A 26 4.29 9.64 -10.85
C LYS A 26 4.99 9.51 -9.50
N TYR A 27 4.20 9.33 -8.44
CA TYR A 27 4.75 9.21 -7.10
C TYR A 27 5.07 7.75 -6.77
N HIS A 28 4.50 6.83 -7.55
CA HIS A 28 4.73 5.41 -7.35
C HIS A 28 6.22 5.12 -7.16
N PRO A 29 7.02 5.46 -8.19
CA PRO A 29 8.47 5.25 -8.17
C PRO A 29 9.18 6.17 -7.18
N LYS A 30 8.42 7.08 -6.59
CA LYS A 30 8.98 8.03 -5.63
C LYS A 30 8.83 7.50 -4.20
N ILE A 31 7.87 6.60 -4.01
CA ILE A 31 7.62 6.01 -2.70
C ILE A 31 8.50 4.79 -2.47
N ILE A 32 8.74 4.04 -3.53
CA ILE A 32 9.57 2.84 -3.45
C ILE A 32 10.93 3.15 -2.84
N GLY A 33 11.64 4.11 -3.44
CA GLY A 33 12.94 4.49 -2.94
C GLY A 33 14.07 4.00 -3.83
N ARG A 34 15.27 4.52 -3.60
CA ARG A 34 16.44 4.13 -4.39
C ARG A 34 16.64 2.62 -4.34
N LYS A 35 17.06 2.12 -3.18
CA LYS A 35 17.29 0.69 -3.02
C LYS A 35 16.01 -0.03 -2.60
N GLY A 36 14.87 0.65 -2.77
CA GLY A 36 13.59 0.06 -2.42
C GLY A 36 13.51 -0.29 -0.94
N ALA A 37 14.32 0.37 -0.13
CA ALA A 37 14.34 0.13 1.31
C ALA A 37 13.17 0.83 1.99
N VAL A 38 12.76 1.97 1.45
CA VAL A 38 11.66 2.74 2.00
C VAL A 38 10.38 1.90 2.08
N ILE A 39 9.83 1.58 0.92
CA ILE A 39 8.61 0.78 0.86
C ILE A 39 8.76 -0.49 1.68
N THR A 40 9.92 -1.12 1.60
CA THR A 40 10.17 -2.35 2.33
C THR A 40 9.97 -2.15 3.82
N GLN A 41 10.63 -1.14 4.38
CA GLN A 41 10.52 -0.84 5.80
C GLN A 41 9.06 -0.80 6.24
N ILE A 42 8.20 -0.31 5.35
CA ILE A 42 6.77 -0.22 5.65
C ILE A 42 6.09 -1.57 5.50
N ARG A 43 6.52 -2.35 4.51
CA ARG A 43 5.96 -3.66 4.26
C ARG A 43 6.15 -4.57 5.47
N LEU A 44 7.30 -4.44 6.12
CA LEU A 44 7.61 -5.25 7.29
C LEU A 44 6.96 -4.66 8.54
N GLU A 45 7.04 -3.34 8.69
CA GLU A 45 6.46 -2.66 9.83
C GLU A 45 5.03 -3.12 10.08
N HIS A 46 4.20 -3.03 9.05
CA HIS A 46 2.80 -3.44 9.16
C HIS A 46 2.65 -4.92 8.82
N ASP A 47 3.74 -5.55 8.42
CA ASP A 47 3.73 -6.96 8.06
C ASP A 47 2.77 -7.23 6.90
N VAL A 48 2.77 -6.32 5.92
CA VAL A 48 1.90 -6.45 4.76
C VAL A 48 2.72 -6.51 3.47
N ASN A 49 2.04 -6.77 2.36
CA ASN A 49 2.70 -6.85 1.07
C ASN A 49 2.20 -5.74 0.13
N ILE A 50 3.13 -4.91 -0.32
CA ILE A 50 2.79 -3.81 -1.22
C ILE A 50 3.35 -4.04 -2.61
N GLN A 51 2.46 -4.17 -3.59
CA GLN A 51 2.86 -4.39 -4.97
C GLN A 51 2.34 -3.30 -5.88
N PHE A 52 3.22 -2.70 -6.67
CA PHE A 52 2.84 -1.63 -7.59
C PHE A 52 2.56 -2.19 -8.98
N PRO A 53 1.67 -1.51 -9.72
CA PRO A 53 1.29 -1.91 -11.07
C PRO A 53 2.42 -1.70 -12.08
N ASP A 54 2.32 -2.36 -13.23
CA ASP A 54 3.33 -2.24 -14.27
C ASP A 54 2.79 -1.46 -15.46
N LYS A 55 3.54 -0.45 -15.89
CA LYS A 55 3.14 0.37 -17.03
C LYS A 55 3.16 -0.43 -18.32
N ASP A 56 3.76 -1.61 -18.27
CA ASP A 56 3.86 -2.48 -19.44
C ASP A 56 2.52 -3.16 -19.71
N ASP A 57 1.78 -3.46 -18.65
CA ASP A 57 0.48 -4.12 -18.79
C ASP A 57 -0.53 -3.18 -19.45
N GLY A 58 -0.49 -1.91 -19.07
CA GLY A 58 -1.41 -0.94 -19.64
C GLY A 58 -2.84 -1.14 -19.16
N ASN A 59 -3.47 -2.19 -19.66
CA ASN A 59 -4.85 -2.50 -19.28
C ASN A 59 -5.06 -2.27 -17.78
N GLN A 60 -4.06 -2.61 -16.99
CA GLN A 60 -4.14 -2.45 -15.55
C GLN A 60 -3.81 -1.01 -15.14
N PRO A 61 -4.41 -0.57 -14.03
CA PRO A 61 -4.20 0.78 -13.50
C PRO A 61 -2.80 0.99 -12.95
N GLN A 62 -2.16 2.08 -13.36
CA GLN A 62 -0.80 2.38 -12.91
C GLN A 62 -0.84 3.24 -11.65
N ASP A 63 -1.96 3.91 -11.41
CA ASP A 63 -2.12 4.75 -10.24
C ASP A 63 -2.65 3.95 -9.05
N GLN A 64 -3.19 2.78 -9.33
CA GLN A 64 -3.72 1.92 -8.28
C GLN A 64 -2.62 1.04 -7.68
N ILE A 65 -2.60 0.95 -6.36
CA ILE A 65 -1.60 0.14 -5.67
C ILE A 65 -2.25 -0.99 -4.88
N THR A 66 -1.94 -2.22 -5.26
CA THR A 66 -2.50 -3.39 -4.59
C THR A 66 -1.77 -3.68 -3.28
N ILE A 67 -2.51 -4.11 -2.27
CA ILE A 67 -1.93 -4.42 -0.97
C ILE A 67 -2.68 -5.55 -0.30
N THR A 68 -1.93 -6.59 0.09
CA THR A 68 -2.53 -7.75 0.75
C THR A 68 -2.14 -7.81 2.22
N GLY A 69 -3.04 -8.34 3.05
CA GLY A 69 -2.77 -8.44 4.46
C GLY A 69 -3.98 -8.12 5.31
N TYR A 70 -3.81 -8.16 6.63
CA TYR A 70 -4.90 -7.87 7.55
C TYR A 70 -5.57 -6.54 7.22
N GLU A 71 -6.87 -6.58 6.97
CA GLU A 71 -7.63 -5.37 6.64
C GLU A 71 -7.15 -4.19 7.47
N LYS A 72 -6.59 -4.48 8.64
CA LYS A 72 -6.09 -3.44 9.54
C LYS A 72 -4.65 -3.08 9.19
N ASN A 73 -3.76 -4.06 9.27
CA ASN A 73 -2.36 -3.85 8.97
C ASN A 73 -2.18 -3.16 7.62
N THR A 74 -3.04 -3.50 6.67
CA THR A 74 -2.99 -2.91 5.34
C THR A 74 -3.09 -1.40 5.41
N GLU A 75 -4.20 -0.90 5.94
CA GLU A 75 -4.42 0.54 6.06
C GLU A 75 -3.15 1.24 6.54
N ALA A 76 -2.66 0.83 7.70
CA ALA A 76 -1.46 1.41 8.28
C ALA A 76 -0.38 1.60 7.22
N ALA A 77 -0.33 0.68 6.27
CA ALA A 77 0.65 0.73 5.19
C ALA A 77 0.19 1.68 4.08
N ARG A 78 -1.08 1.58 3.72
CA ARG A 78 -1.64 2.43 2.67
C ARG A 78 -1.64 3.89 3.09
N ASP A 79 -1.63 4.12 4.40
CA ASP A 79 -1.63 5.48 4.94
C ASP A 79 -0.33 6.20 4.58
N ALA A 80 0.76 5.44 4.52
CA ALA A 80 2.06 6.02 4.19
C ALA A 80 2.10 6.50 2.75
N ILE A 81 1.86 5.59 1.81
CA ILE A 81 1.87 5.93 0.40
C ILE A 81 1.26 7.31 0.16
N LEU A 82 0.21 7.62 0.90
CA LEU A 82 -0.48 8.91 0.77
C LEU A 82 0.28 9.99 1.53
N ARG A 83 0.47 9.78 2.83
CA ARG A 83 1.18 10.73 3.67
C ARG A 83 2.35 11.36 2.91
N ILE A 84 2.90 10.62 1.95
CA ILE A 84 4.02 11.09 1.15
C ILE A 84 3.54 11.99 0.01
N VAL A 85 2.71 11.43 -0.86
CA VAL A 85 2.18 12.17 -2.00
C VAL A 85 1.81 13.58 -1.60
N GLY A 86 1.29 13.73 -0.39
CA GLY A 86 0.90 15.04 0.10
C GLY A 86 2.03 16.05 0.04
N GLU A 87 3.23 15.61 0.40
CA GLU A 87 4.39 16.49 0.39
C GLU A 87 4.97 16.60 -1.02
N LEU A 88 5.08 15.47 -1.70
CA LEU A 88 5.62 15.45 -3.06
C LEU A 88 4.79 16.33 -3.99
N GLU A 89 3.48 16.09 -4.04
CA GLU A 89 2.58 16.87 -4.88
C GLU A 89 2.98 18.35 -4.86
N GLN A 90 3.30 18.85 -3.68
CA GLN A 90 3.68 20.25 -3.53
C GLN A 90 5.07 20.50 -4.11
N MET A 91 6.02 19.65 -3.74
CA MET A 91 7.40 19.78 -4.23
C MET A 91 7.41 20.21 -5.69
N SER A 92 6.47 19.66 -6.47
CA SER A 92 6.38 19.99 -7.90
C SER A 92 5.21 20.92 -8.16
N GLY A 93 5.44 22.21 -8.01
CA GLY A 93 4.39 23.19 -8.25
C GLY A 93 4.90 24.46 -8.92
N PRO A 94 4.00 25.16 -9.62
CA PRO A 94 4.36 26.40 -10.32
C PRO A 94 4.67 27.54 -9.36
N SER A 95 4.12 27.46 -8.15
CA SER A 95 4.34 28.49 -7.14
C SER A 95 5.74 28.37 -6.53
N SER A 96 6.45 29.49 -6.48
CA SER A 96 7.81 29.51 -5.93
C SER A 96 7.80 29.05 -4.47
N GLY A 97 6.87 29.60 -3.69
CA GLY A 97 6.78 29.24 -2.29
C GLY A 97 5.45 28.61 -1.94
N GLY A 1 -14.69 -7.38 20.96
CA GLY A 1 -15.74 -6.45 21.33
C GLY A 1 -17.00 -6.62 20.49
N SER A 2 -17.43 -7.85 20.32
CA SER A 2 -18.62 -8.15 19.53
C SER A 2 -19.60 -9.00 20.33
N SER A 3 -20.86 -9.00 19.89
CA SER A 3 -21.90 -9.78 20.56
C SER A 3 -21.89 -11.23 20.10
N GLY A 4 -22.11 -11.43 18.80
CA GLY A 4 -22.12 -12.76 18.24
C GLY A 4 -20.72 -13.30 18.01
N SER A 5 -20.07 -13.76 19.07
CA SER A 5 -18.72 -14.29 18.97
C SER A 5 -18.49 -15.39 20.01
N SER A 6 -17.84 -16.47 19.59
CA SER A 6 -17.56 -17.59 20.47
C SER A 6 -16.06 -17.73 20.73
N GLY A 7 -15.29 -17.77 19.66
CA GLY A 7 -13.84 -17.90 19.78
C GLY A 7 -13.21 -18.57 18.58
N GLU A 8 -13.47 -18.02 17.39
CA GLU A 8 -12.92 -18.57 16.17
C GLU A 8 -12.04 -17.54 15.45
N GLN A 9 -10.97 -18.03 14.82
CA GLN A 9 -10.05 -17.15 14.10
C GLN A 9 -10.32 -17.18 12.60
N GLU A 10 -10.80 -16.05 12.07
CA GLU A 10 -11.10 -15.96 10.66
C GLU A 10 -9.97 -15.27 9.90
N ASP A 11 -8.73 -15.62 10.27
CA ASP A 11 -7.55 -15.04 9.63
C ASP A 11 -7.47 -15.48 8.17
N ARG A 12 -7.60 -16.78 7.94
CA ARG A 12 -7.52 -17.32 6.59
C ARG A 12 -8.20 -16.39 5.59
N ALA A 13 -9.24 -15.69 6.04
CA ALA A 13 -9.97 -14.76 5.19
C ALA A 13 -9.40 -13.35 5.29
N LEU A 14 -8.98 -12.97 6.50
CA LEU A 14 -8.42 -11.65 6.73
C LEU A 14 -7.14 -11.44 5.91
N ARG A 15 -6.33 -12.50 5.83
CA ARG A 15 -5.08 -12.43 5.07
C ARG A 15 -5.36 -12.33 3.57
N SER A 16 -6.60 -12.63 3.19
CA SER A 16 -7.00 -12.59 1.79
C SER A 16 -7.67 -11.26 1.45
N PHE A 17 -7.24 -10.21 2.13
CA PHE A 17 -7.80 -8.88 1.90
C PHE A 17 -6.91 -8.07 0.97
N LYS A 18 -7.46 -7.70 -0.19
CA LYS A 18 -6.73 -6.92 -1.18
C LYS A 18 -7.22 -5.48 -1.22
N LEU A 19 -6.32 -4.55 -0.94
CA LEU A 19 -6.66 -3.12 -0.94
C LEU A 19 -6.05 -2.42 -2.14
N SER A 20 -6.72 -1.37 -2.62
CA SER A 20 -6.23 -0.61 -3.76
C SER A 20 -6.11 0.87 -3.42
N VAL A 21 -4.89 1.39 -3.47
CA VAL A 21 -4.64 2.78 -3.17
C VAL A 21 -4.71 3.65 -4.43
N THR A 22 -5.57 4.66 -4.40
CA THR A 22 -5.72 5.55 -5.55
C THR A 22 -4.71 6.69 -5.50
N VAL A 23 -3.55 6.45 -6.11
CA VAL A 23 -2.49 7.46 -6.15
C VAL A 23 -1.84 7.52 -7.52
N ASP A 24 -1.69 8.74 -8.04
CA ASP A 24 -1.09 8.94 -9.36
C ASP A 24 0.12 8.02 -9.54
N PRO A 25 0.27 7.49 -10.76
CA PRO A 25 1.38 6.59 -11.10
C PRO A 25 2.72 7.31 -11.14
N LYS A 26 2.69 8.61 -10.90
CA LYS A 26 3.90 9.43 -10.91
C LYS A 26 4.64 9.32 -9.58
N TYR A 27 3.88 9.22 -8.49
CA TYR A 27 4.47 9.11 -7.16
C TYR A 27 4.83 7.66 -6.85
N HIS A 28 4.28 6.74 -7.63
CA HIS A 28 4.56 5.32 -7.43
C HIS A 28 6.05 5.06 -7.29
N PRO A 29 6.81 5.43 -8.33
CA PRO A 29 8.27 5.25 -8.35
C PRO A 29 8.98 6.18 -7.38
N LYS A 30 8.22 7.09 -6.77
CA LYS A 30 8.77 8.05 -5.82
C LYS A 30 8.64 7.53 -4.39
N ILE A 31 7.73 6.58 -4.19
CA ILE A 31 7.51 5.99 -2.88
C ILE A 31 8.47 4.84 -2.63
N ILE A 32 8.72 4.05 -3.66
CA ILE A 32 9.62 2.91 -3.55
C ILE A 32 10.96 3.33 -2.94
N GLY A 33 11.64 4.27 -3.60
CA GLY A 33 12.92 4.74 -3.10
C GLY A 33 14.06 4.41 -4.05
N ARG A 34 15.27 4.84 -3.68
CA ARG A 34 16.44 4.58 -4.52
C ARG A 34 16.65 3.09 -4.72
N LYS A 35 16.92 2.37 -3.63
CA LYS A 35 17.14 0.94 -3.69
C LYS A 35 15.87 0.17 -3.33
N GLY A 36 14.84 0.91 -2.92
CA GLY A 36 13.57 0.29 -2.56
C GLY A 36 13.51 -0.09 -1.09
N ALA A 37 14.36 0.55 -0.29
CA ALA A 37 14.39 0.27 1.14
C ALA A 37 13.29 1.02 1.88
N VAL A 38 12.82 2.10 1.28
CA VAL A 38 11.77 2.91 1.89
C VAL A 38 10.47 2.12 1.98
N ILE A 39 10.04 1.55 0.86
CA ILE A 39 8.81 0.77 0.82
C ILE A 39 8.93 -0.48 1.68
N THR A 40 10.09 -1.14 1.61
CA THR A 40 10.34 -2.35 2.37
C THR A 40 10.13 -2.10 3.87
N GLN A 41 10.70 -1.00 4.36
CA GLN A 41 10.58 -0.64 5.76
C GLN A 41 9.12 -0.44 6.16
N ILE A 42 8.32 0.01 5.20
CA ILE A 42 6.90 0.24 5.44
C ILE A 42 6.11 -1.05 5.43
N ARG A 43 6.54 -1.99 4.60
CA ARG A 43 5.88 -3.29 4.48
C ARG A 43 6.05 -4.10 5.77
N LEU A 44 7.30 -4.25 6.20
CA LEU A 44 7.61 -5.00 7.41
C LEU A 44 6.98 -4.34 8.63
N GLU A 45 7.09 -3.02 8.70
CA GLU A 45 6.53 -2.27 9.83
C GLU A 45 5.08 -2.66 10.08
N HIS A 46 4.36 -2.96 9.00
CA HIS A 46 2.96 -3.36 9.10
C HIS A 46 2.78 -4.84 8.81
N ASP A 47 3.89 -5.50 8.47
CA ASP A 47 3.85 -6.92 8.16
C ASP A 47 2.90 -7.22 7.01
N VAL A 48 2.86 -6.31 6.03
CA VAL A 48 1.99 -6.46 4.87
C VAL A 48 2.80 -6.49 3.58
N ASN A 49 2.11 -6.77 2.47
CA ASN A 49 2.77 -6.82 1.17
C ASN A 49 2.27 -5.70 0.26
N ILE A 50 3.17 -4.80 -0.11
CA ILE A 50 2.82 -3.68 -0.98
C ILE A 50 3.40 -3.87 -2.38
N GLN A 51 2.53 -3.96 -3.37
CA GLN A 51 2.96 -4.13 -4.76
C GLN A 51 2.44 -2.99 -5.64
N PHE A 52 3.14 -2.73 -6.72
CA PHE A 52 2.76 -1.67 -7.65
C PHE A 52 2.51 -2.24 -9.05
N PRO A 53 1.62 -1.59 -9.81
CA PRO A 53 1.28 -2.00 -11.17
C PRO A 53 2.43 -1.75 -12.15
N ASP A 54 2.32 -2.36 -13.32
CA ASP A 54 3.35 -2.20 -14.36
C ASP A 54 2.77 -1.51 -15.59
N LYS A 55 3.37 -0.38 -15.95
CA LYS A 55 2.93 0.39 -17.11
C LYS A 55 2.91 -0.49 -18.36
N ASP A 56 3.92 -1.34 -18.50
CA ASP A 56 4.00 -2.24 -19.65
C ASP A 56 2.71 -3.01 -19.83
N ASP A 57 2.14 -3.48 -18.73
CA ASP A 57 0.90 -4.24 -18.77
C ASP A 57 -0.21 -3.45 -19.47
N GLY A 58 -0.59 -2.33 -18.85
CA GLY A 58 -1.63 -1.49 -19.43
C GLY A 58 -3.01 -1.83 -18.89
N ASN A 59 -3.57 -2.95 -19.35
CA ASN A 59 -4.89 -3.38 -18.92
C ASN A 59 -5.08 -3.13 -17.42
N GLN A 60 -3.98 -3.22 -16.67
CA GLN A 60 -4.03 -3.00 -15.23
C GLN A 60 -3.84 -1.53 -14.90
N PRO A 61 -4.44 -1.09 -13.78
CA PRO A 61 -4.35 0.30 -13.33
C PRO A 61 -2.95 0.66 -12.84
N GLN A 62 -2.49 1.85 -13.21
CA GLN A 62 -1.16 2.32 -12.82
C GLN A 62 -1.25 3.20 -11.57
N ASP A 63 -2.40 3.82 -11.37
CA ASP A 63 -2.62 4.69 -10.22
C ASP A 63 -3.12 3.89 -9.02
N GLN A 64 -3.39 2.61 -9.24
CA GLN A 64 -3.88 1.74 -8.17
C GLN A 64 -2.75 0.89 -7.60
N ILE A 65 -2.63 0.89 -6.28
CA ILE A 65 -1.59 0.12 -5.60
C ILE A 65 -2.18 -1.09 -4.90
N THR A 66 -1.71 -2.28 -5.28
CA THR A 66 -2.18 -3.52 -4.69
C THR A 66 -1.47 -3.80 -3.36
N ILE A 67 -2.26 -3.99 -2.31
CA ILE A 67 -1.71 -4.28 -0.99
C ILE A 67 -2.46 -5.41 -0.30
N THR A 68 -1.75 -6.48 0.02
CA THR A 68 -2.35 -7.63 0.68
C THR A 68 -2.00 -7.66 2.17
N GLY A 69 -2.86 -8.30 2.96
CA GLY A 69 -2.62 -8.39 4.38
C GLY A 69 -3.86 -8.10 5.20
N TYR A 70 -3.78 -8.27 6.51
CA TYR A 70 -4.90 -8.03 7.40
C TYR A 70 -5.61 -6.73 7.04
N GLU A 71 -6.91 -6.81 6.78
CA GLU A 71 -7.69 -5.64 6.42
C GLU A 71 -7.29 -4.44 7.27
N LYS A 72 -6.77 -4.71 8.47
CA LYS A 72 -6.34 -3.65 9.37
C LYS A 72 -4.90 -3.22 9.07
N ASN A 73 -3.98 -4.17 9.15
CA ASN A 73 -2.58 -3.90 8.88
C ASN A 73 -2.40 -3.15 7.56
N THR A 74 -3.23 -3.49 6.58
CA THR A 74 -3.18 -2.85 5.28
C THR A 74 -3.35 -1.35 5.39
N GLU A 75 -4.54 -0.92 5.83
CA GLU A 75 -4.84 0.50 5.98
C GLU A 75 -3.63 1.25 6.54
N ALA A 76 -3.12 0.78 7.67
CA ALA A 76 -1.97 1.40 8.31
C ALA A 76 -0.86 1.65 7.30
N ALA A 77 -0.68 0.73 6.37
CA ALA A 77 0.35 0.86 5.34
C ALA A 77 -0.12 1.77 4.21
N ARG A 78 -1.29 1.46 3.66
CA ARG A 78 -1.84 2.25 2.57
C ARG A 78 -1.89 3.73 2.93
N ASP A 79 -1.98 4.01 4.23
CA ASP A 79 -2.03 5.39 4.71
C ASP A 79 -0.71 6.11 4.45
N ALA A 80 0.38 5.34 4.43
CA ALA A 80 1.70 5.90 4.19
C ALA A 80 1.85 6.37 2.75
N ILE A 81 1.60 5.46 1.81
CA ILE A 81 1.71 5.78 0.39
C ILE A 81 1.11 7.15 0.09
N LEU A 82 0.02 7.48 0.78
CA LEU A 82 -0.64 8.77 0.59
C LEU A 82 0.10 9.88 1.32
N ARG A 83 0.44 9.62 2.58
CA ARG A 83 1.14 10.60 3.39
C ARG A 83 2.33 11.19 2.63
N ILE A 84 3.28 10.32 2.26
CA ILE A 84 4.46 10.75 1.52
C ILE A 84 4.08 11.64 0.35
N VAL A 85 3.20 11.13 -0.51
CA VAL A 85 2.75 11.88 -1.68
C VAL A 85 2.52 13.34 -1.34
N GLY A 86 1.57 13.59 -0.44
CA GLY A 86 1.27 14.95 -0.04
C GLY A 86 2.50 15.83 0.00
N GLU A 87 3.60 15.29 0.52
CA GLU A 87 4.85 16.04 0.62
C GLU A 87 5.52 16.15 -0.74
N LEU A 88 5.63 15.02 -1.43
CA LEU A 88 6.26 14.99 -2.75
C LEU A 88 5.72 16.11 -3.63
N GLU A 89 4.39 16.21 -3.71
CA GLU A 89 3.75 17.24 -4.53
C GLU A 89 4.34 18.61 -4.24
N GLN A 90 4.34 18.99 -2.96
CA GLN A 90 4.87 20.29 -2.54
C GLN A 90 6.32 20.44 -3.00
N MET A 91 7.12 19.40 -2.77
CA MET A 91 8.52 19.42 -3.16
C MET A 91 8.69 19.86 -4.61
N SER A 92 9.69 20.71 -4.86
CA SER A 92 9.94 21.21 -6.20
C SER A 92 10.69 20.17 -7.03
N GLY A 93 9.95 19.27 -7.65
CA GLY A 93 10.56 18.24 -8.47
C GLY A 93 11.16 18.78 -9.74
N PRO A 94 12.28 18.20 -10.18
CA PRO A 94 12.98 18.63 -11.39
C PRO A 94 12.20 18.26 -12.66
N SER A 95 12.75 18.63 -13.81
CA SER A 95 12.11 18.36 -15.09
C SER A 95 12.74 17.14 -15.77
N SER A 96 12.20 15.96 -15.48
CA SER A 96 12.71 14.72 -16.06
C SER A 96 12.69 14.78 -17.58
N GLY A 97 11.52 15.08 -18.13
CA GLY A 97 11.39 15.15 -19.58
C GLY A 97 10.15 14.44 -20.09
N GLY A 1 -26.91 -12.76 30.19
CA GLY A 1 -26.63 -11.94 29.02
C GLY A 1 -26.51 -12.77 27.75
N SER A 2 -27.34 -12.47 26.77
CA SER A 2 -27.33 -13.20 25.50
C SER A 2 -26.13 -12.78 24.64
N SER A 3 -25.23 -13.72 24.41
CA SER A 3 -24.05 -13.44 23.60
C SER A 3 -23.65 -14.67 22.78
N GLY A 4 -23.39 -14.44 21.49
CA GLY A 4 -23.01 -15.53 20.61
C GLY A 4 -22.17 -15.07 19.45
N SER A 5 -20.86 -15.33 19.51
CA SER A 5 -19.95 -14.93 18.46
C SER A 5 -20.02 -15.89 17.27
N SER A 6 -19.48 -15.47 16.14
CA SER A 6 -19.49 -16.29 14.94
C SER A 6 -18.12 -16.29 14.26
N GLY A 7 -17.44 -17.43 14.30
CA GLY A 7 -16.13 -17.54 13.69
C GLY A 7 -15.06 -16.82 14.49
N GLU A 8 -14.65 -17.41 15.60
CA GLU A 8 -13.62 -16.82 16.45
C GLU A 8 -12.39 -16.46 15.65
N GLN A 9 -11.85 -17.44 14.93
CA GLN A 9 -10.66 -17.22 14.12
C GLN A 9 -11.01 -17.22 12.64
N GLU A 10 -10.89 -16.06 12.01
CA GLU A 10 -11.20 -15.91 10.59
C GLU A 10 -10.08 -15.19 9.85
N ASP A 11 -8.85 -15.62 10.11
CA ASP A 11 -7.68 -15.00 9.48
C ASP A 11 -7.64 -15.35 7.99
N ARG A 12 -7.92 -16.60 7.67
CA ARG A 12 -7.91 -17.07 6.29
C ARG A 12 -8.55 -16.03 5.36
N ALA A 13 -9.47 -15.24 5.91
CA ALA A 13 -10.15 -14.22 5.14
C ALA A 13 -9.43 -12.87 5.25
N LEU A 14 -8.99 -12.54 6.47
CA LEU A 14 -8.29 -11.28 6.70
C LEU A 14 -7.03 -11.20 5.86
N ARG A 15 -6.23 -12.26 5.90
CA ARG A 15 -4.98 -12.31 5.14
C ARG A 15 -5.26 -12.19 3.64
N SER A 16 -6.48 -12.54 3.24
CA SER A 16 -6.87 -12.48 1.83
C SER A 16 -7.49 -11.14 1.50
N PHE A 17 -7.23 -10.15 2.35
CA PHE A 17 -7.77 -8.80 2.14
C PHE A 17 -6.91 -8.01 1.16
N LYS A 18 -7.52 -7.58 0.06
CA LYS A 18 -6.82 -6.82 -0.96
C LYS A 18 -7.30 -5.37 -0.99
N LEU A 19 -6.38 -4.44 -0.75
CA LEU A 19 -6.72 -3.02 -0.75
C LEU A 19 -6.12 -2.32 -1.97
N SER A 20 -6.79 -1.27 -2.43
CA SER A 20 -6.32 -0.51 -3.59
C SER A 20 -6.12 0.95 -3.24
N VAL A 21 -4.87 1.41 -3.31
CA VAL A 21 -4.55 2.80 -2.99
C VAL A 21 -4.54 3.65 -4.25
N THR A 22 -5.28 4.76 -4.21
CA THR A 22 -5.36 5.66 -5.35
C THR A 22 -4.26 6.72 -5.29
N VAL A 23 -3.19 6.50 -6.05
CA VAL A 23 -2.07 7.44 -6.08
C VAL A 23 -1.48 7.54 -7.49
N ASP A 24 -1.42 8.75 -8.01
CA ASP A 24 -0.88 8.99 -9.35
C ASP A 24 0.33 8.10 -9.59
N PRO A 25 0.46 7.63 -10.85
CA PRO A 25 1.57 6.75 -11.26
C PRO A 25 2.90 7.49 -11.28
N LYS A 26 2.88 8.77 -10.93
CA LYS A 26 4.09 9.58 -10.91
C LYS A 26 4.84 9.41 -9.60
N TYR A 27 4.10 9.31 -8.50
CA TYR A 27 4.70 9.14 -7.19
C TYR A 27 4.95 7.67 -6.88
N HIS A 28 4.26 6.79 -7.61
CA HIS A 28 4.42 5.35 -7.41
C HIS A 28 5.89 4.98 -7.31
N PRO A 29 6.66 5.28 -8.37
CA PRO A 29 8.09 4.98 -8.42
C PRO A 29 8.90 5.85 -7.47
N LYS A 30 8.23 6.81 -6.84
CA LYS A 30 8.89 7.72 -5.90
C LYS A 30 8.70 7.24 -4.47
N ILE A 31 7.65 6.46 -4.24
CA ILE A 31 7.36 5.93 -2.91
C ILE A 31 8.22 4.70 -2.61
N ILE A 32 8.50 3.91 -3.64
CA ILE A 32 9.32 2.72 -3.48
C ILE A 32 10.61 3.03 -2.74
N GLY A 33 11.44 3.89 -3.33
CA GLY A 33 12.70 4.26 -2.71
C GLY A 33 13.87 4.11 -3.65
N ARG A 34 14.89 4.95 -3.47
CA ARG A 34 16.07 4.90 -4.31
C ARG A 34 16.65 3.49 -4.37
N LYS A 35 16.80 2.88 -3.20
CA LYS A 35 17.34 1.52 -3.11
C LYS A 35 16.23 0.51 -2.83
N GLY A 36 15.18 0.96 -2.17
CA GLY A 36 14.06 0.09 -1.85
C GLY A 36 13.87 -0.11 -0.36
N ALA A 37 14.95 0.08 0.39
CA ALA A 37 14.90 -0.07 1.85
C ALA A 37 13.75 0.73 2.44
N VAL A 38 13.24 1.70 1.68
CA VAL A 38 12.14 2.53 2.13
C VAL A 38 10.84 1.73 2.20
N ILE A 39 10.33 1.35 1.03
CA ILE A 39 9.10 0.58 0.96
C ILE A 39 9.20 -0.71 1.77
N THR A 40 10.42 -1.23 1.88
CA THR A 40 10.66 -2.47 2.63
C THR A 40 10.36 -2.27 4.11
N GLN A 41 10.68 -1.09 4.63
CA GLN A 41 10.45 -0.78 6.04
C GLN A 41 8.96 -0.70 6.33
N ILE A 42 8.19 -0.22 5.35
CA ILE A 42 6.74 -0.09 5.50
C ILE A 42 6.06 -1.45 5.47
N ARG A 43 6.53 -2.33 4.57
CA ARG A 43 5.96 -3.66 4.44
C ARG A 43 6.13 -4.45 5.74
N LEU A 44 7.33 -4.41 6.31
CA LEU A 44 7.62 -5.12 7.55
C LEU A 44 6.84 -4.51 8.72
N GLU A 45 6.87 -3.19 8.81
CA GLU A 45 6.17 -2.49 9.89
C GLU A 45 4.75 -3.03 10.06
N HIS A 46 4.01 -3.09 8.97
CA HIS A 46 2.64 -3.59 8.99
C HIS A 46 2.57 -5.01 8.45
N ASP A 47 3.72 -5.68 8.39
CA ASP A 47 3.79 -7.04 7.89
C ASP A 47 2.81 -7.25 6.73
N VAL A 48 2.75 -6.26 5.85
CA VAL A 48 1.85 -6.34 4.69
C VAL A 48 2.65 -6.44 3.39
N ASN A 49 1.97 -6.82 2.32
CA ASN A 49 2.61 -6.96 1.02
C ASN A 49 2.21 -5.81 0.10
N ILE A 50 3.19 -5.00 -0.29
CA ILE A 50 2.94 -3.87 -1.18
C ILE A 50 3.48 -4.14 -2.58
N GLN A 51 2.65 -3.88 -3.58
CA GLN A 51 3.03 -4.10 -4.97
C GLN A 51 2.46 -3.00 -5.87
N PHE A 52 3.32 -2.41 -6.70
CA PHE A 52 2.91 -1.36 -7.61
C PHE A 52 2.59 -1.92 -8.99
N PRO A 53 1.71 -1.22 -9.73
CA PRO A 53 1.30 -1.63 -11.07
C PRO A 53 2.43 -1.46 -12.09
N ASP A 54 2.23 -2.04 -13.27
CA ASP A 54 3.24 -1.95 -14.33
C ASP A 54 2.71 -1.12 -15.50
N LYS A 55 3.60 -0.30 -16.08
CA LYS A 55 3.23 0.54 -17.21
C LYS A 55 3.09 -0.28 -18.49
N ASP A 56 4.09 -1.10 -18.76
CA ASP A 56 4.09 -1.95 -19.95
C ASP A 56 2.75 -2.65 -20.11
N ASP A 57 2.17 -3.10 -19.00
CA ASP A 57 0.89 -3.79 -19.01
C ASP A 57 -0.16 -2.95 -19.72
N GLY A 58 -0.55 -1.84 -19.09
CA GLY A 58 -1.56 -0.96 -19.66
C GLY A 58 -2.94 -1.26 -19.14
N ASN A 59 -3.51 -2.39 -19.56
CA ASN A 59 -4.85 -2.78 -19.13
C ASN A 59 -5.03 -2.54 -17.64
N GLN A 60 -3.98 -2.76 -16.87
CA GLN A 60 -4.02 -2.56 -15.42
C GLN A 60 -3.76 -1.10 -15.07
N PRO A 61 -4.33 -0.66 -13.94
CA PRO A 61 -4.18 0.71 -13.46
C PRO A 61 -2.77 1.00 -12.97
N GLN A 62 -2.22 2.15 -13.38
CA GLN A 62 -0.87 2.55 -12.98
C GLN A 62 -0.92 3.44 -11.74
N ASP A 63 -2.10 3.93 -11.41
CA ASP A 63 -2.27 4.80 -10.25
C ASP A 63 -2.79 4.00 -9.05
N GLN A 64 -3.25 2.79 -9.30
CA GLN A 64 -3.77 1.93 -8.25
C GLN A 64 -2.68 1.03 -7.70
N ILE A 65 -2.63 0.91 -6.37
CA ILE A 65 -1.63 0.07 -5.72
C ILE A 65 -2.29 -1.08 -4.96
N THR A 66 -1.82 -2.29 -5.22
CA THR A 66 -2.35 -3.47 -4.56
C THR A 66 -1.62 -3.76 -3.25
N ILE A 67 -2.39 -4.05 -2.21
CA ILE A 67 -1.81 -4.35 -0.90
C ILE A 67 -2.53 -5.51 -0.23
N THR A 68 -1.79 -6.59 0.06
CA THR A 68 -2.37 -7.76 0.69
C THR A 68 -1.93 -7.86 2.16
N GLY A 69 -2.83 -8.34 3.00
CA GLY A 69 -2.52 -8.49 4.42
C GLY A 69 -3.74 -8.29 5.30
N TYR A 70 -3.49 -8.00 6.58
CA TYR A 70 -4.58 -7.79 7.53
C TYR A 70 -5.32 -6.50 7.24
N GLU A 71 -6.61 -6.59 6.98
CA GLU A 71 -7.42 -5.42 6.68
C GLU A 71 -6.96 -4.22 7.50
N LYS A 72 -6.50 -4.49 8.72
CA LYS A 72 -6.01 -3.43 9.60
C LYS A 72 -4.63 -2.95 9.18
N ASN A 73 -3.65 -3.84 9.26
CA ASN A 73 -2.28 -3.50 8.88
C ASN A 73 -2.24 -2.83 7.52
N THR A 74 -2.96 -3.40 6.55
CA THR A 74 -3.00 -2.86 5.21
C THR A 74 -3.38 -1.39 5.22
N GLU A 75 -4.44 -1.05 5.95
CA GLU A 75 -4.90 0.33 6.05
C GLU A 75 -3.83 1.21 6.68
N ALA A 76 -3.04 0.63 7.59
CA ALA A 76 -1.98 1.36 8.26
C ALA A 76 -0.81 1.64 7.32
N ALA A 77 -0.56 0.69 6.41
CA ALA A 77 0.53 0.83 5.45
C ALA A 77 0.09 1.65 4.23
N ARG A 78 -1.21 1.60 3.94
CA ARG A 78 -1.75 2.34 2.80
C ARG A 78 -1.79 3.84 3.09
N ASP A 79 -1.84 4.19 4.37
CA ASP A 79 -1.89 5.59 4.78
C ASP A 79 -0.60 6.29 4.41
N ALA A 80 0.53 5.63 4.66
CA ALA A 80 1.83 6.20 4.34
C ALA A 80 1.93 6.60 2.88
N ILE A 81 1.71 5.63 1.99
CA ILE A 81 1.77 5.88 0.55
C ILE A 81 1.17 7.24 0.21
N LEU A 82 0.08 7.59 0.89
CA LEU A 82 -0.58 8.86 0.65
C LEU A 82 0.11 9.99 1.41
N ARG A 83 0.44 9.74 2.67
CA ARG A 83 1.11 10.74 3.50
C ARG A 83 2.30 11.34 2.76
N ILE A 84 2.93 10.54 1.92
CA ILE A 84 4.09 10.99 1.14
C ILE A 84 3.67 11.89 -0.01
N VAL A 85 2.79 11.36 -0.87
CA VAL A 85 2.30 12.13 -2.01
C VAL A 85 2.02 13.57 -1.63
N GLY A 86 1.14 13.76 -0.66
CA GLY A 86 0.80 15.10 -0.22
C GLY A 86 1.99 16.03 -0.20
N GLU A 87 3.14 15.50 0.21
CA GLU A 87 4.37 16.29 0.29
C GLU A 87 5.01 16.42 -1.10
N LEU A 88 5.18 15.29 -1.77
CA LEU A 88 5.78 15.28 -3.10
C LEU A 88 5.19 16.39 -3.97
N GLU A 89 3.88 16.60 -3.84
CA GLU A 89 3.21 17.64 -4.62
C GLU A 89 3.79 19.01 -4.32
N GLN A 90 3.71 19.43 -3.07
CA GLN A 90 4.23 20.72 -2.65
C GLN A 90 5.74 20.66 -2.44
N MET A 91 6.44 19.97 -3.33
CA MET A 91 7.88 19.83 -3.24
C MET A 91 8.57 20.33 -4.51
N SER A 92 8.13 19.79 -5.64
CA SER A 92 8.70 20.18 -6.94
C SER A 92 7.87 21.28 -7.59
N GLY A 93 8.49 22.43 -7.82
CA GLY A 93 7.78 23.54 -8.43
C GLY A 93 7.16 24.46 -7.42
N PRO A 94 6.15 25.24 -7.86
CA PRO A 94 5.45 26.19 -7.00
C PRO A 94 4.58 25.49 -5.95
N SER A 95 4.19 26.23 -4.91
CA SER A 95 3.36 25.67 -3.85
C SER A 95 1.95 26.21 -3.93
N SER A 96 0.97 25.34 -3.66
CA SER A 96 -0.44 25.73 -3.70
C SER A 96 -1.19 25.19 -2.49
N GLY A 97 -1.96 26.06 -1.84
CA GLY A 97 -2.72 25.66 -0.68
C GLY A 97 -3.78 26.67 -0.30
N GLY A 1 -6.32 -8.35 37.42
CA GLY A 1 -6.75 -8.03 36.07
C GLY A 1 -6.13 -8.94 35.03
N SER A 2 -6.96 -9.46 34.13
CA SER A 2 -6.48 -10.36 33.08
C SER A 2 -7.40 -10.29 31.86
N SER A 3 -6.86 -9.81 30.75
CA SER A 3 -7.63 -9.69 29.52
C SER A 3 -7.26 -10.81 28.54
N GLY A 4 -8.08 -10.97 27.51
CA GLY A 4 -7.83 -12.01 26.52
C GLY A 4 -9.03 -12.27 25.63
N SER A 5 -9.28 -13.54 25.34
CA SER A 5 -10.40 -13.92 24.48
C SER A 5 -10.52 -12.98 23.29
N SER A 6 -9.38 -12.68 22.66
CA SER A 6 -9.35 -11.79 21.50
C SER A 6 -9.08 -12.57 20.23
N GLY A 7 -9.24 -11.90 19.09
CA GLY A 7 -9.01 -12.55 17.80
C GLY A 7 -10.30 -12.78 17.04
N GLU A 8 -10.25 -12.53 15.73
CA GLU A 8 -11.42 -12.72 14.88
C GLU A 8 -11.77 -14.21 14.75
N GLN A 9 -12.85 -14.49 14.04
CA GLN A 9 -13.30 -15.86 13.83
C GLN A 9 -12.83 -16.40 12.48
N GLU A 10 -12.60 -15.48 11.53
CA GLU A 10 -12.15 -15.86 10.21
C GLU A 10 -10.91 -15.06 9.80
N ASP A 11 -9.75 -15.69 9.89
CA ASP A 11 -8.49 -15.04 9.53
C ASP A 11 -8.12 -15.34 8.08
N ARG A 12 -8.27 -16.60 7.69
CA ARG A 12 -7.95 -17.02 6.32
C ARG A 12 -8.37 -15.96 5.32
N ALA A 13 -9.45 -15.24 5.64
CA ALA A 13 -9.96 -14.19 4.75
C ALA A 13 -9.25 -12.87 5.01
N LEU A 14 -9.14 -12.50 6.28
CA LEU A 14 -8.48 -11.26 6.66
C LEU A 14 -7.14 -11.10 5.94
N ARG A 15 -6.36 -12.17 5.90
CA ARG A 15 -5.07 -12.16 5.24
C ARG A 15 -5.23 -12.06 3.72
N SER A 16 -6.35 -12.58 3.22
CA SER A 16 -6.62 -12.55 1.78
C SER A 16 -7.34 -11.27 1.40
N PHE A 17 -7.07 -10.20 2.14
CA PHE A 17 -7.70 -8.90 1.87
C PHE A 17 -6.82 -8.07 0.94
N LYS A 18 -7.41 -7.64 -0.18
CA LYS A 18 -6.69 -6.83 -1.17
C LYS A 18 -7.16 -5.39 -1.13
N LEU A 19 -6.22 -4.46 -1.01
CA LEU A 19 -6.55 -3.05 -0.97
C LEU A 19 -5.96 -2.32 -2.17
N SER A 20 -6.59 -1.21 -2.55
CA SER A 20 -6.14 -0.42 -3.69
C SER A 20 -6.08 1.06 -3.34
N VAL A 21 -4.87 1.62 -3.41
CA VAL A 21 -4.68 3.03 -3.09
C VAL A 21 -4.65 3.87 -4.36
N THR A 22 -5.50 4.90 -4.40
CA THR A 22 -5.58 5.79 -5.55
C THR A 22 -4.49 6.85 -5.51
N VAL A 23 -3.40 6.60 -6.21
CA VAL A 23 -2.28 7.53 -6.25
C VAL A 23 -1.65 7.57 -7.64
N ASP A 24 -1.38 8.77 -8.13
CA ASP A 24 -0.78 8.95 -9.44
C ASP A 24 0.45 8.06 -9.60
N PRO A 25 0.66 7.55 -10.82
CA PRO A 25 1.79 6.67 -11.13
C PRO A 25 3.11 7.42 -11.13
N LYS A 26 3.05 8.73 -10.90
CA LYS A 26 4.25 9.56 -10.87
C LYS A 26 5.00 9.38 -9.56
N TYR A 27 4.27 9.20 -8.48
CA TYR A 27 4.87 9.01 -7.16
C TYR A 27 5.13 7.53 -6.90
N HIS A 28 4.47 6.66 -7.66
CA HIS A 28 4.63 5.22 -7.51
C HIS A 28 6.12 4.86 -7.38
N PRO A 29 6.90 5.19 -8.42
CA PRO A 29 8.33 4.90 -8.44
C PRO A 29 9.12 5.75 -7.44
N LYS A 30 8.43 6.71 -6.82
CA LYS A 30 9.05 7.58 -5.84
C LYS A 30 8.92 7.02 -4.43
N ILE A 31 7.87 6.22 -4.21
CA ILE A 31 7.64 5.61 -2.91
C ILE A 31 8.51 4.38 -2.71
N ILE A 32 8.55 3.52 -3.73
CA ILE A 32 9.34 2.30 -3.67
C ILE A 32 10.69 2.56 -3.01
N GLY A 33 11.38 3.60 -3.46
CA GLY A 33 12.67 3.94 -2.90
C GLY A 33 13.78 3.88 -3.92
N ARG A 34 14.88 4.57 -3.65
CA ARG A 34 16.02 4.59 -4.56
C ARG A 34 16.53 3.19 -4.83
N LYS A 35 16.82 2.46 -3.76
CA LYS A 35 17.32 1.08 -3.88
C LYS A 35 16.22 0.08 -3.60
N GLY A 36 15.15 0.55 -2.95
CA GLY A 36 14.04 -0.33 -2.62
C GLY A 36 14.03 -0.76 -1.17
N ALA A 37 14.94 -0.17 -0.39
CA ALA A 37 15.03 -0.50 1.03
C ALA A 37 13.99 0.28 1.84
N VAL A 38 13.39 1.29 1.22
CA VAL A 38 12.39 2.11 1.88
C VAL A 38 11.07 1.36 2.01
N ILE A 39 10.49 1.00 0.87
CA ILE A 39 9.21 0.28 0.85
C ILE A 39 9.28 -0.95 1.75
N THR A 40 10.39 -1.67 1.71
CA THR A 40 10.57 -2.86 2.53
C THR A 40 10.39 -2.54 4.01
N GLN A 41 10.81 -1.34 4.40
CA GLN A 41 10.68 -0.92 5.80
C GLN A 41 9.22 -0.84 6.22
N ILE A 42 8.43 -0.09 5.46
CA ILE A 42 7.01 0.07 5.76
C ILE A 42 6.29 -1.28 5.72
N ARG A 43 6.59 -2.07 4.71
CA ARG A 43 5.98 -3.40 4.56
C ARG A 43 6.22 -4.24 5.80
N LEU A 44 7.49 -4.40 6.16
CA LEU A 44 7.85 -5.21 7.34
C LEU A 44 7.23 -4.63 8.60
N GLU A 45 7.28 -3.31 8.74
CA GLU A 45 6.71 -2.64 9.90
C GLU A 45 5.27 -3.07 10.12
N HIS A 46 4.42 -2.82 9.12
CA HIS A 46 3.01 -3.18 9.21
C HIS A 46 2.80 -4.65 8.86
N ASP A 47 3.89 -5.35 8.59
CA ASP A 47 3.83 -6.77 8.24
C ASP A 47 2.81 -7.02 7.14
N VAL A 48 2.92 -6.24 6.06
CA VAL A 48 2.02 -6.37 4.93
C VAL A 48 2.78 -6.44 3.61
N ASN A 49 2.06 -6.74 2.53
CA ASN A 49 2.68 -6.83 1.22
C ASN A 49 2.16 -5.74 0.29
N ILE A 50 3.08 -4.95 -0.26
CA ILE A 50 2.72 -3.87 -1.17
C ILE A 50 3.33 -4.07 -2.55
N GLN A 51 2.58 -3.70 -3.58
CA GLN A 51 3.05 -3.84 -4.95
C GLN A 51 2.47 -2.74 -5.84
N PHE A 52 3.23 -2.36 -6.87
CA PHE A 52 2.79 -1.31 -7.79
C PHE A 52 2.57 -1.89 -9.19
N PRO A 53 1.65 -1.27 -9.95
CA PRO A 53 1.33 -1.70 -11.30
C PRO A 53 2.46 -1.42 -12.29
N ASP A 54 2.42 -2.08 -13.44
CA ASP A 54 3.45 -1.90 -14.45
C ASP A 54 2.89 -1.14 -15.66
N LYS A 55 3.48 0.02 -15.94
CA LYS A 55 3.05 0.84 -17.07
C LYS A 55 2.98 0.03 -18.35
N ASP A 56 4.02 -0.78 -18.58
CA ASP A 56 4.08 -1.61 -19.78
C ASP A 56 2.79 -2.40 -19.97
N ASP A 57 2.25 -2.92 -18.87
CA ASP A 57 1.01 -3.69 -18.90
C ASP A 57 -0.07 -2.92 -19.64
N GLY A 58 -0.55 -1.84 -19.03
CA GLY A 58 -1.59 -1.04 -19.64
C GLY A 58 -2.97 -1.34 -19.08
N ASN A 59 -3.63 -2.36 -19.62
CA ASN A 59 -4.95 -2.75 -19.16
C ASN A 59 -5.09 -2.54 -17.65
N GLN A 60 -4.00 -2.77 -16.93
CA GLN A 60 -3.99 -2.61 -15.48
C GLN A 60 -3.80 -1.15 -15.10
N PRO A 61 -4.39 -0.76 -13.96
CA PRO A 61 -4.30 0.61 -13.45
C PRO A 61 -2.90 0.96 -12.95
N GLN A 62 -2.36 2.07 -13.43
CA GLN A 62 -1.03 2.50 -13.03
C GLN A 62 -1.09 3.42 -11.82
N ASP A 63 -2.29 3.93 -11.53
CA ASP A 63 -2.50 4.81 -10.39
C ASP A 63 -3.03 4.05 -9.18
N GLN A 64 -3.29 2.76 -9.38
CA GLN A 64 -3.80 1.92 -8.31
C GLN A 64 -2.68 1.10 -7.67
N ILE A 65 -2.65 1.10 -6.34
CA ILE A 65 -1.62 0.36 -5.61
C ILE A 65 -2.24 -0.80 -4.83
N THR A 66 -1.96 -2.02 -5.29
CA THR A 66 -2.48 -3.22 -4.64
C THR A 66 -1.70 -3.56 -3.38
N ILE A 67 -2.41 -3.81 -2.29
CA ILE A 67 -1.77 -4.15 -1.02
C ILE A 67 -2.49 -5.31 -0.34
N THR A 68 -1.72 -6.33 0.02
CA THR A 68 -2.29 -7.50 0.69
C THR A 68 -1.94 -7.52 2.18
N GLY A 69 -2.80 -8.14 2.98
CA GLY A 69 -2.56 -8.21 4.41
C GLY A 69 -3.82 -7.99 5.21
N TYR A 70 -3.69 -8.01 6.54
CA TYR A 70 -4.83 -7.81 7.43
C TYR A 70 -5.51 -6.47 7.14
N GLU A 71 -6.81 -6.53 6.83
CA GLU A 71 -7.58 -5.33 6.54
C GLU A 71 -7.11 -4.17 7.40
N LYS A 72 -6.67 -4.47 8.62
CA LYS A 72 -6.18 -3.46 9.54
C LYS A 72 -4.81 -2.95 9.14
N ASN A 73 -3.81 -3.84 9.21
CA ASN A 73 -2.45 -3.49 8.84
C ASN A 73 -2.40 -2.81 7.48
N THR A 74 -3.10 -3.39 6.52
CA THR A 74 -3.15 -2.84 5.16
C THR A 74 -3.52 -1.36 5.19
N GLU A 75 -4.54 -1.03 5.96
CA GLU A 75 -5.00 0.36 6.06
C GLU A 75 -3.90 1.25 6.67
N ALA A 76 -3.16 0.69 7.61
CA ALA A 76 -2.07 1.42 8.27
C ALA A 76 -0.92 1.68 7.31
N ALA A 77 -0.58 0.67 6.52
CA ALA A 77 0.51 0.78 5.55
C ALA A 77 0.09 1.63 4.35
N ARG A 78 -1.17 1.48 3.94
CA ARG A 78 -1.69 2.22 2.79
C ARG A 78 -1.77 3.71 3.12
N ASP A 79 -1.90 4.02 4.41
CA ASP A 79 -1.99 5.41 4.85
C ASP A 79 -0.70 6.17 4.57
N ALA A 80 0.42 5.44 4.58
CA ALA A 80 1.72 6.04 4.32
C ALA A 80 1.84 6.50 2.87
N ILE A 81 1.62 5.56 1.94
CA ILE A 81 1.71 5.86 0.52
C ILE A 81 1.05 7.21 0.21
N LEU A 82 -0.02 7.52 0.91
CA LEU A 82 -0.73 8.78 0.71
C LEU A 82 -0.04 9.92 1.45
N ARG A 83 0.17 9.73 2.75
CA ARG A 83 0.83 10.75 3.58
C ARG A 83 1.98 11.40 2.81
N ILE A 84 2.84 10.58 2.23
CA ILE A 84 3.98 11.07 1.47
C ILE A 84 3.53 11.93 0.29
N VAL A 85 2.66 11.36 -0.54
CA VAL A 85 2.16 12.06 -1.71
C VAL A 85 1.82 13.51 -1.37
N GLY A 86 0.86 13.69 -0.46
CA GLY A 86 0.46 15.03 -0.05
C GLY A 86 1.62 16.00 -0.04
N GLU A 87 2.80 15.51 0.34
CA GLU A 87 3.99 16.35 0.39
C GLU A 87 4.66 16.44 -0.97
N LEU A 88 5.04 15.29 -1.51
CA LEU A 88 5.69 15.24 -2.82
C LEU A 88 5.10 16.28 -3.76
N GLU A 89 3.77 16.37 -3.78
CA GLU A 89 3.09 17.33 -4.64
C GLU A 89 3.66 18.73 -4.48
N GLN A 90 3.75 19.19 -3.23
CA GLN A 90 4.29 20.51 -2.93
C GLN A 90 5.66 20.69 -3.56
N MET A 91 6.53 19.69 -3.36
CA MET A 91 7.88 19.74 -3.91
C MET A 91 7.86 20.00 -5.41
N SER A 92 8.62 20.99 -5.85
CA SER A 92 8.69 21.33 -7.27
C SER A 92 7.28 21.54 -7.84
N GLY A 93 6.46 22.27 -7.10
CA GLY A 93 5.09 22.53 -7.54
C GLY A 93 4.80 24.01 -7.66
N PRO A 94 3.54 24.33 -7.98
CA PRO A 94 3.10 25.73 -8.12
C PRO A 94 3.06 26.47 -6.79
N SER A 95 2.95 27.79 -6.86
CA SER A 95 2.91 28.62 -5.66
C SER A 95 1.70 28.26 -4.80
N SER A 96 1.93 27.42 -3.79
CA SER A 96 0.87 26.99 -2.89
C SER A 96 1.00 27.68 -1.53
N GLY A 97 -0.14 27.92 -0.89
CA GLY A 97 -0.13 28.57 0.41
C GLY A 97 -0.23 27.57 1.55
N GLY A 1 -14.55 -14.94 30.10
CA GLY A 1 -13.66 -14.39 29.09
C GLY A 1 -13.75 -15.12 27.77
N SER A 2 -12.68 -15.83 27.42
CA SER A 2 -12.64 -16.58 26.17
C SER A 2 -13.06 -18.02 26.38
N SER A 3 -12.43 -18.67 27.36
CA SER A 3 -12.75 -20.07 27.67
C SER A 3 -12.56 -20.95 26.44
N GLY A 4 -11.45 -20.75 25.73
CA GLY A 4 -11.19 -21.53 24.54
C GLY A 4 -11.46 -20.76 23.26
N SER A 5 -12.06 -21.43 22.29
CA SER A 5 -12.37 -20.80 21.01
C SER A 5 -13.88 -20.85 20.73
N SER A 6 -14.46 -22.03 20.90
CA SER A 6 -15.88 -22.21 20.66
C SER A 6 -16.29 -21.63 19.31
N GLY A 7 -15.49 -21.90 18.29
CA GLY A 7 -15.77 -21.40 16.96
C GLY A 7 -14.66 -21.71 15.96
N GLU A 8 -14.84 -21.26 14.73
CA GLU A 8 -13.84 -21.49 13.69
C GLU A 8 -13.21 -20.17 13.24
N GLN A 9 -11.95 -19.98 13.59
CA GLN A 9 -11.23 -18.77 13.21
C GLN A 9 -11.17 -18.60 11.70
N GLU A 10 -11.53 -17.42 11.22
CA GLU A 10 -11.52 -17.14 9.79
C GLU A 10 -10.34 -16.25 9.42
N ASP A 11 -9.13 -16.80 9.50
CA ASP A 11 -7.92 -16.06 9.18
C ASP A 11 -7.72 -16.00 7.66
N ARG A 12 -7.94 -17.12 7.00
CA ARG A 12 -7.77 -17.20 5.55
C ARG A 12 -8.46 -16.02 4.87
N ALA A 13 -9.50 -15.50 5.50
CA ALA A 13 -10.24 -14.37 4.95
C ALA A 13 -9.54 -13.04 5.28
N LEU A 14 -9.02 -12.93 6.49
CA LEU A 14 -8.34 -11.72 6.93
C LEU A 14 -7.07 -11.50 6.12
N ARG A 15 -6.40 -12.59 5.74
CA ARG A 15 -5.18 -12.51 4.96
C ARG A 15 -5.48 -12.35 3.48
N SER A 16 -6.70 -12.71 3.09
CA SER A 16 -7.13 -12.62 1.70
C SER A 16 -7.76 -11.25 1.42
N PHE A 17 -7.30 -10.24 2.14
CA PHE A 17 -7.81 -8.89 1.97
C PHE A 17 -6.96 -8.10 0.98
N LYS A 18 -7.59 -7.69 -0.13
CA LYS A 18 -6.89 -6.92 -1.15
C LYS A 18 -7.27 -5.45 -1.10
N LEU A 19 -6.28 -4.58 -0.91
CA LEU A 19 -6.51 -3.15 -0.83
C LEU A 19 -5.99 -2.44 -2.07
N SER A 20 -6.61 -1.32 -2.43
CA SER A 20 -6.20 -0.56 -3.60
C SER A 20 -6.10 0.93 -3.26
N VAL A 21 -4.89 1.47 -3.39
CA VAL A 21 -4.65 2.88 -3.10
C VAL A 21 -4.65 3.71 -4.38
N THR A 22 -5.36 4.83 -4.36
CA THR A 22 -5.45 5.72 -5.51
C THR A 22 -4.36 6.78 -5.47
N VAL A 23 -3.25 6.52 -6.13
CA VAL A 23 -2.13 7.46 -6.17
C VAL A 23 -1.53 7.53 -7.56
N ASP A 24 -1.40 8.75 -8.07
CA ASP A 24 -0.83 8.98 -9.40
C ASP A 24 0.40 8.09 -9.62
N PRO A 25 0.56 7.59 -10.85
CA PRO A 25 1.69 6.73 -11.22
C PRO A 25 3.02 7.48 -11.24
N LYS A 26 2.95 8.79 -10.97
CA LYS A 26 4.15 9.63 -10.96
C LYS A 26 4.88 9.50 -9.63
N TYR A 27 4.14 9.30 -8.55
CA TYR A 27 4.73 9.16 -7.22
C TYR A 27 5.03 7.70 -6.91
N HIS A 28 4.41 6.79 -7.68
CA HIS A 28 4.61 5.36 -7.49
C HIS A 28 6.09 5.04 -7.31
N PRO A 29 6.89 5.37 -8.34
CA PRO A 29 8.34 5.11 -8.32
C PRO A 29 9.07 6.02 -7.33
N LYS A 30 8.35 7.00 -6.79
CA LYS A 30 8.93 7.92 -5.83
C LYS A 30 8.83 7.38 -4.41
N ILE A 31 7.86 6.52 -4.19
CA ILE A 31 7.65 5.91 -2.87
C ILE A 31 8.55 4.70 -2.67
N ILE A 32 8.73 3.93 -3.73
CA ILE A 32 9.57 2.74 -3.68
C ILE A 32 10.96 3.07 -3.14
N GLY A 33 11.50 4.20 -3.58
CA GLY A 33 12.82 4.62 -3.12
C GLY A 33 13.88 4.41 -4.18
N ARG A 34 15.14 4.34 -3.74
CA ARG A 34 16.26 4.14 -4.66
C ARG A 34 16.28 2.71 -5.20
N LYS A 35 16.55 1.76 -4.31
CA LYS A 35 16.60 0.36 -4.68
C LYS A 35 15.31 -0.35 -4.30
N GLY A 36 14.65 0.16 -3.26
CA GLY A 36 13.41 -0.45 -2.81
C GLY A 36 13.42 -0.76 -1.32
N ALA A 37 14.07 0.10 -0.55
CA ALA A 37 14.16 -0.08 0.90
C ALA A 37 13.03 0.65 1.60
N VAL A 38 12.79 1.90 1.20
CA VAL A 38 11.74 2.71 1.81
C VAL A 38 10.44 1.92 1.95
N ILE A 39 9.92 1.44 0.82
CA ILE A 39 8.69 0.66 0.82
C ILE A 39 8.79 -0.52 1.76
N THR A 40 9.94 -1.20 1.75
CA THR A 40 10.16 -2.35 2.60
C THR A 40 9.86 -2.02 4.06
N GLN A 41 10.59 -1.07 4.61
CA GLN A 41 10.40 -0.66 6.00
C GLN A 41 8.92 -0.54 6.34
N ILE A 42 8.16 0.04 5.41
CA ILE A 42 6.73 0.21 5.61
C ILE A 42 5.99 -1.13 5.55
N ARG A 43 6.38 -1.97 4.60
CA ARG A 43 5.76 -3.28 4.45
C ARG A 43 5.99 -4.14 5.68
N LEU A 44 7.25 -4.27 6.09
CA LEU A 44 7.59 -5.06 7.27
C LEU A 44 6.92 -4.50 8.53
N GLU A 45 7.00 -3.18 8.69
CA GLU A 45 6.40 -2.53 9.85
C GLU A 45 4.97 -3.02 10.07
N HIS A 46 4.14 -2.84 9.04
CA HIS A 46 2.74 -3.25 9.13
C HIS A 46 2.59 -4.73 8.75
N ASP A 47 3.70 -5.36 8.41
CA ASP A 47 3.70 -6.77 8.03
C ASP A 47 2.69 -7.03 6.92
N VAL A 48 2.80 -6.28 5.83
CA VAL A 48 1.90 -6.42 4.71
C VAL A 48 2.67 -6.48 3.39
N ASN A 49 1.99 -6.89 2.32
CA ASN A 49 2.62 -6.99 1.01
C ASN A 49 2.14 -5.86 0.10
N ILE A 50 3.08 -5.01 -0.32
CA ILE A 50 2.76 -3.90 -1.19
C ILE A 50 3.35 -4.10 -2.59
N GLN A 51 2.48 -4.12 -3.60
CA GLN A 51 2.90 -4.31 -4.97
C GLN A 51 2.34 -3.21 -5.88
N PHE A 52 3.22 -2.61 -6.67
CA PHE A 52 2.82 -1.53 -7.58
C PHE A 52 2.59 -2.08 -8.99
N PRO A 53 1.70 -1.42 -9.73
CA PRO A 53 1.37 -1.81 -11.11
C PRO A 53 2.51 -1.55 -12.07
N ASP A 54 2.51 -2.26 -13.20
CA ASP A 54 3.55 -2.09 -14.21
C ASP A 54 3.02 -1.31 -15.41
N LYS A 55 3.77 -0.28 -15.80
CA LYS A 55 3.37 0.54 -16.94
C LYS A 55 3.48 -0.24 -18.25
N ASP A 56 4.41 -1.18 -18.29
CA ASP A 56 4.61 -2.00 -19.49
C ASP A 56 3.32 -2.71 -19.88
N ASP A 57 2.56 -3.14 -18.87
CA ASP A 57 1.30 -3.84 -19.11
C ASP A 57 0.27 -2.90 -19.74
N GLY A 58 -0.21 -1.94 -18.95
CA GLY A 58 -1.19 -1.00 -19.44
C GLY A 58 -2.59 -1.32 -18.96
N ASN A 59 -3.16 -2.42 -19.46
CA ASN A 59 -4.50 -2.83 -19.08
C ASN A 59 -4.76 -2.55 -17.61
N GLN A 60 -3.77 -2.86 -16.77
CA GLN A 60 -3.90 -2.64 -15.34
C GLN A 60 -3.64 -1.18 -14.99
N PRO A 61 -4.24 -0.72 -13.87
CA PRO A 61 -4.09 0.66 -13.40
C PRO A 61 -2.68 0.95 -12.88
N GLN A 62 -2.11 2.06 -13.32
CA GLN A 62 -0.77 2.44 -12.89
C GLN A 62 -0.83 3.35 -11.66
N ASP A 63 -2.01 3.87 -11.37
CA ASP A 63 -2.21 4.75 -10.22
C ASP A 63 -2.73 3.97 -9.02
N GLN A 64 -3.22 2.76 -9.26
CA GLN A 64 -3.74 1.92 -8.20
C GLN A 64 -2.65 1.05 -7.59
N ILE A 65 -2.59 1.02 -6.26
CA ILE A 65 -1.59 0.22 -5.56
C ILE A 65 -2.23 -0.92 -4.79
N THR A 66 -1.88 -2.14 -5.15
CA THR A 66 -2.43 -3.32 -4.49
C THR A 66 -1.69 -3.62 -3.19
N ILE A 67 -2.43 -4.06 -2.18
CA ILE A 67 -1.84 -4.39 -0.88
C ILE A 67 -2.58 -5.54 -0.21
N THR A 68 -1.87 -6.63 0.05
CA THR A 68 -2.46 -7.79 0.69
C THR A 68 -2.06 -7.87 2.16
N GLY A 69 -2.96 -8.41 2.98
CA GLY A 69 -2.69 -8.53 4.40
C GLY A 69 -3.91 -8.25 5.26
N TYR A 70 -3.72 -8.28 6.57
CA TYR A 70 -4.82 -8.03 7.49
C TYR A 70 -5.46 -6.66 7.23
N GLU A 71 -6.73 -6.67 6.86
CA GLU A 71 -7.46 -5.45 6.58
C GLU A 71 -6.99 -4.31 7.49
N LYS A 72 -6.62 -4.67 8.72
CA LYS A 72 -6.15 -3.69 9.69
C LYS A 72 -4.73 -3.21 9.34
N ASN A 73 -3.79 -4.14 9.36
CA ASN A 73 -2.40 -3.81 9.05
C ASN A 73 -2.30 -3.07 7.73
N THR A 74 -2.78 -3.70 6.66
CA THR A 74 -2.75 -3.09 5.34
C THR A 74 -3.05 -1.60 5.40
N GLU A 75 -4.22 -1.27 5.93
CA GLU A 75 -4.64 0.13 6.06
C GLU A 75 -3.55 0.96 6.72
N ALA A 76 -2.90 0.38 7.73
CA ALA A 76 -1.83 1.07 8.44
C ALA A 76 -0.66 1.37 7.52
N ALA A 77 -0.51 0.57 6.47
CA ALA A 77 0.57 0.76 5.51
C ALA A 77 0.12 1.61 4.33
N ARG A 78 -1.16 1.54 4.02
CA ARG A 78 -1.72 2.31 2.90
C ARG A 78 -1.78 3.80 3.24
N ASP A 79 -1.80 4.09 4.54
CA ASP A 79 -1.86 5.48 5.00
C ASP A 79 -0.54 6.19 4.72
N ALA A 80 0.55 5.43 4.68
CA ALA A 80 1.87 5.99 4.44
C ALA A 80 2.02 6.39 2.98
N ILE A 81 1.69 5.47 2.08
CA ILE A 81 1.79 5.73 0.65
C ILE A 81 1.19 7.09 0.29
N LEU A 82 0.10 7.45 0.98
CA LEU A 82 -0.57 8.71 0.73
C LEU A 82 0.16 9.86 1.43
N ARG A 83 0.35 9.74 2.74
CA ARG A 83 1.03 10.77 3.51
C ARG A 83 2.20 11.35 2.72
N ILE A 84 2.85 10.51 1.93
CA ILE A 84 3.99 10.95 1.12
C ILE A 84 3.52 11.81 -0.05
N VAL A 85 2.68 11.23 -0.90
CA VAL A 85 2.16 11.94 -2.06
C VAL A 85 1.98 13.42 -1.77
N GLY A 86 1.15 13.72 -0.78
CA GLY A 86 0.89 15.11 -0.41
C GLY A 86 2.15 15.96 -0.46
N GLU A 87 3.18 15.54 0.28
CA GLU A 87 4.44 16.28 0.32
C GLU A 87 5.05 16.38 -1.08
N LEU A 88 5.31 15.23 -1.69
CA LEU A 88 5.89 15.19 -3.03
C LEU A 88 5.36 16.34 -3.89
N GLU A 89 4.05 16.58 -3.79
CA GLU A 89 3.43 17.65 -4.57
C GLU A 89 4.06 19.00 -4.22
N GLN A 90 4.04 19.35 -2.94
CA GLN A 90 4.60 20.62 -2.49
C GLN A 90 5.91 20.92 -3.20
N MET A 91 6.82 19.94 -3.20
CA MET A 91 8.11 20.10 -3.85
C MET A 91 7.95 20.61 -5.27
N SER A 92 8.34 21.86 -5.50
CA SER A 92 8.23 22.46 -6.83
C SER A 92 9.49 23.26 -7.17
N GLY A 93 10.24 22.79 -8.16
CA GLY A 93 11.45 23.47 -8.56
C GLY A 93 12.68 22.92 -7.87
N PRO A 94 13.77 23.70 -7.86
CA PRO A 94 15.03 23.31 -7.23
C PRO A 94 14.94 23.26 -5.72
N SER A 95 13.92 23.92 -5.17
CA SER A 95 13.73 23.96 -3.73
C SER A 95 13.65 22.55 -3.15
N SER A 96 14.20 22.38 -1.95
CA SER A 96 14.21 21.08 -1.29
C SER A 96 13.11 21.00 -0.24
N GLY A 97 12.71 19.78 0.10
CA GLY A 97 11.66 19.59 1.09
C GLY A 97 12.19 19.72 2.50
N GLY A 1 -4.35 -15.00 38.48
CA GLY A 1 -4.55 -16.02 37.46
C GLY A 1 -4.35 -15.49 36.06
N SER A 2 -3.80 -16.32 35.18
CA SER A 2 -3.55 -15.93 33.80
C SER A 2 -4.37 -16.77 32.84
N SER A 3 -4.60 -16.25 31.64
CA SER A 3 -5.38 -16.95 30.63
C SER A 3 -4.51 -17.30 29.42
N GLY A 4 -5.00 -18.21 28.60
CA GLY A 4 -4.26 -18.62 27.42
C GLY A 4 -4.45 -17.67 26.25
N SER A 5 -4.23 -18.17 25.04
CA SER A 5 -4.38 -17.36 23.84
C SER A 5 -5.35 -18.00 22.86
N SER A 6 -6.32 -17.21 22.40
CA SER A 6 -7.33 -17.70 21.46
C SER A 6 -6.76 -17.75 20.04
N GLY A 7 -6.27 -16.62 19.56
CA GLY A 7 -5.71 -16.56 18.22
C GLY A 7 -6.63 -15.86 17.25
N GLU A 8 -6.09 -14.90 16.50
CA GLU A 8 -6.88 -14.15 15.53
C GLU A 8 -7.90 -15.05 14.84
N GLN A 9 -9.14 -14.58 14.78
CA GLN A 9 -10.22 -15.34 14.15
C GLN A 9 -10.42 -14.91 12.71
N GLU A 10 -10.99 -15.80 11.90
CA GLU A 10 -11.23 -15.51 10.50
C GLU A 10 -9.99 -14.92 9.84
N ASP A 11 -8.83 -15.47 10.16
CA ASP A 11 -7.57 -15.00 9.61
C ASP A 11 -7.41 -15.46 8.16
N ARG A 12 -7.66 -16.74 7.92
CA ARG A 12 -7.54 -17.31 6.58
C ARG A 12 -8.17 -16.37 5.54
N ALA A 13 -9.22 -15.65 5.95
CA ALA A 13 -9.90 -14.73 5.07
C ALA A 13 -9.30 -13.34 5.15
N LEU A 14 -8.98 -12.91 6.37
CA LEU A 14 -8.40 -11.59 6.60
C LEU A 14 -7.12 -11.42 5.79
N ARG A 15 -6.21 -12.38 5.93
CA ARG A 15 -4.94 -12.34 5.21
C ARG A 15 -5.16 -12.25 3.71
N SER A 16 -6.39 -12.50 3.28
CA SER A 16 -6.73 -12.45 1.86
C SER A 16 -7.47 -11.16 1.53
N PHE A 17 -7.00 -10.05 2.09
CA PHE A 17 -7.62 -8.76 1.86
C PHE A 17 -6.79 -7.91 0.90
N LYS A 18 -7.38 -7.54 -0.22
CA LYS A 18 -6.68 -6.73 -1.23
C LYS A 18 -7.19 -5.30 -1.20
N LEU A 19 -6.26 -4.36 -1.00
CA LEU A 19 -6.61 -2.94 -0.96
C LEU A 19 -6.05 -2.21 -2.18
N SER A 20 -6.73 -1.14 -2.58
CA SER A 20 -6.31 -0.36 -3.73
C SER A 20 -6.16 1.12 -3.36
N VAL A 21 -4.93 1.62 -3.46
CA VAL A 21 -4.65 3.02 -3.13
C VAL A 21 -4.62 3.88 -4.39
N THR A 22 -5.50 4.86 -4.46
CA THR A 22 -5.57 5.76 -5.60
C THR A 22 -4.48 6.82 -5.52
N VAL A 23 -3.45 6.67 -6.36
CA VAL A 23 -2.35 7.62 -6.40
C VAL A 23 -1.67 7.63 -7.76
N ASP A 24 -1.49 8.82 -8.32
CA ASP A 24 -0.85 8.97 -9.63
C ASP A 24 0.40 8.12 -9.71
N PRO A 25 0.65 7.54 -10.90
CA PRO A 25 1.83 6.69 -11.14
C PRO A 25 3.13 7.49 -11.14
N LYS A 26 3.01 8.80 -10.97
CA LYS A 26 4.18 9.67 -10.94
C LYS A 26 4.92 9.56 -9.61
N TYR A 27 4.22 9.05 -8.60
CA TYR A 27 4.82 8.89 -7.28
C TYR A 27 5.04 7.41 -6.95
N HIS A 28 4.34 6.54 -7.68
CA HIS A 28 4.47 5.10 -7.47
C HIS A 28 5.92 4.71 -7.22
N PRO A 29 6.79 5.03 -8.19
CA PRO A 29 8.22 4.71 -8.09
C PRO A 29 8.93 5.56 -7.04
N LYS A 30 8.33 6.70 -6.70
CA LYS A 30 8.90 7.59 -5.70
C LYS A 30 8.77 7.01 -4.29
N ILE A 31 7.71 6.22 -4.09
CA ILE A 31 7.47 5.60 -2.80
C ILE A 31 8.35 4.38 -2.60
N ILE A 32 8.40 3.51 -3.60
CA ILE A 32 9.21 2.31 -3.54
C ILE A 32 10.55 2.58 -2.88
N GLY A 33 11.18 3.68 -3.28
CA GLY A 33 12.47 4.04 -2.71
C GLY A 33 13.58 4.05 -3.75
N ARG A 34 14.70 4.68 -3.41
CA ARG A 34 15.83 4.77 -4.32
C ARG A 34 16.44 3.38 -4.56
N LYS A 35 16.71 2.66 -3.48
CA LYS A 35 17.29 1.33 -3.57
C LYS A 35 16.25 0.27 -3.23
N GLY A 36 15.10 0.70 -2.75
CA GLY A 36 14.05 -0.23 -2.40
C GLY A 36 13.97 -0.48 -0.90
N ALA A 37 14.84 0.20 -0.15
CA ALA A 37 14.87 0.04 1.31
C ALA A 37 13.76 0.84 1.97
N VAL A 38 13.22 1.81 1.23
CA VAL A 38 12.15 2.65 1.74
C VAL A 38 10.87 1.84 1.97
N ILE A 39 10.29 1.32 0.89
CA ILE A 39 9.07 0.53 0.97
C ILE A 39 9.30 -0.72 1.82
N THR A 40 10.53 -1.21 1.84
CA THR A 40 10.87 -2.40 2.61
C THR A 40 10.65 -2.17 4.10
N GLN A 41 10.85 -0.93 4.55
CA GLN A 41 10.67 -0.59 5.95
C GLN A 41 9.19 -0.63 6.34
N ILE A 42 8.35 -0.03 5.50
CA ILE A 42 6.92 0.00 5.76
C ILE A 42 6.32 -1.40 5.66
N ARG A 43 6.66 -2.11 4.59
CA ARG A 43 6.15 -3.46 4.37
C ARG A 43 6.30 -4.31 5.63
N LEU A 44 7.40 -4.09 6.36
CA LEU A 44 7.65 -4.83 7.59
C LEU A 44 6.89 -4.22 8.76
N GLU A 45 6.96 -2.90 8.89
CA GLU A 45 6.27 -2.20 9.97
C GLU A 45 4.89 -2.80 10.21
N HIS A 46 4.06 -2.79 9.17
CA HIS A 46 2.71 -3.33 9.27
C HIS A 46 2.68 -4.81 8.91
N ASP A 47 3.80 -5.30 8.37
CA ASP A 47 3.90 -6.71 7.99
C ASP A 47 2.93 -7.03 6.87
N VAL A 48 2.82 -6.14 5.90
CA VAL A 48 1.93 -6.33 4.76
C VAL A 48 2.70 -6.38 3.45
N ASN A 49 2.00 -6.69 2.37
CA ASN A 49 2.63 -6.77 1.05
C ASN A 49 2.17 -5.62 0.16
N ILE A 50 3.11 -4.82 -0.30
CA ILE A 50 2.81 -3.69 -1.16
C ILE A 50 3.39 -3.89 -2.56
N GLN A 51 2.52 -3.93 -3.55
CA GLN A 51 2.94 -4.11 -4.94
C GLN A 51 2.34 -3.03 -5.84
N PHE A 52 3.15 -2.54 -6.78
CA PHE A 52 2.70 -1.50 -7.70
C PHE A 52 2.46 -2.09 -9.09
N PRO A 53 1.52 -1.47 -9.83
CA PRO A 53 1.18 -1.91 -11.19
C PRO A 53 2.29 -1.63 -12.19
N ASP A 54 2.21 -2.27 -13.35
CA ASP A 54 3.22 -2.09 -14.40
C ASP A 54 2.62 -1.37 -15.60
N LYS A 55 3.29 -0.31 -16.04
CA LYS A 55 2.84 0.46 -17.19
C LYS A 55 2.73 -0.40 -18.43
N ASP A 56 3.71 -1.29 -18.61
CA ASP A 56 3.73 -2.19 -19.76
C ASP A 56 2.40 -2.93 -19.90
N ASP A 57 1.88 -3.41 -18.77
CA ASP A 57 0.61 -4.13 -18.76
C ASP A 57 -0.47 -3.33 -19.46
N GLY A 58 -0.85 -2.21 -18.87
CA GLY A 58 -1.88 -1.36 -19.45
C GLY A 58 -3.26 -1.68 -18.90
N ASN A 59 -3.82 -2.80 -19.33
CA ASN A 59 -5.15 -3.21 -18.88
C ASN A 59 -5.33 -2.94 -17.39
N GLN A 60 -4.23 -3.03 -16.64
CA GLN A 60 -4.27 -2.79 -15.21
C GLN A 60 -4.02 -1.33 -14.89
N PRO A 61 -4.59 -0.85 -13.77
CA PRO A 61 -4.45 0.54 -13.33
C PRO A 61 -3.03 0.85 -12.87
N GLN A 62 -2.45 1.93 -13.41
CA GLN A 62 -1.10 2.33 -13.04
C GLN A 62 -1.13 3.29 -11.86
N ASP A 63 -2.30 3.84 -11.56
CA ASP A 63 -2.46 4.78 -10.46
C ASP A 63 -2.93 4.05 -9.21
N GLN A 64 -3.39 2.82 -9.37
CA GLN A 64 -3.88 2.02 -8.25
C GLN A 64 -2.76 1.17 -7.67
N ILE A 65 -2.69 1.13 -6.34
CA ILE A 65 -1.67 0.34 -5.66
C ILE A 65 -2.27 -0.83 -4.90
N THR A 66 -1.84 -2.04 -5.24
CA THR A 66 -2.35 -3.24 -4.59
C THR A 66 -1.62 -3.51 -3.28
N ILE A 67 -2.38 -3.87 -2.25
CA ILE A 67 -1.81 -4.16 -0.94
C ILE A 67 -2.52 -5.33 -0.28
N THR A 68 -1.77 -6.40 -0.03
CA THR A 68 -2.32 -7.58 0.61
C THR A 68 -1.97 -7.63 2.10
N GLY A 69 -2.86 -8.21 2.90
CA GLY A 69 -2.63 -8.30 4.33
C GLY A 69 -3.87 -8.03 5.14
N TYR A 70 -3.78 -8.22 6.45
CA TYR A 70 -4.91 -7.99 7.34
C TYR A 70 -5.59 -6.67 7.02
N GLU A 71 -6.89 -6.73 6.75
CA GLU A 71 -7.66 -5.55 6.43
C GLU A 71 -7.20 -4.35 7.27
N LYS A 72 -6.71 -4.64 8.47
CA LYS A 72 -6.24 -3.60 9.38
C LYS A 72 -4.79 -3.23 9.07
N ASN A 73 -3.90 -4.20 9.18
CA ASN A 73 -2.48 -3.98 8.91
C ASN A 73 -2.29 -3.26 7.58
N THR A 74 -3.21 -3.48 6.65
CA THR A 74 -3.15 -2.86 5.34
C THR A 74 -3.30 -1.34 5.44
N GLU A 75 -4.46 -0.89 5.92
CA GLU A 75 -4.72 0.53 6.06
C GLU A 75 -3.50 1.25 6.64
N ALA A 76 -2.98 0.73 7.74
CA ALA A 76 -1.81 1.33 8.38
C ALA A 76 -0.70 1.59 7.37
N ALA A 77 -0.58 0.70 6.38
CA ALA A 77 0.44 0.83 5.36
C ALA A 77 -0.03 1.75 4.24
N ARG A 78 -1.26 1.56 3.79
CA ARG A 78 -1.82 2.37 2.72
C ARG A 78 -1.85 3.85 3.11
N ASP A 79 -1.89 4.11 4.42
CA ASP A 79 -1.92 5.47 4.94
C ASP A 79 -0.61 6.19 4.63
N ALA A 80 0.49 5.44 4.61
CA ALA A 80 1.80 6.01 4.34
C ALA A 80 1.91 6.44 2.87
N ILE A 81 1.56 5.54 1.97
CA ILE A 81 1.62 5.83 0.54
C ILE A 81 1.02 7.19 0.23
N LEU A 82 -0.04 7.54 0.96
CA LEU A 82 -0.71 8.83 0.75
C LEU A 82 0.06 9.95 1.45
N ARG A 83 0.24 9.83 2.75
CA ARG A 83 0.96 10.83 3.53
C ARG A 83 2.17 11.36 2.76
N ILE A 84 2.86 10.46 2.07
CA ILE A 84 4.03 10.82 1.30
C ILE A 84 3.64 11.65 0.07
N VAL A 85 2.75 11.10 -0.74
CA VAL A 85 2.29 11.79 -1.94
C VAL A 85 2.00 13.26 -1.65
N GLY A 86 1.09 13.50 -0.70
CA GLY A 86 0.73 14.86 -0.35
C GLY A 86 1.93 15.79 -0.33
N GLU A 87 3.03 15.31 0.22
CA GLU A 87 4.25 16.10 0.31
C GLU A 87 4.87 16.31 -1.07
N LEU A 88 5.18 15.21 -1.74
CA LEU A 88 5.78 15.27 -3.07
C LEU A 88 5.18 16.41 -3.89
N GLU A 89 3.91 16.69 -3.66
CA GLU A 89 3.21 17.76 -4.36
C GLU A 89 3.73 19.12 -3.93
N GLN A 90 3.64 19.39 -2.62
CA GLN A 90 4.10 20.66 -2.08
C GLN A 90 5.51 20.99 -2.57
N MET A 91 6.43 20.05 -2.39
CA MET A 91 7.80 20.24 -2.82
C MET A 91 7.90 20.28 -4.33
N SER A 92 9.09 20.60 -4.83
CA SER A 92 9.32 20.68 -6.28
C SER A 92 8.12 21.30 -6.98
N GLY A 93 7.60 22.38 -6.41
CA GLY A 93 6.45 23.05 -7.00
C GLY A 93 6.81 24.37 -7.64
N PRO A 94 5.80 25.07 -8.17
CA PRO A 94 6.00 26.37 -8.82
C PRO A 94 6.37 27.47 -7.83
N SER A 95 6.97 28.54 -8.35
CA SER A 95 7.38 29.66 -7.51
C SER A 95 6.34 30.78 -7.55
N SER A 96 5.99 31.31 -6.39
CA SER A 96 5.01 32.39 -6.30
C SER A 96 5.70 33.75 -6.37
N GLY A 97 4.95 34.75 -6.82
CA GLY A 97 5.50 36.09 -6.93
C GLY A 97 5.97 36.64 -5.59
N GLY A 1 -26.81 -27.20 21.40
CA GLY A 1 -25.86 -26.82 22.42
C GLY A 1 -24.50 -26.46 21.85
N SER A 2 -24.16 -25.17 21.93
CA SER A 2 -22.89 -24.68 21.41
C SER A 2 -21.92 -24.36 22.55
N SER A 3 -20.73 -24.94 22.49
CA SER A 3 -19.72 -24.72 23.52
C SER A 3 -19.47 -23.22 23.70
N GLY A 4 -19.33 -22.51 22.59
CA GLY A 4 -19.08 -21.08 22.65
C GLY A 4 -17.63 -20.73 22.37
N SER A 5 -17.24 -20.82 21.10
CA SER A 5 -15.87 -20.52 20.69
C SER A 5 -15.58 -19.03 20.83
N SER A 6 -14.30 -18.68 20.83
CA SER A 6 -13.89 -17.30 20.96
C SER A 6 -12.83 -16.94 19.92
N GLY A 7 -13.21 -16.07 18.98
CA GLY A 7 -12.28 -15.66 17.94
C GLY A 7 -12.85 -15.88 16.55
N GLU A 8 -11.96 -16.05 15.57
CA GLU A 8 -12.38 -16.26 14.19
C GLU A 8 -12.09 -17.69 13.74
N GLN A 9 -12.69 -18.09 12.62
CA GLN A 9 -12.49 -19.43 12.09
C GLN A 9 -12.01 -19.38 10.63
N GLU A 10 -12.39 -18.32 9.93
CA GLU A 10 -12.01 -18.14 8.53
C GLU A 10 -10.90 -17.11 8.40
N ASP A 11 -9.82 -17.30 9.14
CA ASP A 11 -8.68 -16.39 9.11
C ASP A 11 -8.16 -16.23 7.68
N ARG A 12 -8.07 -17.33 6.96
CA ARG A 12 -7.58 -17.32 5.59
C ARG A 12 -8.24 -16.20 4.79
N ALA A 13 -9.41 -15.77 5.24
CA ALA A 13 -10.14 -14.69 4.58
C ALA A 13 -9.60 -13.33 4.98
N LEU A 14 -9.20 -13.20 6.24
CA LEU A 14 -8.66 -11.94 6.75
C LEU A 14 -7.35 -11.59 6.07
N ARG A 15 -6.46 -12.57 5.97
CA ARG A 15 -5.16 -12.37 5.34
C ARG A 15 -5.31 -12.25 3.82
N SER A 16 -6.43 -12.75 3.30
CA SER A 16 -6.70 -12.70 1.87
C SER A 16 -7.45 -11.43 1.50
N PHE A 17 -7.07 -10.32 2.12
CA PHE A 17 -7.71 -9.04 1.85
C PHE A 17 -6.86 -8.19 0.90
N LYS A 18 -7.47 -7.77 -0.20
CA LYS A 18 -6.78 -6.96 -1.19
C LYS A 18 -7.29 -5.52 -1.16
N LEU A 19 -6.37 -4.57 -0.97
CA LEU A 19 -6.73 -3.16 -0.93
C LEU A 19 -6.24 -2.44 -2.19
N SER A 20 -6.92 -1.35 -2.53
CA SER A 20 -6.56 -0.57 -3.71
C SER A 20 -6.47 0.92 -3.37
N VAL A 21 -5.29 1.49 -3.55
CA VAL A 21 -5.07 2.90 -3.27
C VAL A 21 -4.98 3.71 -4.56
N THR A 22 -5.63 4.87 -4.57
CA THR A 22 -5.64 5.75 -5.74
C THR A 22 -4.53 6.79 -5.65
N VAL A 23 -3.47 6.58 -6.42
CA VAL A 23 -2.34 7.50 -6.44
C VAL A 23 -1.67 7.53 -7.80
N ASP A 24 -1.49 8.73 -8.35
CA ASP A 24 -0.86 8.89 -9.65
C ASP A 24 0.36 8.00 -9.78
N PRO A 25 0.58 7.46 -10.99
CA PRO A 25 1.71 6.58 -11.27
C PRO A 25 3.05 7.32 -11.25
N LYS A 26 3.00 8.61 -10.95
CA LYS A 26 4.20 9.44 -10.89
C LYS A 26 4.96 9.20 -9.59
N TYR A 27 4.22 9.21 -8.47
CA TYR A 27 4.83 8.99 -7.17
C TYR A 27 5.11 7.52 -6.92
N HIS A 28 4.47 6.66 -7.72
CA HIS A 28 4.65 5.23 -7.60
C HIS A 28 6.12 4.86 -7.50
N PRO A 29 6.89 5.22 -8.56
CA PRO A 29 8.32 4.94 -8.62
C PRO A 29 9.13 5.78 -7.62
N LYS A 30 8.44 6.71 -6.96
CA LYS A 30 9.08 7.58 -5.98
C LYS A 30 9.00 6.99 -4.59
N ILE A 31 7.88 6.33 -4.29
CA ILE A 31 7.69 5.71 -2.99
C ILE A 31 8.62 4.51 -2.79
N ILE A 32 8.72 3.67 -3.82
CA ILE A 32 9.58 2.49 -3.77
C ILE A 32 10.96 2.86 -3.24
N GLY A 33 11.58 3.89 -3.83
CA GLY A 33 12.89 4.31 -3.40
C GLY A 33 13.96 4.01 -4.43
N ARG A 34 15.15 4.57 -4.24
CA ARG A 34 16.25 4.36 -5.15
C ARG A 34 16.36 2.89 -5.56
N LYS A 35 16.61 2.02 -4.58
CA LYS A 35 16.73 0.59 -4.82
C LYS A 35 15.45 -0.13 -4.41
N GLY A 36 14.82 0.34 -3.35
CA GLY A 36 13.59 -0.28 -2.88
C GLY A 36 13.65 -0.61 -1.40
N ALA A 37 14.31 0.24 -0.63
CA ALA A 37 14.42 0.03 0.82
C ALA A 37 13.30 0.73 1.57
N VAL A 38 13.01 1.97 1.18
CA VAL A 38 11.96 2.75 1.82
C VAL A 38 10.68 1.93 1.97
N ILE A 39 10.18 1.42 0.84
CA ILE A 39 8.97 0.62 0.84
C ILE A 39 9.09 -0.58 1.78
N THR A 40 10.27 -1.20 1.78
CA THR A 40 10.52 -2.35 2.62
C THR A 40 10.18 -2.05 4.08
N GLN A 41 10.81 -1.02 4.63
CA GLN A 41 10.57 -0.64 6.02
C GLN A 41 9.07 -0.57 6.31
N ILE A 42 8.33 0.12 5.45
CA ILE A 42 6.90 0.26 5.62
C ILE A 42 6.21 -1.10 5.63
N ARG A 43 6.52 -1.92 4.64
CA ARG A 43 5.94 -3.26 4.54
C ARG A 43 6.22 -4.08 5.80
N LEU A 44 7.50 -4.22 6.13
CA LEU A 44 7.90 -4.97 7.31
C LEU A 44 7.30 -4.37 8.57
N GLU A 45 7.22 -3.04 8.62
CA GLU A 45 6.67 -2.35 9.76
C GLU A 45 5.25 -2.82 10.06
N HIS A 46 4.39 -2.74 9.04
CA HIS A 46 3.00 -3.16 9.18
C HIS A 46 2.84 -4.64 8.85
N ASP A 47 3.95 -5.28 8.48
CA ASP A 47 3.93 -6.70 8.13
C ASP A 47 2.94 -6.96 7.00
N VAL A 48 2.92 -6.07 6.01
CA VAL A 48 2.02 -6.21 4.88
C VAL A 48 2.79 -6.22 3.56
N ASN A 49 2.11 -6.61 2.48
CA ASN A 49 2.73 -6.66 1.17
C ASN A 49 2.20 -5.54 0.28
N ILE A 50 3.09 -4.63 -0.11
CA ILE A 50 2.71 -3.52 -0.96
C ILE A 50 3.34 -3.63 -2.35
N GLN A 51 2.51 -3.86 -3.36
CA GLN A 51 2.98 -4.00 -4.73
C GLN A 51 2.42 -2.89 -5.61
N PHE A 52 3.15 -2.55 -6.66
CA PHE A 52 2.73 -1.50 -7.59
C PHE A 52 2.47 -2.08 -8.97
N PRO A 53 1.56 -1.44 -9.73
CA PRO A 53 1.20 -1.87 -11.08
C PRO A 53 2.32 -1.65 -12.09
N ASP A 54 2.28 -2.38 -13.19
CA ASP A 54 3.30 -2.26 -14.23
C ASP A 54 2.79 -1.41 -15.38
N LYS A 55 3.51 -0.33 -15.68
CA LYS A 55 3.14 0.57 -16.76
C LYS A 55 3.16 -0.16 -18.10
N ASP A 56 3.95 -1.22 -18.19
CA ASP A 56 4.05 -2.01 -19.41
C ASP A 56 2.74 -2.74 -19.70
N ASP A 57 2.12 -3.28 -18.66
CA ASP A 57 0.87 -4.00 -18.80
C ASP A 57 -0.18 -3.12 -19.48
N GLY A 58 -0.42 -1.94 -18.92
CA GLY A 58 -1.39 -1.03 -19.49
C GLY A 58 -2.81 -1.37 -19.06
N ASN A 59 -3.34 -2.47 -19.59
CA ASN A 59 -4.70 -2.90 -19.26
C ASN A 59 -5.00 -2.63 -17.79
N GLN A 60 -4.02 -2.86 -16.93
CA GLN A 60 -4.19 -2.63 -15.50
C GLN A 60 -3.89 -1.18 -15.13
N PRO A 61 -4.53 -0.71 -14.05
CA PRO A 61 -4.35 0.67 -13.56
C PRO A 61 -2.97 0.90 -12.98
N GLN A 62 -2.28 1.93 -13.49
CA GLN A 62 -0.94 2.25 -13.01
C GLN A 62 -1.00 3.18 -11.80
N ASP A 63 -2.17 3.80 -11.59
CA ASP A 63 -2.35 4.72 -10.47
C ASP A 63 -2.90 3.98 -9.26
N GLN A 64 -3.34 2.74 -9.47
CA GLN A 64 -3.89 1.93 -8.40
C GLN A 64 -2.81 1.04 -7.78
N ILE A 65 -2.74 1.02 -6.45
CA ILE A 65 -1.76 0.22 -5.74
C ILE A 65 -2.42 -0.94 -5.01
N THR A 66 -1.87 -2.13 -5.19
CA THR A 66 -2.41 -3.33 -4.54
C THR A 66 -1.65 -3.66 -3.27
N ILE A 67 -2.38 -3.93 -2.19
CA ILE A 67 -1.77 -4.26 -0.91
C ILE A 67 -2.51 -5.41 -0.23
N THR A 68 -1.77 -6.47 0.08
CA THR A 68 -2.37 -7.64 0.73
C THR A 68 -2.05 -7.64 2.22
N GLY A 69 -2.91 -8.30 3.00
CA GLY A 69 -2.70 -8.37 4.43
C GLY A 69 -3.97 -8.12 5.22
N TYR A 70 -3.88 -8.22 6.54
CA TYR A 70 -5.04 -8.01 7.40
C TYR A 70 -5.72 -6.68 7.09
N GLU A 71 -7.01 -6.73 6.82
CA GLU A 71 -7.78 -5.54 6.50
C GLU A 71 -7.28 -4.34 7.31
N LYS A 72 -6.84 -4.60 8.53
CA LYS A 72 -6.32 -3.56 9.41
C LYS A 72 -4.89 -3.20 9.05
N ASN A 73 -3.97 -4.14 9.27
CA ASN A 73 -2.57 -3.91 8.96
C ASN A 73 -2.41 -3.20 7.62
N THR A 74 -3.28 -3.53 6.68
CA THR A 74 -3.23 -2.93 5.35
C THR A 74 -3.40 -1.42 5.43
N GLU A 75 -4.53 -0.97 5.96
CA GLU A 75 -4.81 0.45 6.09
C GLU A 75 -3.60 1.19 6.66
N ALA A 76 -3.05 0.67 7.75
CA ALA A 76 -1.89 1.27 8.39
C ALA A 76 -0.77 1.50 7.38
N ALA A 77 -0.72 0.65 6.36
CA ALA A 77 0.31 0.76 5.32
C ALA A 77 -0.14 1.69 4.21
N ARG A 78 -1.34 1.45 3.69
CA ARG A 78 -1.89 2.27 2.61
C ARG A 78 -1.94 3.73 3.01
N ASP A 79 -1.93 3.99 4.31
CA ASP A 79 -1.98 5.36 4.83
C ASP A 79 -0.70 6.10 4.49
N ALA A 80 0.44 5.47 4.72
CA ALA A 80 1.73 6.08 4.43
C ALA A 80 1.83 6.49 2.96
N ILE A 81 1.73 5.51 2.07
CA ILE A 81 1.80 5.76 0.64
C ILE A 81 1.17 7.11 0.29
N LEU A 82 0.07 7.43 0.96
CA LEU A 82 -0.63 8.69 0.71
C LEU A 82 0.06 9.84 1.44
N ARG A 83 0.24 9.70 2.75
CA ARG A 83 0.89 10.73 3.55
C ARG A 83 2.06 11.35 2.79
N ILE A 84 2.89 10.50 2.19
CA ILE A 84 4.04 10.97 1.44
C ILE A 84 3.62 11.85 0.26
N VAL A 85 2.84 11.27 -0.65
CA VAL A 85 2.36 12.00 -1.82
C VAL A 85 2.10 13.46 -1.48
N GLY A 86 1.16 13.69 -0.57
CA GLY A 86 0.82 15.06 -0.17
C GLY A 86 2.05 15.94 -0.07
N GLU A 87 3.07 15.46 0.65
CA GLU A 87 4.29 16.23 0.83
C GLU A 87 5.01 16.42 -0.50
N LEU A 88 5.37 15.31 -1.15
CA LEU A 88 6.05 15.36 -2.43
C LEU A 88 5.56 16.53 -3.27
N GLU A 89 4.24 16.74 -3.26
CA GLU A 89 3.65 17.83 -4.03
C GLU A 89 4.22 19.18 -3.61
N GLN A 90 4.10 19.47 -2.31
CA GLN A 90 4.61 20.74 -1.78
C GLN A 90 5.97 21.08 -2.38
N MET A 91 6.95 20.22 -2.13
CA MET A 91 8.30 20.44 -2.65
C MET A 91 8.26 20.80 -4.13
N SER A 92 7.56 19.99 -4.92
CA SER A 92 7.44 20.23 -6.35
C SER A 92 6.90 21.62 -6.64
N GLY A 93 7.22 22.16 -7.81
CA GLY A 93 6.75 23.49 -8.17
C GLY A 93 6.53 23.62 -9.67
N PRO A 94 5.49 22.93 -10.18
CA PRO A 94 5.15 22.97 -11.61
C PRO A 94 4.59 24.32 -12.03
N SER A 95 4.29 24.45 -13.32
CA SER A 95 3.75 25.70 -13.86
C SER A 95 2.27 25.83 -13.53
N SER A 96 1.85 27.04 -13.16
CA SER A 96 0.46 27.30 -12.82
C SER A 96 -0.23 28.09 -13.93
N GLY A 97 -1.56 28.09 -13.91
CA GLY A 97 -2.32 28.82 -14.91
C GLY A 97 -3.35 27.95 -15.60
N GLY A 1 -26.87 -25.29 34.00
CA GLY A 1 -27.67 -24.98 32.81
C GLY A 1 -27.36 -23.60 32.26
N SER A 2 -26.97 -23.56 30.98
CA SER A 2 -26.63 -22.29 30.34
C SER A 2 -26.56 -22.47 28.82
N SER A 3 -26.75 -21.37 28.10
CA SER A 3 -26.71 -21.40 26.64
C SER A 3 -26.01 -20.16 26.09
N GLY A 4 -25.78 -20.15 24.79
CA GLY A 4 -25.11 -19.01 24.15
C GLY A 4 -23.64 -19.26 23.92
N SER A 5 -23.33 -19.96 22.83
CA SER A 5 -21.95 -20.26 22.49
C SER A 5 -21.70 -20.10 20.99
N SER A 6 -20.54 -19.53 20.65
CA SER A 6 -20.19 -19.30 19.26
C SER A 6 -18.68 -19.39 19.06
N GLY A 7 -18.27 -20.01 17.96
CA GLY A 7 -16.85 -20.15 17.68
C GLY A 7 -16.56 -20.10 16.18
N GLU A 8 -17.11 -19.11 15.50
CA GLU A 8 -16.90 -18.96 14.06
C GLU A 8 -15.60 -18.21 13.78
N GLN A 9 -14.88 -18.64 12.75
CA GLN A 9 -13.63 -18.01 12.37
C GLN A 9 -13.66 -17.56 10.92
N GLU A 10 -13.26 -16.32 10.67
CA GLU A 10 -13.24 -15.77 9.32
C GLU A 10 -11.87 -15.19 8.99
N ASP A 11 -10.83 -15.88 9.43
CA ASP A 11 -9.46 -15.43 9.18
C ASP A 11 -9.06 -15.70 7.73
N ARG A 12 -9.34 -16.92 7.26
CA ARG A 12 -9.01 -17.30 5.89
C ARG A 12 -9.31 -16.16 4.92
N ALA A 13 -10.36 -15.42 5.19
CA ALA A 13 -10.76 -14.30 4.34
C ALA A 13 -10.02 -13.03 4.75
N LEU A 14 -9.89 -12.82 6.05
CA LEU A 14 -9.21 -11.64 6.57
C LEU A 14 -7.81 -11.50 5.97
N ARG A 15 -7.05 -12.58 6.01
CA ARG A 15 -5.69 -12.59 5.47
C ARG A 15 -5.72 -12.46 3.94
N SER A 16 -6.89 -12.64 3.36
CA SER A 16 -7.05 -12.57 1.91
C SER A 16 -7.63 -11.22 1.51
N PHE A 17 -7.53 -10.24 2.40
CA PHE A 17 -8.04 -8.89 2.14
C PHE A 17 -7.14 -8.15 1.16
N LYS A 18 -7.73 -7.65 0.07
CA LYS A 18 -6.98 -6.91 -0.94
C LYS A 18 -7.41 -5.46 -0.98
N LEU A 19 -6.45 -4.55 -0.80
CA LEU A 19 -6.73 -3.12 -0.82
C LEU A 19 -6.13 -2.46 -2.06
N SER A 20 -6.72 -1.35 -2.48
CA SER A 20 -6.25 -0.63 -3.64
C SER A 20 -6.14 0.87 -3.36
N VAL A 21 -4.92 1.38 -3.40
CA VAL A 21 -4.67 2.79 -3.14
C VAL A 21 -4.68 3.59 -4.44
N THR A 22 -5.35 4.75 -4.42
CA THR A 22 -5.43 5.61 -5.59
C THR A 22 -4.35 6.70 -5.54
N VAL A 23 -3.31 6.53 -6.35
CA VAL A 23 -2.23 7.50 -6.40
C VAL A 23 -1.56 7.52 -7.77
N ASP A 24 -1.43 8.70 -8.35
CA ASP A 24 -0.82 8.85 -9.66
C ASP A 24 0.44 7.99 -9.77
N PRO A 25 0.68 7.43 -10.97
CA PRO A 25 1.84 6.57 -11.23
C PRO A 25 3.14 7.36 -11.23
N LYS A 26 3.05 8.67 -11.01
CA LYS A 26 4.22 9.53 -10.98
C LYS A 26 4.98 9.36 -9.67
N TYR A 27 4.25 9.25 -8.57
CA TYR A 27 4.86 9.09 -7.25
C TYR A 27 5.16 7.63 -6.96
N HIS A 28 4.50 6.74 -7.72
CA HIS A 28 4.70 5.31 -7.55
C HIS A 28 6.18 4.96 -7.42
N PRO A 29 6.96 5.30 -8.47
CA PRO A 29 8.40 5.05 -8.49
C PRO A 29 9.17 5.93 -7.52
N LYS A 30 8.46 6.86 -6.89
CA LYS A 30 9.07 7.77 -5.93
C LYS A 30 8.92 7.24 -4.51
N ILE A 31 7.85 6.50 -4.27
CA ILE A 31 7.59 5.93 -2.95
C ILE A 31 8.50 4.74 -2.67
N ILE A 32 8.79 3.97 -3.73
CA ILE A 32 9.66 2.81 -3.60
C ILE A 32 11.00 3.19 -2.95
N GLY A 33 11.72 4.10 -3.59
CA GLY A 33 13.00 4.53 -3.06
C GLY A 33 14.13 4.33 -4.06
N ARG A 34 15.27 4.96 -3.79
CA ARG A 34 16.43 4.83 -4.67
C ARG A 34 16.75 3.37 -4.97
N LYS A 35 16.85 2.57 -3.91
CA LYS A 35 17.15 1.15 -4.05
C LYS A 35 15.90 0.30 -3.78
N GLY A 36 15.03 0.80 -2.91
CA GLY A 36 13.82 0.08 -2.58
C GLY A 36 13.74 -0.26 -1.11
N ALA A 37 14.33 0.58 -0.26
CA ALA A 37 14.32 0.36 1.17
C ALA A 37 13.08 0.96 1.81
N VAL A 38 12.82 2.22 1.50
CA VAL A 38 11.65 2.93 2.05
C VAL A 38 10.43 2.02 2.08
N ILE A 39 10.02 1.55 0.90
CA ILE A 39 8.86 0.66 0.80
C ILE A 39 9.05 -0.59 1.64
N THR A 40 10.23 -1.19 1.55
CA THR A 40 10.55 -2.40 2.30
C THR A 40 10.25 -2.22 3.78
N GLN A 41 10.72 -1.11 4.34
CA GLN A 41 10.51 -0.82 5.76
C GLN A 41 9.01 -0.76 6.08
N ILE A 42 8.23 -0.23 5.14
CA ILE A 42 6.79 -0.12 5.33
C ILE A 42 6.12 -1.49 5.25
N ARG A 43 6.60 -2.33 4.35
CA ARG A 43 6.05 -3.67 4.19
C ARG A 43 6.22 -4.50 5.46
N LEU A 44 7.37 -4.36 6.10
CA LEU A 44 7.65 -5.08 7.34
C LEU A 44 6.97 -4.42 8.52
N GLU A 45 7.07 -3.09 8.59
CA GLU A 45 6.47 -2.33 9.68
C GLU A 45 5.07 -2.86 10.00
N HIS A 46 4.19 -2.84 9.01
CA HIS A 46 2.82 -3.32 9.18
C HIS A 46 2.70 -4.79 8.78
N ASP A 47 3.82 -5.37 8.39
CA ASP A 47 3.85 -6.78 7.98
C ASP A 47 2.85 -7.03 6.85
N VAL A 48 2.86 -6.16 5.84
CA VAL A 48 1.96 -6.28 4.71
C VAL A 48 2.73 -6.31 3.40
N ASN A 49 2.10 -6.88 2.36
CA ASN A 49 2.73 -6.98 1.05
C ASN A 49 2.22 -5.87 0.12
N ILE A 50 3.14 -5.01 -0.31
CA ILE A 50 2.78 -3.91 -1.20
C ILE A 50 3.40 -4.10 -2.58
N GLN A 51 2.56 -4.06 -3.61
CA GLN A 51 3.03 -4.22 -4.99
C GLN A 51 2.48 -3.12 -5.89
N PHE A 52 3.35 -2.55 -6.71
CA PHE A 52 2.94 -1.49 -7.62
C PHE A 52 2.73 -2.02 -9.03
N PRO A 53 1.81 -1.39 -9.78
CA PRO A 53 1.49 -1.78 -11.15
C PRO A 53 2.63 -1.48 -12.12
N ASP A 54 2.63 -2.18 -13.25
CA ASP A 54 3.66 -1.99 -14.27
C ASP A 54 3.09 -1.30 -15.50
N LYS A 55 3.75 -0.23 -15.93
CA LYS A 55 3.31 0.53 -17.09
C LYS A 55 3.40 -0.31 -18.36
N ASP A 56 4.15 -1.42 -18.27
CA ASP A 56 4.32 -2.32 -19.42
C ASP A 56 3.06 -3.14 -19.65
N ASP A 57 2.39 -3.52 -18.57
CA ASP A 57 1.17 -4.31 -18.65
C ASP A 57 0.08 -3.55 -19.40
N GLY A 58 -0.31 -2.40 -18.84
CA GLY A 58 -1.34 -1.60 -19.47
C GLY A 58 -2.73 -1.91 -18.94
N ASN A 59 -3.31 -3.02 -19.40
CA ASN A 59 -4.63 -3.42 -18.97
C ASN A 59 -4.83 -3.18 -17.47
N GLN A 60 -3.72 -3.18 -16.73
CA GLN A 60 -3.76 -2.96 -15.29
C GLN A 60 -3.55 -1.49 -14.97
N PRO A 61 -4.17 -1.03 -13.87
CA PRO A 61 -4.06 0.36 -13.43
C PRO A 61 -2.66 0.70 -12.90
N GLN A 62 -2.11 1.82 -13.37
CA GLN A 62 -0.78 2.25 -12.95
C GLN A 62 -0.87 3.19 -11.75
N ASP A 63 -2.06 3.72 -11.50
CA ASP A 63 -2.28 4.63 -10.39
C ASP A 63 -2.81 3.88 -9.16
N GLN A 64 -3.24 2.64 -9.38
CA GLN A 64 -3.77 1.82 -8.29
C GLN A 64 -2.65 0.98 -7.66
N ILE A 65 -2.67 0.91 -6.33
CA ILE A 65 -1.67 0.13 -5.60
C ILE A 65 -2.31 -0.99 -4.81
N THR A 66 -1.97 -2.23 -5.16
CA THR A 66 -2.52 -3.39 -4.47
C THR A 66 -1.78 -3.66 -3.17
N ILE A 67 -2.53 -4.00 -2.13
CA ILE A 67 -1.94 -4.28 -0.82
C ILE A 67 -2.69 -5.41 -0.12
N THR A 68 -1.99 -6.49 0.16
CA THR A 68 -2.58 -7.64 0.84
C THR A 68 -2.18 -7.69 2.31
N GLY A 69 -2.98 -8.37 3.12
CA GLY A 69 -2.68 -8.47 4.54
C GLY A 69 -3.86 -8.08 5.41
N TYR A 70 -3.75 -8.34 6.71
CA TYR A 70 -4.82 -8.01 7.64
C TYR A 70 -5.44 -6.66 7.31
N GLU A 71 -6.75 -6.67 7.07
CA GLU A 71 -7.47 -5.44 6.75
C GLU A 71 -6.91 -4.25 7.53
N LYS A 72 -6.72 -4.45 8.82
CA LYS A 72 -6.19 -3.41 9.68
C LYS A 72 -4.73 -3.12 9.37
N ASN A 73 -3.98 -4.17 9.06
CA ASN A 73 -2.57 -4.03 8.74
C ASN A 73 -2.38 -3.23 7.45
N THR A 74 -3.27 -3.47 6.48
CA THR A 74 -3.20 -2.77 5.21
C THR A 74 -3.36 -1.27 5.39
N GLU A 75 -4.53 -0.86 5.86
CA GLU A 75 -4.82 0.55 6.09
C GLU A 75 -3.59 1.27 6.64
N ALA A 76 -3.00 0.71 7.68
CA ALA A 76 -1.82 1.29 8.30
C ALA A 76 -0.74 1.60 7.26
N ALA A 77 -0.57 0.70 6.31
CA ALA A 77 0.42 0.87 5.25
C ALA A 77 -0.10 1.83 4.17
N ARG A 78 -1.30 1.57 3.69
CA ARG A 78 -1.90 2.40 2.65
C ARG A 78 -1.96 3.86 3.10
N ASP A 79 -1.93 4.08 4.41
CA ASP A 79 -1.97 5.42 4.96
C ASP A 79 -0.69 6.20 4.62
N ALA A 80 0.43 5.50 4.64
CA ALA A 80 1.72 6.12 4.34
C ALA A 80 1.79 6.55 2.88
N ILE A 81 1.58 5.59 1.98
CA ILE A 81 1.63 5.88 0.55
C ILE A 81 0.96 7.21 0.23
N LEU A 82 -0.07 7.55 0.99
CA LEU A 82 -0.78 8.81 0.79
C LEU A 82 -0.05 9.96 1.48
N ARG A 83 0.18 9.82 2.77
CA ARG A 83 0.86 10.85 3.55
C ARG A 83 2.04 11.41 2.77
N ILE A 84 2.78 10.53 2.10
CA ILE A 84 3.94 10.95 1.32
C ILE A 84 3.52 11.84 0.15
N VAL A 85 2.74 11.28 -0.76
CA VAL A 85 2.27 12.01 -1.93
C VAL A 85 2.00 13.47 -1.58
N GLY A 86 1.17 13.69 -0.56
CA GLY A 86 0.85 15.04 -0.14
C GLY A 86 2.07 15.93 -0.07
N GLU A 87 3.15 15.41 0.49
CA GLU A 87 4.39 16.18 0.61
C GLU A 87 5.06 16.36 -0.75
N LEU A 88 5.24 15.25 -1.46
CA LEU A 88 5.87 15.28 -2.78
C LEU A 88 5.32 16.43 -3.62
N GLU A 89 4.05 16.78 -3.39
CA GLU A 89 3.42 17.86 -4.12
C GLU A 89 4.00 19.21 -3.71
N GLN A 90 3.98 19.49 -2.41
CA GLN A 90 4.51 20.75 -1.90
C GLN A 90 5.99 20.91 -2.25
N MET A 91 6.78 19.90 -1.89
CA MET A 91 8.21 19.92 -2.16
C MET A 91 8.50 20.59 -3.51
N SER A 92 9.68 21.19 -3.63
CA SER A 92 10.07 21.86 -4.85
C SER A 92 10.18 20.87 -6.00
N GLY A 93 9.63 21.26 -7.16
CA GLY A 93 9.68 20.39 -8.32
C GLY A 93 8.77 20.88 -9.44
N PRO A 94 9.10 20.49 -10.69
CA PRO A 94 8.31 20.88 -11.86
C PRO A 94 6.96 20.19 -11.91
N SER A 95 5.90 20.98 -11.79
CA SER A 95 4.54 20.45 -11.82
C SER A 95 3.81 20.88 -13.09
N SER A 96 3.83 22.19 -13.36
CA SER A 96 3.17 22.73 -14.54
C SER A 96 4.17 23.38 -15.48
N GLY A 97 3.88 23.35 -16.77
CA GLY A 97 4.76 23.94 -17.75
C GLY A 97 5.78 22.96 -18.29
N GLY A 1 -10.94 -3.70 26.06
CA GLY A 1 -12.28 -3.16 25.95
C GLY A 1 -13.14 -3.93 24.97
N SER A 2 -13.32 -5.22 25.22
CA SER A 2 -14.12 -6.07 24.35
C SER A 2 -14.62 -7.30 25.09
N SER A 3 -15.83 -7.73 24.75
CA SER A 3 -16.43 -8.90 25.39
C SER A 3 -15.98 -10.19 24.69
N GLY A 4 -15.28 -11.03 25.44
CA GLY A 4 -14.80 -12.29 24.89
C GLY A 4 -14.07 -12.10 23.57
N SER A 5 -12.77 -11.84 23.64
CA SER A 5 -11.95 -11.63 22.45
C SER A 5 -11.68 -12.95 21.74
N SER A 6 -11.04 -13.87 22.46
CA SER A 6 -10.71 -15.18 21.89
C SER A 6 -11.97 -15.97 21.59
N GLY A 7 -11.89 -16.86 20.61
CA GLY A 7 -13.03 -17.67 20.23
C GLY A 7 -12.94 -18.18 18.81
N GLU A 8 -13.52 -17.43 17.87
CA GLU A 8 -13.50 -17.82 16.46
C GLU A 8 -13.52 -16.59 15.56
N GLN A 9 -12.74 -16.63 14.49
CA GLN A 9 -12.66 -15.51 13.55
C GLN A 9 -12.47 -16.03 12.13
N GLU A 10 -12.48 -15.10 11.17
CA GLU A 10 -12.31 -15.45 9.76
C GLU A 10 -10.97 -14.94 9.23
N ASP A 11 -9.89 -15.46 9.79
CA ASP A 11 -8.55 -15.06 9.37
C ASP A 11 -8.29 -15.45 7.92
N ARG A 12 -8.70 -16.65 7.56
CA ARG A 12 -8.51 -17.15 6.20
C ARG A 12 -8.91 -16.08 5.17
N ALA A 13 -10.04 -15.42 5.43
CA ALA A 13 -10.53 -14.38 4.54
C ALA A 13 -9.78 -13.08 4.75
N LEU A 14 -9.57 -12.71 6.00
CA LEU A 14 -8.86 -11.48 6.34
C LEU A 14 -7.52 -11.42 5.62
N ARG A 15 -6.72 -12.47 5.77
CA ARG A 15 -5.41 -12.54 5.15
C ARG A 15 -5.52 -12.44 3.63
N SER A 16 -6.74 -12.61 3.12
CA SER A 16 -6.98 -12.54 1.69
C SER A 16 -7.60 -11.19 1.31
N PHE A 17 -7.34 -10.18 2.13
CA PHE A 17 -7.87 -8.84 1.88
C PHE A 17 -6.98 -8.07 0.92
N LYS A 18 -7.56 -7.58 -0.17
CA LYS A 18 -6.83 -6.83 -1.17
C LYS A 18 -7.27 -5.36 -1.18
N LEU A 19 -6.31 -4.47 -0.96
CA LEU A 19 -6.60 -3.04 -0.95
C LEU A 19 -6.02 -2.35 -2.18
N SER A 20 -6.64 -1.24 -2.58
CA SER A 20 -6.17 -0.50 -3.75
C SER A 20 -6.06 0.98 -3.44
N VAL A 21 -4.83 1.48 -3.40
CA VAL A 21 -4.57 2.89 -3.11
C VAL A 21 -4.58 3.72 -4.38
N THR A 22 -5.38 4.79 -4.38
CA THR A 22 -5.47 5.67 -5.53
C THR A 22 -4.42 6.77 -5.48
N VAL A 23 -3.37 6.61 -6.29
CA VAL A 23 -2.29 7.59 -6.33
C VAL A 23 -1.60 7.59 -7.70
N ASP A 24 -1.60 8.75 -8.35
CA ASP A 24 -0.97 8.88 -9.66
C ASP A 24 0.27 8.01 -9.76
N PRO A 25 0.50 7.43 -10.96
CA PRO A 25 1.65 6.56 -11.22
C PRO A 25 2.97 7.34 -11.23
N LYS A 26 2.88 8.64 -10.96
CA LYS A 26 4.07 9.49 -10.95
C LYS A 26 4.84 9.33 -9.64
N TYR A 27 4.10 9.26 -8.53
CA TYR A 27 4.71 9.10 -7.22
C TYR A 27 4.98 7.64 -6.92
N HIS A 28 4.33 6.75 -7.66
CA HIS A 28 4.49 5.32 -7.47
C HIS A 28 5.97 4.95 -7.36
N PRO A 29 6.73 5.25 -8.43
CA PRO A 29 8.17 4.97 -8.48
C PRO A 29 8.97 5.84 -7.53
N LYS A 30 8.30 6.80 -6.90
CA LYS A 30 8.94 7.72 -5.96
C LYS A 30 8.78 7.23 -4.53
N ILE A 31 7.76 6.42 -4.29
CA ILE A 31 7.50 5.88 -2.97
C ILE A 31 8.28 4.58 -2.75
N ILE A 32 8.35 3.76 -3.77
CA ILE A 32 9.07 2.49 -3.69
C ILE A 32 10.41 2.67 -2.97
N GLY A 33 11.13 3.72 -3.33
CA GLY A 33 12.42 3.98 -2.71
C GLY A 33 13.56 3.91 -3.70
N ARG A 34 14.50 4.85 -3.59
CA ARG A 34 15.64 4.90 -4.49
C ARG A 34 16.26 3.52 -4.66
N LYS A 35 16.59 2.88 -3.55
CA LYS A 35 17.19 1.55 -3.58
C LYS A 35 16.13 0.47 -3.37
N GLY A 36 15.07 0.83 -2.64
CA GLY A 36 14.00 -0.12 -2.38
C GLY A 36 13.90 -0.50 -0.92
N ALA A 37 14.80 0.03 -0.11
CA ALA A 37 14.81 -0.26 1.32
C ALA A 37 13.73 0.54 2.04
N VAL A 38 13.18 1.53 1.36
CA VAL A 38 12.12 2.36 1.94
C VAL A 38 10.81 1.61 2.03
N ILE A 39 10.18 1.37 0.88
CA ILE A 39 8.92 0.66 0.83
C ILE A 39 9.00 -0.66 1.60
N THR A 40 10.19 -1.26 1.63
CA THR A 40 10.40 -2.52 2.33
C THR A 40 10.22 -2.34 3.82
N GLN A 41 10.61 -1.18 4.33
CA GLN A 41 10.49 -0.89 5.75
C GLN A 41 9.04 -0.93 6.20
N ILE A 42 8.19 -0.14 5.55
CA ILE A 42 6.78 -0.08 5.88
C ILE A 42 6.16 -1.49 5.85
N ARG A 43 6.41 -2.21 4.77
CA ARG A 43 5.87 -3.56 4.61
C ARG A 43 6.13 -4.39 5.87
N LEU A 44 7.40 -4.47 6.27
CA LEU A 44 7.78 -5.24 7.45
C LEU A 44 7.17 -4.63 8.71
N GLU A 45 7.13 -3.29 8.76
CA GLU A 45 6.57 -2.59 9.91
C GLU A 45 5.14 -3.05 10.18
N HIS A 46 4.34 -3.11 9.12
CA HIS A 46 2.94 -3.54 9.25
C HIS A 46 2.77 -4.98 8.79
N ASP A 47 3.88 -5.69 8.64
CA ASP A 47 3.85 -7.08 8.22
C ASP A 47 2.83 -7.29 7.10
N VAL A 48 2.91 -6.45 6.07
CA VAL A 48 1.98 -6.53 4.95
C VAL A 48 2.73 -6.65 3.63
N ASN A 49 1.99 -6.79 2.53
CA ASN A 49 2.59 -6.92 1.22
C ASN A 49 2.14 -5.79 0.29
N ILE A 50 3.09 -4.97 -0.16
CA ILE A 50 2.79 -3.86 -1.05
C ILE A 50 3.43 -4.06 -2.41
N GLN A 51 2.65 -3.84 -3.46
CA GLN A 51 3.15 -3.99 -4.83
C GLN A 51 2.60 -2.88 -5.73
N PHE A 52 3.44 -2.40 -6.64
CA PHE A 52 3.05 -1.33 -7.56
C PHE A 52 2.79 -1.90 -8.95
N PRO A 53 1.83 -1.29 -9.68
CA PRO A 53 1.47 -1.71 -11.03
C PRO A 53 2.58 -1.40 -12.05
N ASP A 54 2.55 -2.11 -13.17
CA ASP A 54 3.54 -1.91 -14.22
C ASP A 54 2.92 -1.26 -15.45
N LYS A 55 3.60 -0.25 -16.00
CA LYS A 55 3.11 0.45 -17.17
C LYS A 55 3.15 -0.44 -18.40
N ASP A 56 4.01 -1.45 -18.36
CA ASP A 56 4.14 -2.38 -19.48
C ASP A 56 2.87 -3.21 -19.65
N ASP A 57 2.31 -3.67 -18.53
CA ASP A 57 1.10 -4.46 -18.56
C ASP A 57 -0.03 -3.71 -19.24
N GLY A 58 -0.38 -2.55 -18.69
CA GLY A 58 -1.46 -1.75 -19.25
C GLY A 58 -2.81 -2.11 -18.70
N ASN A 59 -3.35 -3.25 -19.13
CA ASN A 59 -4.65 -3.72 -18.68
C ASN A 59 -4.85 -3.40 -17.20
N GLN A 60 -3.76 -3.46 -16.44
CA GLN A 60 -3.82 -3.18 -15.01
C GLN A 60 -3.65 -1.69 -14.73
N PRO A 61 -4.26 -1.21 -13.63
CA PRO A 61 -4.17 0.20 -13.24
C PRO A 61 -2.79 0.59 -12.76
N GLN A 62 -2.29 1.72 -13.27
CA GLN A 62 -0.96 2.21 -12.88
C GLN A 62 -1.06 3.16 -11.70
N ASP A 63 -2.25 3.71 -11.48
CA ASP A 63 -2.47 4.64 -10.38
C ASP A 63 -2.99 3.91 -9.15
N GLN A 64 -3.26 2.61 -9.31
CA GLN A 64 -3.76 1.80 -8.20
C GLN A 64 -2.65 0.94 -7.60
N ILE A 65 -2.50 1.02 -6.29
CA ILE A 65 -1.47 0.25 -5.59
C ILE A 65 -2.07 -0.99 -4.93
N THR A 66 -1.51 -2.15 -5.27
CA THR A 66 -1.98 -3.41 -4.70
C THR A 66 -1.33 -3.69 -3.35
N ILE A 67 -2.15 -3.95 -2.35
CA ILE A 67 -1.65 -4.25 -1.00
C ILE A 67 -2.45 -5.37 -0.35
N THR A 68 -1.74 -6.41 0.09
CA THR A 68 -2.38 -7.55 0.73
C THR A 68 -2.04 -7.61 2.22
N GLY A 69 -2.90 -8.26 2.99
CA GLY A 69 -2.67 -8.38 4.42
C GLY A 69 -3.92 -8.06 5.22
N TYR A 70 -3.81 -8.14 6.54
CA TYR A 70 -4.93 -7.87 7.43
C TYR A 70 -5.58 -6.53 7.09
N GLU A 71 -6.86 -6.58 6.76
CA GLU A 71 -7.61 -5.37 6.41
C GLU A 71 -7.12 -4.17 7.24
N LYS A 72 -6.81 -4.43 8.51
CA LYS A 72 -6.33 -3.38 9.41
C LYS A 72 -4.90 -3.00 9.08
N ASN A 73 -3.98 -3.97 9.21
CA ASN A 73 -2.58 -3.72 8.92
C ASN A 73 -2.41 -2.95 7.63
N THR A 74 -3.09 -3.41 6.57
CA THR A 74 -3.01 -2.77 5.27
C THR A 74 -3.13 -1.26 5.40
N GLU A 75 -4.29 -0.80 5.86
CA GLU A 75 -4.53 0.64 6.03
C GLU A 75 -3.30 1.33 6.60
N ALA A 76 -2.83 0.85 7.74
CA ALA A 76 -1.66 1.42 8.40
C ALA A 76 -0.55 1.70 7.38
N ALA A 77 -0.42 0.82 6.41
CA ALA A 77 0.60 0.97 5.38
C ALA A 77 0.13 1.89 4.26
N ARG A 78 -1.05 1.59 3.71
CA ARG A 78 -1.62 2.39 2.63
C ARG A 78 -1.72 3.86 3.04
N ASP A 79 -1.71 4.10 4.34
CA ASP A 79 -1.80 5.45 4.87
C ASP A 79 -0.51 6.23 4.61
N ALA A 80 0.59 5.49 4.51
CA ALA A 80 1.90 6.11 4.26
C ALA A 80 2.00 6.62 2.83
N ILE A 81 1.72 5.74 1.87
CA ILE A 81 1.79 6.11 0.46
C ILE A 81 1.14 7.47 0.22
N LEU A 82 0.07 7.74 0.95
CA LEU A 82 -0.65 9.01 0.81
C LEU A 82 0.08 10.12 1.58
N ARG A 83 0.41 9.85 2.83
CA ARG A 83 1.11 10.82 3.67
C ARG A 83 2.22 11.51 2.88
N ILE A 84 2.84 10.76 1.97
CA ILE A 84 3.93 11.31 1.16
C ILE A 84 3.38 12.11 -0.01
N VAL A 85 2.62 11.45 -0.88
CA VAL A 85 2.05 12.10 -2.05
C VAL A 85 1.69 13.56 -1.74
N GLY A 86 1.25 13.80 -0.51
CA GLY A 86 0.88 15.15 -0.11
C GLY A 86 2.07 16.09 -0.08
N GLU A 87 3.15 15.67 0.56
CA GLU A 87 4.35 16.49 0.66
C GLU A 87 5.04 16.60 -0.69
N LEU A 88 5.03 15.50 -1.45
CA LEU A 88 5.66 15.47 -2.77
C LEU A 88 5.05 16.52 -3.68
N GLU A 89 3.72 16.59 -3.70
CA GLU A 89 3.01 17.57 -4.53
C GLU A 89 3.62 18.95 -4.38
N GLN A 90 3.75 19.41 -3.14
CA GLN A 90 4.32 20.73 -2.87
C GLN A 90 5.77 20.80 -3.31
N MET A 91 6.50 19.70 -3.10
CA MET A 91 7.91 19.64 -3.48
C MET A 91 8.06 19.29 -4.96
N SER A 92 8.07 20.32 -5.81
CA SER A 92 8.20 20.12 -7.25
C SER A 92 8.52 21.44 -7.94
N GLY A 93 9.34 21.36 -8.99
CA GLY A 93 9.72 22.55 -9.74
C GLY A 93 11.17 22.92 -9.54
N PRO A 94 11.69 23.80 -10.40
CA PRO A 94 13.08 24.25 -10.34
C PRO A 94 13.35 25.14 -9.15
N SER A 95 14.03 24.60 -8.14
CA SER A 95 14.35 25.36 -6.94
C SER A 95 15.27 26.53 -7.26
N SER A 96 14.70 27.73 -7.34
CA SER A 96 15.47 28.92 -7.64
C SER A 96 15.30 29.97 -6.55
N GLY A 97 16.25 30.89 -6.47
CA GLY A 97 16.19 31.94 -5.45
C GLY A 97 17.07 33.13 -5.80
N GLY A 1 -23.11 -34.16 26.30
CA GLY A 1 -23.49 -33.13 25.35
C GLY A 1 -22.37 -32.80 24.38
N SER A 2 -22.13 -31.51 24.17
CA SER A 2 -21.09 -31.06 23.25
C SER A 2 -20.47 -29.76 23.74
N SER A 3 -19.15 -29.74 23.87
CA SER A 3 -18.43 -28.57 24.33
C SER A 3 -17.11 -28.40 23.59
N GLY A 4 -16.56 -27.19 23.62
CA GLY A 4 -15.30 -26.93 22.94
C GLY A 4 -14.56 -25.74 23.53
N SER A 5 -14.48 -24.66 22.76
CA SER A 5 -13.80 -23.46 23.21
C SER A 5 -14.18 -22.26 22.36
N SER A 6 -13.99 -21.05 22.90
CA SER A 6 -14.32 -19.83 22.18
C SER A 6 -13.09 -19.25 21.50
N GLY A 7 -13.28 -18.74 20.28
CA GLY A 7 -12.17 -18.16 19.55
C GLY A 7 -12.55 -17.83 18.11
N GLU A 8 -11.59 -17.32 17.35
CA GLU A 8 -11.83 -16.97 15.95
C GLU A 8 -10.83 -17.67 15.04
N GLN A 9 -11.34 -18.27 13.96
CA GLN A 9 -10.50 -18.98 13.01
C GLN A 9 -10.76 -18.50 11.58
N GLU A 10 -11.10 -17.23 11.45
CA GLU A 10 -11.39 -16.64 10.14
C GLU A 10 -10.23 -15.76 9.68
N ASP A 11 -9.02 -16.24 9.85
CA ASP A 11 -7.83 -15.49 9.45
C ASP A 11 -7.53 -15.69 7.97
N ARG A 12 -7.49 -16.95 7.54
CA ARG A 12 -7.21 -17.28 6.14
C ARG A 12 -7.88 -16.28 5.21
N ALA A 13 -9.04 -15.77 5.63
CA ALA A 13 -9.77 -14.80 4.83
C ALA A 13 -9.19 -13.40 4.98
N LEU A 14 -8.93 -13.01 6.22
CA LEU A 14 -8.37 -11.69 6.51
C LEU A 14 -7.08 -11.47 5.72
N ARG A 15 -6.16 -12.41 5.82
CA ARG A 15 -4.89 -12.32 5.11
C ARG A 15 -5.11 -12.23 3.61
N SER A 16 -6.32 -12.54 3.17
CA SER A 16 -6.67 -12.51 1.75
C SER A 16 -7.42 -11.23 1.41
N PHE A 17 -7.03 -10.13 2.04
CA PHE A 17 -7.68 -8.84 1.80
C PHE A 17 -6.85 -7.98 0.85
N LYS A 18 -7.45 -7.57 -0.25
CA LYS A 18 -6.77 -6.73 -1.23
C LYS A 18 -7.28 -5.30 -1.18
N LEU A 19 -6.36 -4.36 -0.97
CA LEU A 19 -6.72 -2.94 -0.90
C LEU A 19 -6.23 -2.20 -2.14
N SER A 20 -7.01 -1.22 -2.58
CA SER A 20 -6.67 -0.43 -3.75
C SER A 20 -6.49 1.04 -3.39
N VAL A 21 -5.27 1.54 -3.53
CA VAL A 21 -4.98 2.94 -3.21
C VAL A 21 -4.87 3.78 -4.48
N THR A 22 -5.54 4.92 -4.49
CA THR A 22 -5.51 5.81 -5.64
C THR A 22 -4.38 6.84 -5.53
N VAL A 23 -3.34 6.64 -6.34
CA VAL A 23 -2.20 7.55 -6.33
C VAL A 23 -1.54 7.62 -7.70
N ASP A 24 -1.30 8.83 -8.18
CA ASP A 24 -0.68 9.03 -9.49
C ASP A 24 0.51 8.10 -9.67
N PRO A 25 0.65 7.55 -10.88
CA PRO A 25 1.74 6.62 -11.21
C PRO A 25 3.09 7.32 -11.26
N LYS A 26 3.09 8.63 -11.01
CA LYS A 26 4.32 9.42 -11.03
C LYS A 26 5.05 9.30 -9.70
N TYR A 27 4.31 9.06 -8.62
CA TYR A 27 4.90 8.93 -7.29
C TYR A 27 5.19 7.47 -6.98
N HIS A 28 4.54 6.56 -7.71
CA HIS A 28 4.74 5.13 -7.50
C HIS A 28 6.22 4.81 -7.37
N PRO A 29 7.00 5.12 -8.41
CA PRO A 29 8.45 4.86 -8.43
C PRO A 29 9.21 5.77 -7.47
N LYS A 30 8.50 6.71 -6.86
CA LYS A 30 9.11 7.64 -5.92
C LYS A 30 8.98 7.12 -4.48
N ILE A 31 7.90 6.38 -4.23
CA ILE A 31 7.65 5.82 -2.90
C ILE A 31 8.58 4.65 -2.62
N ILE A 32 8.84 3.84 -3.65
CA ILE A 32 9.72 2.68 -3.51
C ILE A 32 11.03 3.05 -2.81
N GLY A 33 11.61 4.18 -3.23
CA GLY A 33 12.85 4.63 -2.64
C GLY A 33 14.03 4.49 -3.58
N ARG A 34 15.14 5.13 -3.23
CA ARG A 34 16.35 5.08 -4.06
C ARG A 34 16.60 3.65 -4.56
N LYS A 35 16.80 2.73 -3.63
CA LYS A 35 17.04 1.34 -3.97
C LYS A 35 15.78 0.49 -3.78
N GLY A 36 15.00 0.83 -2.76
CA GLY A 36 13.77 0.10 -2.50
C GLY A 36 13.67 -0.34 -1.05
N ALA A 37 14.22 0.47 -0.15
CA ALA A 37 14.19 0.16 1.28
C ALA A 37 12.97 0.79 1.95
N VAL A 38 12.73 2.05 1.64
CA VAL A 38 11.59 2.78 2.21
C VAL A 38 10.32 1.94 2.15
N ILE A 39 10.08 1.33 1.01
CA ILE A 39 8.89 0.49 0.83
C ILE A 39 9.00 -0.79 1.64
N THR A 40 10.23 -1.29 1.79
CA THR A 40 10.45 -2.51 2.55
C THR A 40 10.22 -2.30 4.04
N GLN A 41 10.68 -1.15 4.55
CA GLN A 41 10.52 -0.83 5.96
C GLN A 41 9.04 -0.74 6.33
N ILE A 42 8.26 -0.09 5.48
CA ILE A 42 6.83 0.06 5.72
C ILE A 42 6.11 -1.29 5.67
N ARG A 43 6.49 -2.11 4.69
CA ARG A 43 5.89 -3.43 4.54
C ARG A 43 6.12 -4.29 5.78
N LEU A 44 7.38 -4.39 6.20
CA LEU A 44 7.73 -5.18 7.37
C LEU A 44 7.12 -4.58 8.63
N GLU A 45 7.13 -3.26 8.71
CA GLU A 45 6.58 -2.56 9.87
C GLU A 45 5.18 -3.07 10.19
N HIS A 46 4.29 -3.04 9.20
CA HIS A 46 2.92 -3.50 9.38
C HIS A 46 2.78 -4.97 8.97
N ASP A 47 3.89 -5.56 8.56
CA ASP A 47 3.90 -6.96 8.13
C ASP A 47 2.91 -7.18 6.99
N VAL A 48 2.88 -6.25 6.04
CA VAL A 48 1.99 -6.35 4.90
C VAL A 48 2.77 -6.43 3.59
N ASN A 49 2.04 -6.55 2.48
CA ASN A 49 2.67 -6.65 1.17
C ASN A 49 2.13 -5.56 0.23
N ILE A 50 3.03 -4.71 -0.26
CA ILE A 50 2.64 -3.64 -1.17
C ILE A 50 3.25 -3.85 -2.55
N GLN A 51 2.39 -4.01 -3.55
CA GLN A 51 2.84 -4.22 -4.92
C GLN A 51 2.25 -3.17 -5.86
N PHE A 52 3.10 -2.57 -6.68
CA PHE A 52 2.65 -1.55 -7.62
C PHE A 52 2.35 -2.16 -8.99
N PRO A 53 1.44 -1.52 -9.73
CA PRO A 53 1.04 -1.97 -11.07
C PRO A 53 2.15 -1.80 -12.10
N ASP A 54 2.07 -2.54 -13.19
CA ASP A 54 3.06 -2.46 -14.24
C ASP A 54 2.53 -1.68 -15.44
N LYS A 55 3.29 -0.69 -15.88
CA LYS A 55 2.90 0.15 -17.01
C LYS A 55 2.77 -0.68 -18.28
N ASP A 56 3.77 -1.52 -18.53
CA ASP A 56 3.76 -2.39 -19.70
C ASP A 56 2.43 -3.13 -19.84
N ASP A 57 1.92 -3.62 -18.73
CA ASP A 57 0.65 -4.34 -18.72
C ASP A 57 -0.43 -3.56 -19.45
N GLY A 58 -0.75 -2.38 -18.92
CA GLY A 58 -1.76 -1.54 -19.53
C GLY A 58 -3.15 -1.84 -19.02
N ASN A 59 -3.72 -2.95 -19.46
CA ASN A 59 -5.06 -3.35 -19.03
C ASN A 59 -5.27 -3.04 -17.56
N GLN A 60 -4.20 -3.15 -16.77
CA GLN A 60 -4.28 -2.87 -15.33
C GLN A 60 -3.98 -1.40 -15.06
N PRO A 61 -4.56 -0.88 -13.97
CA PRO A 61 -4.37 0.52 -13.55
C PRO A 61 -2.96 0.79 -13.05
N GLN A 62 -2.39 1.92 -13.46
CA GLN A 62 -1.04 2.29 -13.04
C GLN A 62 -1.08 3.23 -11.85
N ASP A 63 -2.23 3.87 -11.63
CA ASP A 63 -2.40 4.80 -10.52
C ASP A 63 -2.96 4.07 -9.30
N GLN A 64 -3.38 2.83 -9.49
CA GLN A 64 -3.94 2.04 -8.39
C GLN A 64 -2.89 1.10 -7.81
N ILE A 65 -2.76 1.12 -6.48
CA ILE A 65 -1.79 0.28 -5.80
C ILE A 65 -2.46 -0.92 -5.14
N THR A 66 -1.79 -2.06 -5.16
CA THR A 66 -2.32 -3.29 -4.58
C THR A 66 -1.59 -3.64 -3.28
N ILE A 67 -2.35 -3.73 -2.18
CA ILE A 67 -1.77 -4.06 -0.89
C ILE A 67 -2.51 -5.24 -0.25
N THR A 68 -1.77 -6.30 0.08
CA THR A 68 -2.35 -7.47 0.70
C THR A 68 -1.99 -7.56 2.18
N GLY A 69 -2.88 -8.16 2.96
CA GLY A 69 -2.64 -8.28 4.39
C GLY A 69 -3.88 -8.04 5.21
N TYR A 70 -3.75 -8.17 6.54
CA TYR A 70 -4.88 -7.96 7.43
C TYR A 70 -5.56 -6.62 7.16
N GLU A 71 -6.86 -6.67 6.89
CA GLU A 71 -7.63 -5.46 6.60
C GLU A 71 -7.12 -4.29 7.43
N LYS A 72 -6.64 -4.58 8.63
CA LYS A 72 -6.12 -3.56 9.53
C LYS A 72 -4.69 -3.18 9.17
N ASN A 73 -3.79 -4.16 9.25
CA ASN A 73 -2.38 -3.93 8.93
C ASN A 73 -2.24 -3.24 7.58
N THR A 74 -3.19 -3.48 6.69
CA THR A 74 -3.17 -2.87 5.37
C THR A 74 -3.29 -1.35 5.46
N GLU A 75 -4.39 -0.88 6.03
CA GLU A 75 -4.62 0.55 6.17
C GLU A 75 -3.39 1.24 6.76
N ALA A 76 -2.89 0.71 7.87
CA ALA A 76 -1.73 1.27 8.53
C ALA A 76 -0.59 1.50 7.54
N ALA A 77 -0.58 0.71 6.47
CA ALA A 77 0.45 0.82 5.45
C ALA A 77 0.01 1.76 4.33
N ARG A 78 -1.20 1.56 3.83
CA ARG A 78 -1.74 2.40 2.75
C ARG A 78 -1.78 3.86 3.18
N ASP A 79 -1.78 4.09 4.49
CA ASP A 79 -1.82 5.44 5.02
C ASP A 79 -0.52 6.19 4.71
N ALA A 80 0.58 5.44 4.61
CA ALA A 80 1.87 6.02 4.32
C ALA A 80 1.98 6.45 2.86
N ILE A 81 1.72 5.50 1.96
CA ILE A 81 1.78 5.77 0.53
C ILE A 81 1.13 7.10 0.19
N LEU A 82 0.05 7.42 0.89
CA LEU A 82 -0.67 8.67 0.66
C LEU A 82 0.04 9.84 1.34
N ARG A 83 0.23 9.71 2.65
CA ARG A 83 0.91 10.77 3.42
C ARG A 83 2.05 11.38 2.62
N ILE A 84 2.81 10.53 1.93
CA ILE A 84 3.94 10.98 1.13
C ILE A 84 3.46 11.88 -0.01
N VAL A 85 2.65 11.34 -0.90
CA VAL A 85 2.13 12.09 -2.04
C VAL A 85 1.86 13.54 -1.66
N GLY A 86 1.00 13.75 -0.67
CA GLY A 86 0.68 15.09 -0.23
C GLY A 86 1.90 15.98 -0.17
N GLU A 87 3.00 15.46 0.33
CA GLU A 87 4.23 16.22 0.44
C GLU A 87 4.89 16.39 -0.93
N LEU A 88 5.20 15.27 -1.57
CA LEU A 88 5.83 15.29 -2.89
C LEU A 88 5.27 16.42 -3.74
N GLU A 89 3.96 16.65 -3.63
CA GLU A 89 3.31 17.70 -4.39
C GLU A 89 3.82 19.07 -3.97
N GLN A 90 3.66 19.40 -2.69
CA GLN A 90 4.11 20.68 -2.16
C GLN A 90 5.60 20.65 -1.85
N MET A 91 6.37 19.98 -2.70
CA MET A 91 7.82 19.88 -2.52
C MET A 91 8.56 20.23 -3.81
N SER A 92 9.27 21.36 -3.79
CA SER A 92 10.01 21.81 -4.96
C SER A 92 10.79 20.65 -5.58
N GLY A 93 10.58 20.43 -6.86
CA GLY A 93 11.27 19.36 -7.56
C GLY A 93 11.07 19.42 -9.06
N PRO A 94 12.09 18.99 -9.82
CA PRO A 94 12.05 18.99 -11.29
C PRO A 94 11.09 17.94 -11.83
N SER A 95 10.04 18.40 -12.51
CA SER A 95 9.05 17.51 -13.09
C SER A 95 8.03 18.29 -13.91
N SER A 96 7.42 17.60 -14.89
CA SER A 96 6.43 18.23 -15.75
C SER A 96 5.26 17.29 -16.01
N GLY A 97 4.12 17.85 -16.39
CA GLY A 97 2.95 17.05 -16.66
C GLY A 97 2.09 16.84 -15.44
N GLY A 1 -20.72 -32.30 18.01
CA GLY A 1 -20.06 -31.02 18.18
C GLY A 1 -19.37 -30.89 19.52
N SER A 2 -18.72 -29.76 19.75
CA SER A 2 -18.01 -29.52 21.00
C SER A 2 -18.87 -28.70 21.96
N SER A 3 -18.57 -28.81 23.26
CA SER A 3 -19.31 -28.09 24.27
C SER A 3 -19.52 -26.63 23.88
N GLY A 4 -18.42 -25.90 23.73
CA GLY A 4 -18.49 -24.50 23.36
C GLY A 4 -17.28 -24.04 22.58
N SER A 5 -17.16 -24.53 21.34
CA SER A 5 -16.02 -24.18 20.49
C SER A 5 -15.78 -22.66 20.52
N SER A 6 -14.77 -22.24 21.27
CA SER A 6 -14.43 -20.83 21.38
C SER A 6 -13.19 -20.50 20.57
N GLY A 7 -13.14 -19.28 20.04
CA GLY A 7 -12.01 -18.86 19.25
C GLY A 7 -12.37 -18.62 17.80
N GLU A 8 -12.05 -17.43 17.29
CA GLU A 8 -12.35 -17.08 15.92
C GLU A 8 -11.14 -17.35 15.01
N GLN A 9 -10.01 -16.75 15.35
CA GLN A 9 -8.79 -16.92 14.57
C GLN A 9 -9.10 -16.95 13.07
N GLU A 10 -9.92 -16.00 12.62
CA GLU A 10 -10.29 -15.93 11.22
C GLU A 10 -9.21 -15.20 10.40
N ASP A 11 -7.97 -15.65 10.54
CA ASP A 11 -6.86 -15.06 9.82
C ASP A 11 -6.78 -15.58 8.39
N ARG A 12 -7.18 -16.84 8.21
CA ARG A 12 -7.16 -17.46 6.89
C ARG A 12 -7.87 -16.58 5.86
N ALA A 13 -8.92 -15.90 6.30
CA ALA A 13 -9.69 -15.03 5.43
C ALA A 13 -9.16 -13.59 5.49
N LEU A 14 -8.91 -13.11 6.70
CA LEU A 14 -8.40 -11.76 6.88
C LEU A 14 -7.18 -11.50 6.00
N ARG A 15 -6.22 -12.41 6.04
CA ARG A 15 -5.01 -12.29 5.25
C ARG A 15 -5.35 -12.21 3.76
N SER A 16 -6.56 -12.63 3.41
CA SER A 16 -6.99 -12.61 2.02
C SER A 16 -7.72 -11.31 1.69
N PHE A 17 -7.19 -10.20 2.19
CA PHE A 17 -7.78 -8.89 1.96
C PHE A 17 -6.93 -8.07 0.99
N LYS A 18 -7.53 -7.66 -0.12
CA LYS A 18 -6.84 -6.87 -1.12
C LYS A 18 -7.30 -5.41 -1.10
N LEU A 19 -6.36 -4.50 -0.93
CA LEU A 19 -6.68 -3.07 -0.89
C LEU A 19 -6.13 -2.37 -2.14
N SER A 20 -6.77 -1.25 -2.50
CA SER A 20 -6.35 -0.48 -3.65
C SER A 20 -6.19 1.00 -3.30
N VAL A 21 -4.96 1.48 -3.40
CA VAL A 21 -4.66 2.87 -3.08
C VAL A 21 -4.60 3.72 -4.34
N THR A 22 -5.49 4.71 -4.44
CA THR A 22 -5.54 5.59 -5.59
C THR A 22 -4.45 6.66 -5.51
N VAL A 23 -3.43 6.52 -6.34
CA VAL A 23 -2.33 7.49 -6.36
C VAL A 23 -1.70 7.57 -7.75
N ASP A 24 -1.42 8.80 -8.19
CA ASP A 24 -0.82 9.01 -9.50
C ASP A 24 0.38 8.09 -9.71
N PRO A 25 0.51 7.55 -10.93
CA PRO A 25 1.60 6.65 -11.29
C PRO A 25 2.95 7.36 -11.36
N LYS A 26 2.94 8.66 -11.08
CA LYS A 26 4.16 9.46 -11.11
C LYS A 26 4.90 9.37 -9.77
N TYR A 27 4.14 9.15 -8.70
CA TYR A 27 4.72 9.05 -7.36
C TYR A 27 5.03 7.60 -7.02
N HIS A 28 4.44 6.67 -7.77
CA HIS A 28 4.66 5.25 -7.55
C HIS A 28 6.15 4.94 -7.40
N PRO A 29 6.92 5.25 -8.44
CA PRO A 29 8.37 5.02 -8.45
C PRO A 29 9.11 5.96 -7.50
N LYS A 30 8.39 6.89 -6.91
CA LYS A 30 8.97 7.85 -5.98
C LYS A 30 8.87 7.34 -4.55
N ILE A 31 7.87 6.51 -4.29
CA ILE A 31 7.67 5.95 -2.96
C ILE A 31 8.60 4.77 -2.71
N ILE A 32 8.73 3.90 -3.70
CA ILE A 32 9.60 2.73 -3.58
C ILE A 32 10.93 3.10 -2.94
N GLY A 33 11.55 4.16 -3.45
CA GLY A 33 12.82 4.60 -2.90
C GLY A 33 13.96 4.41 -3.89
N ARG A 34 15.04 5.17 -3.70
CA ARG A 34 16.20 5.08 -4.57
C ARG A 34 16.50 3.63 -4.93
N LYS A 35 16.78 2.82 -3.91
CA LYS A 35 17.09 1.40 -4.12
C LYS A 35 15.86 0.54 -3.85
N GLY A 36 15.07 0.94 -2.86
CA GLY A 36 13.87 0.19 -2.51
C GLY A 36 13.83 -0.19 -1.05
N ALA A 37 14.39 0.66 -0.20
CA ALA A 37 14.42 0.40 1.24
C ALA A 37 13.20 1.00 1.93
N VAL A 38 12.89 2.24 1.59
CA VAL A 38 11.75 2.94 2.17
C VAL A 38 10.51 2.05 2.19
N ILE A 39 10.02 1.70 1.01
CA ILE A 39 8.85 0.85 0.89
C ILE A 39 9.00 -0.42 1.72
N THR A 40 10.19 -1.00 1.69
CA THR A 40 10.46 -2.22 2.44
C THR A 40 10.19 -2.02 3.93
N GLN A 41 10.75 -0.95 4.48
CA GLN A 41 10.56 -0.65 5.90
C GLN A 41 9.09 -0.70 6.28
N ILE A 42 8.25 -0.03 5.50
CA ILE A 42 6.81 -0.01 5.76
C ILE A 42 6.22 -1.40 5.65
N ARG A 43 6.56 -2.11 4.57
CA ARG A 43 6.06 -3.46 4.35
C ARG A 43 6.29 -4.34 5.58
N LEU A 44 7.45 -4.17 6.21
CA LEU A 44 7.78 -4.95 7.40
C LEU A 44 7.13 -4.35 8.65
N GLU A 45 7.10 -3.03 8.71
CA GLU A 45 6.50 -2.32 9.84
C GLU A 45 5.09 -2.83 10.11
N HIS A 46 4.28 -2.88 9.05
CA HIS A 46 2.90 -3.34 9.17
C HIS A 46 2.79 -4.83 8.85
N ASP A 47 3.89 -5.41 8.35
CA ASP A 47 3.93 -6.82 8.01
C ASP A 47 2.96 -7.12 6.87
N VAL A 48 2.82 -6.17 5.94
CA VAL A 48 1.94 -6.32 4.80
C VAL A 48 2.72 -6.33 3.49
N ASN A 49 2.05 -6.73 2.41
CA ASN A 49 2.69 -6.79 1.10
C ASN A 49 2.21 -5.64 0.22
N ILE A 50 3.14 -4.84 -0.27
CA ILE A 50 2.80 -3.71 -1.13
C ILE A 50 3.42 -3.88 -2.52
N GLN A 51 2.56 -4.04 -3.53
CA GLN A 51 3.03 -4.21 -4.90
C GLN A 51 2.41 -3.15 -5.81
N PHE A 52 3.22 -2.63 -6.72
CA PHE A 52 2.76 -1.61 -7.66
C PHE A 52 2.46 -2.22 -9.03
N PRO A 53 1.54 -1.58 -9.77
CA PRO A 53 1.14 -2.05 -11.10
C PRO A 53 2.25 -1.84 -12.13
N ASP A 54 2.11 -2.51 -13.28
CA ASP A 54 3.09 -2.40 -14.34
C ASP A 54 2.55 -1.57 -15.51
N LYS A 55 3.28 -0.52 -15.87
CA LYS A 55 2.88 0.35 -16.96
C LYS A 55 2.74 -0.42 -18.27
N ASP A 56 3.75 -1.25 -18.56
CA ASP A 56 3.75 -2.06 -19.78
C ASP A 56 2.43 -2.81 -19.92
N ASP A 57 1.95 -3.38 -18.84
CA ASP A 57 0.70 -4.13 -18.84
C ASP A 57 -0.40 -3.34 -19.56
N GLY A 58 -0.76 -2.19 -18.99
CA GLY A 58 -1.80 -1.37 -19.58
C GLY A 58 -3.17 -1.69 -19.04
N ASN A 59 -3.76 -2.78 -19.54
CA ASN A 59 -5.09 -3.20 -19.12
C ASN A 59 -5.28 -2.93 -17.62
N GLN A 60 -4.22 -3.08 -16.85
CA GLN A 60 -4.27 -2.86 -15.41
C GLN A 60 -3.98 -1.40 -15.08
N PRO A 61 -4.54 -0.92 -13.95
CA PRO A 61 -4.35 0.46 -13.50
C PRO A 61 -2.93 0.72 -13.01
N GLN A 62 -2.38 1.86 -13.39
CA GLN A 62 -1.03 2.24 -12.98
C GLN A 62 -1.05 3.13 -11.76
N ASP A 63 -2.17 3.83 -11.56
CA ASP A 63 -2.32 4.73 -10.42
C ASP A 63 -2.84 3.97 -9.19
N GLN A 64 -3.31 2.75 -9.42
CA GLN A 64 -3.84 1.92 -8.33
C GLN A 64 -2.74 1.05 -7.74
N ILE A 65 -2.66 1.03 -6.42
CA ILE A 65 -1.66 0.23 -5.73
C ILE A 65 -2.29 -0.95 -5.00
N THR A 66 -1.80 -2.15 -5.27
CA THR A 66 -2.33 -3.35 -4.64
C THR A 66 -1.60 -3.65 -3.33
N ILE A 67 -2.37 -3.99 -2.30
CA ILE A 67 -1.81 -4.31 -1.00
C ILE A 67 -2.56 -5.44 -0.32
N THR A 68 -1.83 -6.49 0.06
CA THR A 68 -2.44 -7.64 0.72
C THR A 68 -2.10 -7.67 2.20
N GLY A 69 -2.96 -8.30 2.98
CA GLY A 69 -2.74 -8.39 4.42
C GLY A 69 -3.99 -8.14 5.22
N TYR A 70 -3.87 -8.18 6.55
CA TYR A 70 -5.02 -7.96 7.42
C TYR A 70 -5.70 -6.63 7.11
N GLU A 71 -6.99 -6.69 6.80
CA GLU A 71 -7.76 -5.50 6.48
C GLU A 71 -7.28 -4.31 7.30
N LYS A 72 -6.86 -4.58 8.53
CA LYS A 72 -6.39 -3.54 9.43
C LYS A 72 -4.95 -3.15 9.09
N ASN A 73 -4.02 -4.08 9.29
CA ASN A 73 -2.61 -3.83 9.00
C ASN A 73 -2.45 -3.11 7.66
N THR A 74 -3.24 -3.53 6.68
CA THR A 74 -3.19 -2.93 5.34
C THR A 74 -3.31 -1.41 5.43
N GLU A 75 -4.46 -0.94 5.91
CA GLU A 75 -4.71 0.49 6.03
C GLU A 75 -3.47 1.21 6.61
N ALA A 76 -3.02 0.75 7.76
CA ALA A 76 -1.86 1.33 8.41
C ALA A 76 -0.73 1.56 7.42
N ALA A 77 -0.66 0.71 6.41
CA ALA A 77 0.37 0.82 5.38
C ALA A 77 -0.09 1.71 4.22
N ARG A 78 -1.33 1.53 3.81
CA ARG A 78 -1.90 2.31 2.72
C ARG A 78 -1.91 3.80 3.06
N ASP A 79 -1.89 4.11 4.35
CA ASP A 79 -1.91 5.48 4.82
C ASP A 79 -0.59 6.18 4.47
N ALA A 80 0.51 5.44 4.55
CA ALA A 80 1.82 5.99 4.24
C ALA A 80 1.90 6.45 2.80
N ILE A 81 1.64 5.53 1.87
CA ILE A 81 1.69 5.83 0.45
C ILE A 81 1.09 7.20 0.17
N LEU A 82 0.04 7.55 0.90
CA LEU A 82 -0.62 8.84 0.73
C LEU A 82 0.09 9.93 1.52
N ARG A 83 0.43 9.62 2.77
CA ARG A 83 1.13 10.57 3.63
C ARG A 83 2.33 11.18 2.91
N ILE A 84 2.89 10.43 1.96
CA ILE A 84 4.03 10.90 1.21
C ILE A 84 3.61 11.81 0.05
N VAL A 85 2.92 11.22 -0.93
CA VAL A 85 2.45 11.97 -2.09
C VAL A 85 2.05 13.39 -1.69
N GLY A 86 1.44 13.52 -0.52
CA GLY A 86 1.01 14.82 -0.05
C GLY A 86 2.15 15.81 0.03
N GLU A 87 3.25 15.40 0.64
CA GLU A 87 4.43 16.26 0.78
C GLU A 87 5.15 16.40 -0.55
N LEU A 88 5.28 15.30 -1.27
CA LEU A 88 5.96 15.29 -2.57
C LEU A 88 5.40 16.39 -3.47
N GLU A 89 4.09 16.38 -3.67
CA GLU A 89 3.44 17.38 -4.51
C GLU A 89 3.92 18.79 -4.17
N GLN A 90 3.90 19.11 -2.87
CA GLN A 90 4.32 20.42 -2.40
C GLN A 90 5.76 20.70 -2.82
N MET A 91 6.66 19.79 -2.46
CA MET A 91 8.07 19.94 -2.79
C MET A 91 8.24 20.52 -4.20
N SER A 92 7.72 19.82 -5.19
CA SER A 92 7.81 20.25 -6.58
C SER A 92 7.10 21.59 -6.77
N GLY A 93 7.88 22.64 -7.03
CA GLY A 93 7.30 23.95 -7.24
C GLY A 93 7.40 24.83 -6.00
N PRO A 94 7.71 26.11 -6.22
CA PRO A 94 7.84 27.08 -5.12
C PRO A 94 6.51 27.41 -4.47
N SER A 95 6.56 27.90 -3.23
CA SER A 95 5.35 28.25 -2.50
C SER A 95 4.94 29.70 -2.77
N SER A 96 3.68 29.88 -3.14
CA SER A 96 3.17 31.22 -3.44
C SER A 96 3.39 32.16 -2.26
N GLY A 97 3.00 31.71 -1.07
CA GLY A 97 3.17 32.52 0.12
C GLY A 97 1.89 32.64 0.93
N GLY A 1 -12.24 -5.58 33.48
CA GLY A 1 -12.70 -5.89 32.13
C GLY A 1 -13.10 -7.34 31.97
N SER A 2 -14.40 -7.61 32.07
CA SER A 2 -14.92 -8.97 31.95
C SER A 2 -15.36 -9.24 30.51
N SER A 3 -14.39 -9.53 29.65
CA SER A 3 -14.68 -9.82 28.25
C SER A 3 -14.07 -11.16 27.83
N GLY A 4 -14.67 -11.79 26.82
CA GLY A 4 -14.18 -13.07 26.35
C GLY A 4 -15.09 -13.69 25.31
N SER A 5 -14.76 -13.50 24.05
CA SER A 5 -15.56 -14.04 22.95
C SER A 5 -14.75 -15.03 22.12
N SER A 6 -14.01 -15.89 22.80
CA SER A 6 -13.18 -16.88 22.12
C SER A 6 -14.01 -17.71 21.14
N GLY A 7 -13.33 -18.38 20.22
CA GLY A 7 -14.02 -19.19 19.23
C GLY A 7 -13.10 -19.72 18.16
N GLU A 8 -13.25 -19.19 16.95
CA GLU A 8 -12.42 -19.61 15.82
C GLU A 8 -11.75 -18.42 15.16
N GLN A 9 -10.49 -18.59 14.79
CA GLN A 9 -9.72 -17.52 14.15
C GLN A 9 -10.05 -17.43 12.67
N GLU A 10 -10.20 -16.20 12.17
CA GLU A 10 -10.52 -15.98 10.77
C GLU A 10 -9.34 -15.33 10.04
N ASP A 11 -8.15 -15.87 10.26
CA ASP A 11 -6.94 -15.34 9.63
C ASP A 11 -6.95 -15.62 8.13
N ARG A 12 -7.30 -16.85 7.76
CA ARG A 12 -7.34 -17.25 6.36
C ARG A 12 -8.06 -16.19 5.52
N ALA A 13 -8.97 -15.45 6.16
CA ALA A 13 -9.72 -14.41 5.47
C ALA A 13 -9.01 -13.06 5.59
N LEU A 14 -8.60 -12.71 6.80
CA LEU A 14 -7.91 -11.45 7.05
C LEU A 14 -6.71 -11.30 6.12
N ARG A 15 -5.89 -12.34 6.04
CA ARG A 15 -4.71 -12.32 5.17
C ARG A 15 -5.11 -12.30 3.70
N SER A 16 -6.39 -12.55 3.43
CA SER A 16 -6.89 -12.57 2.07
C SER A 16 -7.57 -11.26 1.71
N PHE A 17 -7.11 -10.18 2.33
CA PHE A 17 -7.67 -8.85 2.10
C PHE A 17 -6.84 -8.08 1.09
N LYS A 18 -7.46 -7.69 -0.02
CA LYS A 18 -6.77 -6.94 -1.07
C LYS A 18 -7.23 -5.48 -1.07
N LEU A 19 -6.27 -4.57 -0.93
CA LEU A 19 -6.57 -3.14 -0.92
C LEU A 19 -6.03 -2.46 -2.17
N SER A 20 -6.78 -1.51 -2.71
CA SER A 20 -6.37 -0.79 -3.91
C SER A 20 -6.33 0.71 -3.65
N VAL A 21 -5.12 1.25 -3.50
CA VAL A 21 -4.95 2.67 -3.25
C VAL A 21 -4.88 3.46 -4.55
N THR A 22 -5.54 4.62 -4.58
CA THR A 22 -5.55 5.47 -5.76
C THR A 22 -4.48 6.55 -5.68
N VAL A 23 -3.38 6.32 -6.39
CA VAL A 23 -2.27 7.28 -6.40
C VAL A 23 -1.60 7.34 -7.76
N ASP A 24 -1.61 8.51 -8.37
CA ASP A 24 -0.99 8.70 -9.69
C ASP A 24 0.29 7.89 -9.81
N PRO A 25 0.55 7.38 -11.02
CA PRO A 25 1.74 6.58 -11.31
C PRO A 25 3.02 7.40 -11.27
N LYS A 26 2.88 8.69 -10.96
CA LYS A 26 4.03 9.58 -10.89
C LYS A 26 4.78 9.40 -9.57
N TYR A 27 4.04 9.23 -8.49
CA TYR A 27 4.65 9.05 -7.17
C TYR A 27 4.97 7.57 -6.92
N HIS A 28 4.34 6.70 -7.70
CA HIS A 28 4.56 5.26 -7.57
C HIS A 28 6.05 4.95 -7.44
N PRO A 29 6.83 5.34 -8.46
CA PRO A 29 8.27 5.11 -8.48
C PRO A 29 9.01 5.97 -7.47
N LYS A 30 8.28 6.88 -6.83
CA LYS A 30 8.87 7.78 -5.84
C LYS A 30 8.73 7.20 -4.44
N ILE A 31 7.73 6.34 -4.26
CA ILE A 31 7.48 5.72 -2.96
C ILE A 31 8.32 4.46 -2.79
N ILE A 32 8.47 3.70 -3.87
CA ILE A 32 9.26 2.48 -3.83
C ILE A 32 10.65 2.73 -3.27
N GLY A 33 11.27 3.82 -3.70
CA GLY A 33 12.60 4.16 -3.23
C GLY A 33 13.65 4.09 -4.33
N ARG A 34 14.81 4.66 -4.07
CA ARG A 34 15.91 4.65 -5.04
C ARG A 34 16.49 3.26 -5.19
N LYS A 35 16.65 2.57 -4.07
CA LYS A 35 17.21 1.21 -4.08
C LYS A 35 16.12 0.17 -3.82
N GLY A 36 15.05 0.60 -3.15
CA GLY A 36 13.95 -0.31 -2.86
C GLY A 36 13.91 -0.69 -1.39
N ALA A 37 14.68 0.01 -0.57
CA ALA A 37 14.73 -0.27 0.86
C ALA A 37 13.65 0.51 1.60
N VAL A 38 13.10 1.53 0.95
CA VAL A 38 12.04 2.34 1.54
C VAL A 38 10.76 1.54 1.72
N ILE A 39 10.09 1.24 0.61
CA ILE A 39 8.86 0.47 0.63
C ILE A 39 9.01 -0.77 1.49
N THR A 40 10.19 -1.37 1.46
CA THR A 40 10.46 -2.58 2.23
C THR A 40 10.20 -2.35 3.71
N GLN A 41 10.69 -1.23 4.23
CA GLN A 41 10.50 -0.89 5.64
C GLN A 41 9.02 -0.80 5.99
N ILE A 42 8.28 -0.02 5.21
CA ILE A 42 6.85 0.15 5.43
C ILE A 42 6.12 -1.19 5.44
N ARG A 43 6.57 -2.10 4.58
CA ARG A 43 5.96 -3.42 4.48
C ARG A 43 6.09 -4.17 5.81
N LEU A 44 7.32 -4.25 6.31
CA LEU A 44 7.58 -4.94 7.58
C LEU A 44 6.92 -4.20 8.75
N GLU A 45 6.98 -2.87 8.71
CA GLU A 45 6.39 -2.05 9.76
C GLU A 45 4.97 -2.52 10.08
N HIS A 46 4.11 -2.51 9.06
CA HIS A 46 2.73 -2.92 9.23
C HIS A 46 2.56 -4.41 8.93
N ASP A 47 3.66 -5.05 8.56
CA ASP A 47 3.64 -6.48 8.25
C ASP A 47 2.63 -6.78 7.14
N VAL A 48 2.77 -6.10 6.02
CA VAL A 48 1.87 -6.28 4.89
C VAL A 48 2.63 -6.33 3.57
N ASN A 49 1.97 -6.82 2.52
CA ASN A 49 2.59 -6.91 1.21
C ASN A 49 2.15 -5.75 0.31
N ILE A 50 3.12 -4.96 -0.12
CA ILE A 50 2.84 -3.81 -0.98
C ILE A 50 3.50 -3.97 -2.34
N GLN A 51 2.77 -3.63 -3.40
CA GLN A 51 3.28 -3.73 -4.75
C GLN A 51 2.67 -2.68 -5.66
N PHE A 52 3.35 -2.36 -6.76
CA PHE A 52 2.87 -1.37 -7.70
C PHE A 52 2.68 -1.97 -9.09
N PRO A 53 1.75 -1.39 -9.87
CA PRO A 53 1.45 -1.86 -11.23
C PRO A 53 2.60 -1.59 -12.20
N ASP A 54 2.58 -2.28 -13.33
CA ASP A 54 3.62 -2.10 -14.35
C ASP A 54 3.08 -1.33 -15.55
N LYS A 55 3.83 -0.33 -15.98
CA LYS A 55 3.43 0.50 -17.12
C LYS A 55 3.56 -0.29 -18.42
N ASP A 56 4.49 -1.23 -18.45
CA ASP A 56 4.72 -2.05 -19.64
C ASP A 56 3.43 -2.74 -20.08
N ASP A 57 2.64 -3.19 -19.11
CA ASP A 57 1.38 -3.86 -19.40
C ASP A 57 0.39 -2.90 -20.05
N GLY A 58 -0.07 -1.91 -19.29
CA GLY A 58 -1.02 -0.95 -19.82
C GLY A 58 -2.44 -1.23 -19.37
N ASN A 59 -3.04 -2.28 -19.93
CA ASN A 59 -4.40 -2.65 -19.59
C ASN A 59 -4.65 -2.47 -18.10
N GLN A 60 -3.67 -2.86 -17.29
CA GLN A 60 -3.80 -2.74 -15.84
C GLN A 60 -3.59 -1.30 -15.39
N PRO A 61 -4.20 -0.94 -14.25
CA PRO A 61 -4.11 0.41 -13.69
C PRO A 61 -2.72 0.71 -13.15
N GLN A 62 -2.14 1.82 -13.60
CA GLN A 62 -0.81 2.22 -13.16
C GLN A 62 -0.88 3.16 -11.96
N ASP A 63 -2.10 3.59 -11.64
CA ASP A 63 -2.33 4.50 -10.52
C ASP A 63 -2.90 3.76 -9.32
N GLN A 64 -3.23 2.48 -9.53
CA GLN A 64 -3.79 1.66 -8.47
C GLN A 64 -2.71 0.82 -7.80
N ILE A 65 -2.62 0.92 -6.47
CA ILE A 65 -1.64 0.16 -5.72
C ILE A 65 -2.29 -0.98 -4.95
N THR A 66 -1.81 -2.20 -5.19
CA THR A 66 -2.34 -3.38 -4.53
C THR A 66 -1.56 -3.69 -3.25
N ILE A 67 -2.30 -3.93 -2.17
CA ILE A 67 -1.69 -4.24 -0.89
C ILE A 67 -2.42 -5.38 -0.19
N THR A 68 -1.71 -6.48 0.05
CA THR A 68 -2.29 -7.63 0.71
C THR A 68 -1.91 -7.67 2.19
N GLY A 69 -2.74 -8.33 2.99
CA GLY A 69 -2.49 -8.43 4.42
C GLY A 69 -3.72 -8.19 5.25
N TYR A 70 -3.55 -8.18 6.57
CA TYR A 70 -4.67 -7.97 7.48
C TYR A 70 -5.43 -6.69 7.14
N GLU A 71 -6.72 -6.82 6.91
CA GLU A 71 -7.56 -5.67 6.57
C GLU A 71 -7.10 -4.43 7.31
N LYS A 72 -6.71 -4.61 8.57
CA LYS A 72 -6.25 -3.49 9.39
C LYS A 72 -4.80 -3.14 9.05
N ASN A 73 -3.90 -4.09 9.24
CA ASN A 73 -2.49 -3.87 8.95
C ASN A 73 -2.31 -3.14 7.62
N THR A 74 -3.19 -3.43 6.68
CA THR A 74 -3.13 -2.81 5.36
C THR A 74 -3.41 -1.31 5.44
N GLU A 75 -4.59 -0.96 5.95
CA GLU A 75 -4.97 0.44 6.09
C GLU A 75 -3.84 1.26 6.66
N ALA A 76 -3.15 0.70 7.66
CA ALA A 76 -2.03 1.38 8.30
C ALA A 76 -0.88 1.59 7.32
N ALA A 77 -0.75 0.68 6.36
CA ALA A 77 0.31 0.76 5.37
C ALA A 77 -0.12 1.63 4.19
N ARG A 78 -1.42 1.65 3.90
CA ARG A 78 -1.95 2.43 2.80
C ARG A 78 -1.97 3.92 3.17
N ASP A 79 -2.00 4.20 4.46
CA ASP A 79 -2.02 5.58 4.93
C ASP A 79 -0.71 6.30 4.60
N ALA A 80 0.38 5.54 4.60
CA ALA A 80 1.70 6.09 4.30
C ALA A 80 1.78 6.57 2.86
N ILE A 81 1.52 5.67 1.92
CA ILE A 81 1.56 6.01 0.50
C ILE A 81 0.98 7.40 0.25
N LEU A 82 -0.01 7.77 1.06
CA LEU A 82 -0.64 9.08 0.93
C LEU A 82 0.14 10.15 1.68
N ARG A 83 0.44 9.87 2.95
CA ARG A 83 1.19 10.81 3.78
C ARG A 83 2.38 11.37 3.03
N ILE A 84 3.03 10.53 2.23
CA ILE A 84 4.18 10.95 1.44
C ILE A 84 3.77 11.80 0.25
N VAL A 85 2.97 11.23 -0.64
CA VAL A 85 2.50 11.94 -1.81
C VAL A 85 2.17 13.40 -1.48
N GLY A 86 1.61 13.61 -0.31
CA GLY A 86 1.26 14.96 0.11
C GLY A 86 2.46 15.89 0.12
N GLU A 87 3.52 15.47 0.78
CA GLU A 87 4.73 16.28 0.87
C GLU A 87 5.37 16.47 -0.51
N LEU A 88 5.43 15.38 -1.28
CA LEU A 88 6.00 15.43 -2.61
C LEU A 88 5.42 16.58 -3.42
N GLU A 89 4.16 16.92 -3.13
CA GLU A 89 3.49 18.00 -3.83
C GLU A 89 3.96 19.36 -3.31
N GLN A 90 3.88 19.54 -2.00
CA GLN A 90 4.29 20.80 -1.38
C GLN A 90 5.72 21.15 -1.77
N MET A 91 6.60 20.16 -1.74
CA MET A 91 8.00 20.37 -2.09
C MET A 91 8.16 20.50 -3.60
N SER A 92 9.07 21.38 -4.02
CA SER A 92 9.32 21.60 -5.44
C SER A 92 9.89 20.33 -6.09
N GLY A 93 9.31 19.96 -7.23
CA GLY A 93 9.77 18.78 -7.94
C GLY A 93 8.77 18.32 -8.99
N PRO A 94 7.90 17.37 -8.62
CA PRO A 94 6.88 16.83 -9.52
C PRO A 94 5.79 17.83 -9.85
N SER A 95 5.90 18.47 -11.01
CA SER A 95 4.93 19.46 -11.43
C SER A 95 4.19 18.99 -12.68
N SER A 96 2.88 18.75 -12.53
CA SER A 96 2.05 18.30 -13.63
C SER A 96 0.60 18.73 -13.44
N GLY A 97 0.05 19.38 -14.47
CA GLY A 97 -1.33 19.84 -14.40
C GLY A 97 -2.21 19.19 -15.44
N GLY A 1 -28.10 -33.64 20.94
CA GLY A 1 -28.25 -32.21 21.14
C GLY A 1 -27.27 -31.65 22.16
N SER A 2 -26.00 -31.62 21.79
CA SER A 2 -24.96 -31.12 22.67
C SER A 2 -24.62 -29.67 22.35
N SER A 3 -23.76 -29.07 23.17
CA SER A 3 -23.36 -27.68 22.96
C SER A 3 -21.86 -27.52 23.17
N GLY A 4 -21.33 -26.37 22.76
CA GLY A 4 -19.91 -26.11 22.90
C GLY A 4 -19.52 -24.73 22.40
N SER A 5 -19.80 -23.72 23.21
CA SER A 5 -19.48 -22.34 22.84
C SER A 5 -18.14 -22.27 22.10
N SER A 6 -18.15 -21.62 20.94
CA SER A 6 -16.95 -21.48 20.13
C SER A 6 -17.19 -20.57 18.94
N GLY A 7 -16.36 -19.54 18.80
CA GLY A 7 -16.50 -18.61 17.70
C GLY A 7 -15.38 -18.72 16.69
N GLU A 8 -15.60 -19.52 15.65
CA GLU A 8 -14.59 -19.72 14.61
C GLU A 8 -14.35 -18.42 13.84
N GLN A 9 -13.10 -17.97 13.87
CA GLN A 9 -12.74 -16.74 13.17
C GLN A 9 -12.60 -16.98 11.66
N GLU A 10 -12.50 -15.89 10.91
CA GLU A 10 -12.37 -15.98 9.45
C GLU A 10 -11.04 -15.39 8.99
N ASP A 11 -9.95 -15.85 9.59
CA ASP A 11 -8.63 -15.36 9.24
C ASP A 11 -8.35 -15.59 7.76
N ARG A 12 -8.43 -16.84 7.32
CA ARG A 12 -8.19 -17.20 5.94
C ARG A 12 -8.70 -16.11 5.00
N ALA A 13 -9.78 -15.44 5.40
CA ALA A 13 -10.37 -14.37 4.61
C ALA A 13 -9.67 -13.05 4.86
N LEU A 14 -9.45 -12.73 6.14
CA LEU A 14 -8.79 -11.50 6.53
C LEU A 14 -7.45 -11.35 5.83
N ARG A 15 -6.64 -12.42 5.88
CA ARG A 15 -5.33 -12.41 5.25
C ARG A 15 -5.45 -12.27 3.74
N SER A 16 -6.58 -12.70 3.20
CA SER A 16 -6.82 -12.62 1.76
C SER A 16 -7.50 -11.31 1.39
N PHE A 17 -7.21 -10.25 2.14
CA PHE A 17 -7.80 -8.95 1.90
C PHE A 17 -6.94 -8.13 0.94
N LYS A 18 -7.50 -7.81 -0.23
CA LYS A 18 -6.79 -7.04 -1.24
C LYS A 18 -7.21 -5.58 -1.20
N LEU A 19 -6.23 -4.68 -1.03
CA LEU A 19 -6.51 -3.26 -0.98
C LEU A 19 -5.92 -2.54 -2.19
N SER A 20 -6.49 -1.39 -2.53
CA SER A 20 -6.02 -0.61 -3.67
C SER A 20 -5.95 0.87 -3.32
N VAL A 21 -4.73 1.41 -3.35
CA VAL A 21 -4.53 2.82 -3.04
C VAL A 21 -4.54 3.68 -4.31
N THR A 22 -5.47 4.63 -4.36
CA THR A 22 -5.59 5.51 -5.52
C THR A 22 -4.54 6.62 -5.48
N VAL A 23 -3.43 6.41 -6.17
CA VAL A 23 -2.35 7.38 -6.22
C VAL A 23 -1.73 7.46 -7.60
N ASP A 24 -1.63 8.66 -8.14
CA ASP A 24 -1.05 8.87 -9.46
C ASP A 24 0.20 8.00 -9.65
N PRO A 25 0.39 7.49 -10.87
CA PRO A 25 1.54 6.65 -11.21
C PRO A 25 2.85 7.43 -11.22
N LYS A 26 2.77 8.71 -10.90
CA LYS A 26 3.95 9.57 -10.88
C LYS A 26 4.72 9.40 -9.57
N TYR A 27 3.98 9.36 -8.46
CA TYR A 27 4.59 9.20 -7.14
C TYR A 27 4.91 7.73 -6.87
N HIS A 28 4.31 6.84 -7.65
CA HIS A 28 4.53 5.41 -7.49
C HIS A 28 6.01 5.09 -7.36
N PRO A 29 6.78 5.44 -8.40
CA PRO A 29 8.22 5.22 -8.43
C PRO A 29 8.98 6.10 -7.45
N LYS A 30 8.26 7.03 -6.82
CA LYS A 30 8.86 7.93 -5.85
C LYS A 30 8.71 7.40 -4.43
N ILE A 31 7.74 6.51 -4.23
CA ILE A 31 7.48 5.92 -2.93
C ILE A 31 8.36 4.70 -2.71
N ILE A 32 8.45 3.84 -3.72
CA ILE A 32 9.26 2.63 -3.65
C ILE A 32 10.60 2.91 -2.96
N GLY A 33 11.28 3.95 -3.41
CA GLY A 33 12.56 4.30 -2.84
C GLY A 33 13.69 4.21 -3.85
N ARG A 34 14.73 5.02 -3.64
CA ARG A 34 15.88 5.02 -4.53
C ARG A 34 16.29 3.60 -4.91
N LYS A 35 16.46 2.75 -3.90
CA LYS A 35 16.85 1.37 -4.12
C LYS A 35 15.67 0.42 -3.86
N GLY A 36 14.72 0.88 -3.05
CA GLY A 36 13.57 0.07 -2.74
C GLY A 36 13.54 -0.33 -1.27
N ALA A 37 14.16 0.47 -0.42
CA ALA A 37 14.19 0.19 1.01
C ALA A 37 13.05 0.87 1.74
N VAL A 38 12.70 2.07 1.27
CA VAL A 38 11.61 2.83 1.88
C VAL A 38 10.33 2.01 1.96
N ILE A 39 9.87 1.52 0.81
CA ILE A 39 8.66 0.72 0.76
C ILE A 39 8.81 -0.55 1.58
N THR A 40 9.99 -1.15 1.55
CA THR A 40 10.27 -2.37 2.30
C THR A 40 10.01 -2.17 3.78
N GLN A 41 10.65 -1.17 4.37
CA GLN A 41 10.49 -0.87 5.78
C GLN A 41 9.01 -0.80 6.16
N ILE A 42 8.26 0.02 5.45
CA ILE A 42 6.84 0.18 5.70
C ILE A 42 6.13 -1.16 5.68
N ARG A 43 6.46 -1.99 4.69
CA ARG A 43 5.85 -3.30 4.55
C ARG A 43 6.04 -4.13 5.82
N LEU A 44 7.29 -4.39 6.17
CA LEU A 44 7.60 -5.16 7.37
C LEU A 44 7.00 -4.51 8.61
N GLU A 45 7.10 -3.18 8.68
CA GLU A 45 6.57 -2.44 9.82
C GLU A 45 5.17 -2.93 10.19
N HIS A 46 4.29 -2.96 9.19
CA HIS A 46 2.91 -3.41 9.40
C HIS A 46 2.75 -4.88 9.01
N ASP A 47 3.84 -5.47 8.52
CA ASP A 47 3.81 -6.87 8.10
C ASP A 47 2.82 -7.08 6.95
N VAL A 48 2.88 -6.21 5.96
CA VAL A 48 1.99 -6.30 4.81
C VAL A 48 2.78 -6.26 3.50
N ASN A 49 2.12 -6.63 2.41
CA ASN A 49 2.76 -6.64 1.10
C ASN A 49 2.23 -5.50 0.24
N ILE A 50 3.15 -4.81 -0.44
CA ILE A 50 2.77 -3.70 -1.30
C ILE A 50 3.38 -3.85 -2.69
N GLN A 51 2.51 -4.03 -3.69
CA GLN A 51 2.96 -4.19 -5.07
C GLN A 51 2.45 -3.05 -5.95
N PHE A 52 3.32 -2.53 -6.80
CA PHE A 52 2.97 -1.43 -7.69
C PHE A 52 2.74 -1.94 -9.12
N PRO A 53 1.85 -1.27 -9.85
CA PRO A 53 1.53 -1.63 -11.23
C PRO A 53 2.68 -1.35 -12.20
N ASP A 54 2.65 -1.99 -13.35
CA ASP A 54 3.69 -1.81 -14.36
C ASP A 54 3.14 -1.08 -15.59
N LYS A 55 3.87 -0.06 -16.04
CA LYS A 55 3.45 0.71 -17.21
C LYS A 55 3.57 -0.12 -18.48
N ASP A 56 4.48 -1.10 -18.47
CA ASP A 56 4.68 -1.96 -19.63
C ASP A 56 3.39 -2.68 -20.00
N ASP A 57 2.66 -3.13 -18.98
CA ASP A 57 1.41 -3.85 -19.20
C ASP A 57 0.36 -2.92 -19.82
N GLY A 58 -0.13 -1.98 -19.03
CA GLY A 58 -1.13 -1.05 -19.51
C GLY A 58 -2.53 -1.40 -19.05
N ASN A 59 -3.06 -2.51 -19.57
CA ASN A 59 -4.39 -2.96 -19.20
C ASN A 59 -4.67 -2.71 -17.72
N GLN A 60 -3.68 -3.00 -16.88
CA GLN A 60 -3.82 -2.81 -15.44
C GLN A 60 -3.62 -1.34 -15.07
N PRO A 61 -4.23 -0.93 -13.95
CA PRO A 61 -4.15 0.45 -13.46
C PRO A 61 -2.76 0.80 -12.95
N GLN A 62 -2.24 1.96 -13.37
CA GLN A 62 -0.92 2.39 -12.95
C GLN A 62 -1.01 3.31 -11.73
N ASP A 63 -2.22 3.77 -11.43
CA ASP A 63 -2.44 4.64 -10.28
C ASP A 63 -2.93 3.85 -9.08
N GLN A 64 -3.28 2.59 -9.31
CA GLN A 64 -3.78 1.72 -8.25
C GLN A 64 -2.63 0.92 -7.63
N ILE A 65 -2.56 0.92 -6.30
CA ILE A 65 -1.52 0.19 -5.60
C ILE A 65 -2.10 -1.00 -4.83
N THR A 66 -1.77 -2.21 -5.28
CA THR A 66 -2.26 -3.42 -4.63
C THR A 66 -1.56 -3.65 -3.30
N ILE A 67 -2.33 -4.12 -2.32
CA ILE A 67 -1.77 -4.38 -0.99
C ILE A 67 -2.52 -5.53 -0.31
N THR A 68 -1.79 -6.58 0.05
CA THR A 68 -2.37 -7.73 0.71
C THR A 68 -2.02 -7.77 2.19
N GLY A 69 -2.88 -8.38 2.99
CA GLY A 69 -2.63 -8.47 4.42
C GLY A 69 -3.88 -8.22 5.24
N TYR A 70 -3.70 -8.11 6.55
CA TYR A 70 -4.83 -7.88 7.46
C TYR A 70 -5.51 -6.56 7.14
N GLU A 71 -6.82 -6.61 6.94
CA GLU A 71 -7.60 -5.41 6.63
C GLU A 71 -7.16 -4.25 7.49
N LYS A 72 -6.80 -4.55 8.74
CA LYS A 72 -6.36 -3.51 9.67
C LYS A 72 -4.96 -3.02 9.33
N ASN A 73 -4.00 -3.95 9.32
CA ASN A 73 -2.62 -3.60 9.00
C ASN A 73 -2.52 -2.93 7.63
N THR A 74 -3.00 -3.64 6.60
CA THR A 74 -2.96 -3.12 5.24
C THR A 74 -3.30 -1.63 5.21
N GLU A 75 -4.41 -1.27 5.83
CA GLU A 75 -4.85 0.13 5.87
C GLU A 75 -3.78 0.99 6.53
N ALA A 76 -3.19 0.50 7.62
CA ALA A 76 -2.16 1.24 8.34
C ALA A 76 -0.97 1.53 7.43
N ALA A 77 -0.70 0.62 6.50
CA ALA A 77 0.42 0.78 5.57
C ALA A 77 0.02 1.67 4.39
N ARG A 78 -1.15 1.41 3.82
CA ARG A 78 -1.64 2.18 2.69
C ARG A 78 -1.68 3.67 3.02
N ASP A 79 -1.75 3.97 4.32
CA ASP A 79 -1.80 5.36 4.77
C ASP A 79 -0.47 6.07 4.49
N ALA A 80 0.62 5.31 4.53
CA ALA A 80 1.94 5.86 4.29
C ALA A 80 2.06 6.40 2.86
N ILE A 81 1.62 5.60 1.89
CA ILE A 81 1.68 5.99 0.49
C ILE A 81 1.11 7.40 0.30
N LEU A 82 0.08 7.72 1.07
CA LEU A 82 -0.56 9.03 0.98
C LEU A 82 0.28 10.10 1.69
N ARG A 83 0.56 9.86 2.97
CA ARG A 83 1.36 10.79 3.76
C ARG A 83 2.51 11.37 2.93
N ILE A 84 2.97 10.59 1.96
CA ILE A 84 4.08 11.01 1.10
C ILE A 84 3.56 11.87 -0.06
N VAL A 85 2.76 11.25 -0.91
CA VAL A 85 2.19 11.96 -2.07
C VAL A 85 1.93 13.42 -1.75
N GLY A 86 1.55 13.68 -0.50
CA GLY A 86 1.27 15.05 -0.09
C GLY A 86 2.51 15.92 -0.09
N GLU A 87 3.58 15.43 0.53
CA GLU A 87 4.82 16.17 0.60
C GLU A 87 5.48 16.26 -0.78
N LEU A 88 5.37 15.19 -1.55
CA LEU A 88 5.95 15.15 -2.89
C LEU A 88 5.37 16.25 -3.77
N GLU A 89 4.05 16.32 -3.83
CA GLU A 89 3.36 17.33 -4.64
C GLU A 89 4.07 18.68 -4.52
N GLN A 90 4.31 19.10 -3.29
CA GLN A 90 4.99 20.38 -3.04
C GLN A 90 6.48 20.28 -3.35
N MET A 91 7.08 19.15 -2.98
CA MET A 91 8.50 18.94 -3.22
C MET A 91 8.93 19.55 -4.56
N SER A 92 9.81 20.54 -4.50
CA SER A 92 10.29 21.21 -5.71
C SER A 92 11.35 20.36 -6.41
N GLY A 93 12.44 20.08 -5.70
CA GLY A 93 13.50 19.28 -6.26
C GLY A 93 14.85 19.61 -5.67
N PRO A 94 15.83 18.72 -5.89
CA PRO A 94 17.20 18.91 -5.37
C PRO A 94 17.93 20.03 -6.08
N SER A 95 18.03 21.19 -5.41
CA SER A 95 18.71 22.34 -5.99
C SER A 95 20.06 21.95 -6.59
N SER A 96 20.68 22.87 -7.30
CA SER A 96 21.97 22.62 -7.93
C SER A 96 22.91 23.81 -7.74
N GLY A 97 24.17 23.62 -8.13
CA GLY A 97 25.15 24.68 -7.99
C GLY A 97 26.51 24.17 -7.56
N GLY A 1 -21.24 -37.29 4.24
CA GLY A 1 -19.84 -36.97 4.33
C GLY A 1 -19.55 -35.50 4.07
N SER A 2 -19.22 -35.18 2.82
CA SER A 2 -18.93 -33.80 2.44
C SER A 2 -19.62 -33.45 1.12
N SER A 3 -19.62 -32.16 0.79
CA SER A 3 -20.25 -31.69 -0.44
C SER A 3 -19.20 -31.35 -1.49
N GLY A 4 -18.22 -30.55 -1.10
CA GLY A 4 -17.17 -30.16 -2.02
C GLY A 4 -16.07 -29.36 -1.33
N SER A 5 -16.33 -28.08 -1.09
CA SER A 5 -15.35 -27.21 -0.46
C SER A 5 -15.91 -26.64 0.86
N SER A 6 -15.58 -27.28 1.96
CA SER A 6 -16.04 -26.84 3.27
C SER A 6 -14.90 -26.22 4.08
N GLY A 7 -14.98 -24.91 4.27
CA GLY A 7 -13.94 -24.21 5.03
C GLY A 7 -14.47 -23.61 6.31
N GLU A 8 -14.07 -24.17 7.44
CA GLU A 8 -14.51 -23.67 8.75
C GLU A 8 -13.61 -22.54 9.23
N GLN A 9 -12.62 -22.18 8.41
CA GLN A 9 -11.70 -21.10 8.75
C GLN A 9 -12.29 -19.75 8.39
N GLU A 10 -12.09 -18.77 9.27
CA GLU A 10 -12.61 -17.42 9.04
C GLU A 10 -11.47 -16.47 8.69
N ASP A 11 -10.30 -16.67 9.31
CA ASP A 11 -9.15 -15.83 9.06
C ASP A 11 -8.71 -15.93 7.60
N ARG A 12 -8.94 -17.09 6.99
CA ARG A 12 -8.57 -17.30 5.60
C ARG A 12 -9.00 -16.12 4.72
N ALA A 13 -10.04 -15.42 5.17
CA ALA A 13 -10.55 -14.28 4.43
C ALA A 13 -9.84 -12.99 4.85
N LEU A 14 -9.44 -12.93 6.12
CA LEU A 14 -8.76 -11.75 6.64
C LEU A 14 -7.40 -11.57 5.98
N ARG A 15 -6.68 -12.68 5.79
CA ARG A 15 -5.36 -12.65 5.17
C ARG A 15 -5.48 -12.51 3.65
N SER A 16 -6.69 -12.69 3.14
CA SER A 16 -6.95 -12.60 1.70
C SER A 16 -7.57 -11.25 1.36
N PHE A 17 -7.34 -10.25 2.20
CA PHE A 17 -7.88 -8.92 1.98
C PHE A 17 -7.00 -8.13 1.02
N LYS A 18 -7.57 -7.73 -0.12
CA LYS A 18 -6.83 -6.97 -1.11
C LYS A 18 -7.29 -5.53 -1.14
N LEU A 19 -6.35 -4.60 -0.97
CA LEU A 19 -6.66 -3.18 -0.98
C LEU A 19 -5.96 -2.46 -2.13
N SER A 20 -6.61 -1.45 -2.67
CA SER A 20 -6.05 -0.69 -3.78
C SER A 20 -5.98 0.80 -3.45
N VAL A 21 -4.77 1.33 -3.35
CA VAL A 21 -4.57 2.74 -3.04
C VAL A 21 -4.56 3.59 -4.30
N THR A 22 -5.44 4.59 -4.34
CA THR A 22 -5.53 5.47 -5.50
C THR A 22 -4.49 6.58 -5.42
N VAL A 23 -3.38 6.41 -6.14
CA VAL A 23 -2.32 7.40 -6.16
C VAL A 23 -1.66 7.48 -7.53
N ASP A 24 -1.57 8.69 -8.07
CA ASP A 24 -0.96 8.90 -9.38
C ASP A 24 0.26 8.01 -9.55
N PRO A 25 0.47 7.52 -10.78
CA PRO A 25 1.60 6.64 -11.11
C PRO A 25 2.93 7.39 -11.09
N LYS A 26 2.86 8.72 -11.00
CA LYS A 26 4.06 9.55 -10.96
C LYS A 26 4.80 9.38 -9.64
N TYR A 27 4.04 9.34 -8.55
CA TYR A 27 4.63 9.18 -7.22
C TYR A 27 4.94 7.72 -6.92
N HIS A 28 4.27 6.82 -7.65
CA HIS A 28 4.47 5.39 -7.47
C HIS A 28 5.96 5.06 -7.38
N PRO A 29 6.71 5.39 -8.44
CA PRO A 29 8.15 5.14 -8.50
C PRO A 29 8.94 6.02 -7.55
N LYS A 30 8.24 6.96 -6.91
CA LYS A 30 8.88 7.88 -5.97
C LYS A 30 8.74 7.37 -4.54
N ILE A 31 7.80 6.46 -4.33
CA ILE A 31 7.57 5.89 -3.01
C ILE A 31 8.43 4.66 -2.78
N ILE A 32 8.59 3.85 -3.83
CA ILE A 32 9.40 2.64 -3.74
C ILE A 32 10.73 2.91 -3.06
N GLY A 33 11.41 3.96 -3.51
CA GLY A 33 12.70 4.32 -2.93
C GLY A 33 13.83 4.22 -3.93
N ARG A 34 14.85 5.05 -3.74
CA ARG A 34 16.00 5.05 -4.64
C ARG A 34 16.54 3.64 -4.85
N LYS A 35 16.70 2.89 -3.77
CA LYS A 35 17.19 1.53 -3.83
C LYS A 35 16.07 0.53 -3.60
N GLY A 36 15.10 0.91 -2.78
CA GLY A 36 13.98 0.04 -2.49
C GLY A 36 13.85 -0.27 -1.01
N ALA A 37 14.85 0.15 -0.23
CA ALA A 37 14.84 -0.09 1.20
C ALA A 37 13.70 0.66 1.89
N VAL A 38 13.09 1.59 1.16
CA VAL A 38 11.98 2.37 1.69
C VAL A 38 10.70 1.55 1.79
N ILE A 39 10.12 1.24 0.64
CA ILE A 39 8.90 0.44 0.60
C ILE A 39 9.05 -0.85 1.38
N THR A 40 10.28 -1.34 1.48
CA THR A 40 10.57 -2.57 2.21
C THR A 40 10.30 -2.40 3.69
N GLN A 41 10.78 -1.29 4.26
CA GLN A 41 10.58 -1.02 5.67
C GLN A 41 9.11 -0.87 6.01
N ILE A 42 8.45 0.08 5.35
CA ILE A 42 7.03 0.33 5.58
C ILE A 42 6.24 -0.98 5.57
N ARG A 43 6.67 -1.92 4.74
CA ARG A 43 6.00 -3.21 4.63
C ARG A 43 6.13 -3.99 5.94
N LEU A 44 7.36 -4.16 6.41
CA LEU A 44 7.62 -4.88 7.65
C LEU A 44 6.97 -4.18 8.84
N GLU A 45 7.15 -2.86 8.90
CA GLU A 45 6.58 -2.07 9.99
C GLU A 45 5.11 -2.41 10.21
N HIS A 46 4.41 -2.70 9.12
CA HIS A 46 2.99 -3.04 9.19
C HIS A 46 2.77 -4.51 8.83
N ASP A 47 3.85 -5.20 8.49
CA ASP A 47 3.79 -6.61 8.12
C ASP A 47 2.72 -6.84 7.04
N VAL A 48 2.84 -6.11 5.94
CA VAL A 48 1.90 -6.23 4.84
C VAL A 48 2.60 -6.22 3.49
N ASN A 49 1.98 -6.85 2.49
CA ASN A 49 2.56 -6.92 1.16
C ASN A 49 2.11 -5.74 0.31
N ILE A 50 3.08 -5.04 -0.29
CA ILE A 50 2.78 -3.90 -1.13
C ILE A 50 3.37 -4.07 -2.53
N GLN A 51 2.49 -4.19 -3.52
CA GLN A 51 2.93 -4.36 -4.91
C GLN A 51 2.37 -3.25 -5.79
N PHE A 52 3.25 -2.69 -6.63
CA PHE A 52 2.85 -1.61 -7.52
C PHE A 52 2.53 -2.15 -8.91
N PRO A 53 1.63 -1.44 -9.63
CA PRO A 53 1.21 -1.84 -10.98
C PRO A 53 2.32 -1.64 -12.00
N ASP A 54 2.27 -2.42 -13.07
CA ASP A 54 3.28 -2.34 -14.13
C ASP A 54 3.04 -1.10 -15.00
N LYS A 55 3.93 -0.11 -14.86
CA LYS A 55 3.82 1.13 -15.62
C LYS A 55 3.91 0.85 -17.11
N ASP A 56 4.73 -0.13 -17.48
CA ASP A 56 4.90 -0.50 -18.89
C ASP A 56 3.58 -0.99 -19.48
N ASP A 57 2.72 -1.56 -18.64
CA ASP A 57 1.44 -2.07 -19.10
C ASP A 57 0.46 -0.92 -19.35
N GLY A 58 -0.77 -1.27 -19.70
CA GLY A 58 -1.78 -0.25 -19.98
C GLY A 58 -3.17 -0.69 -19.56
N ASN A 59 -3.44 -1.99 -19.68
CA ASN A 59 -4.74 -2.54 -19.32
C ASN A 59 -4.97 -2.45 -17.81
N GLN A 60 -3.88 -2.49 -17.05
CA GLN A 60 -3.96 -2.41 -15.59
C GLN A 60 -3.72 -0.99 -15.11
N PRO A 61 -4.30 -0.64 -13.95
CA PRO A 61 -4.17 0.68 -13.36
C PRO A 61 -2.76 0.95 -12.84
N GLN A 62 -2.15 2.04 -13.30
CA GLN A 62 -0.81 2.40 -12.87
C GLN A 62 -0.85 3.31 -11.65
N ASP A 63 -2.04 3.81 -11.33
CA ASP A 63 -2.21 4.69 -10.17
C ASP A 63 -2.70 3.91 -8.96
N GLN A 64 -3.21 2.71 -9.21
CA GLN A 64 -3.72 1.86 -8.13
C GLN A 64 -2.61 0.99 -7.55
N ILE A 65 -2.47 1.01 -6.23
CA ILE A 65 -1.43 0.23 -5.56
C ILE A 65 -2.05 -0.98 -4.85
N THR A 66 -1.66 -2.17 -5.29
CA THR A 66 -2.17 -3.40 -4.70
C THR A 66 -1.49 -3.70 -3.36
N ILE A 67 -2.29 -4.03 -2.36
CA ILE A 67 -1.76 -4.34 -1.04
C ILE A 67 -2.52 -5.49 -0.39
N THR A 68 -1.78 -6.48 0.12
CA THR A 68 -2.39 -7.63 0.76
C THR A 68 -2.06 -7.67 2.24
N GLY A 69 -2.92 -8.33 3.02
CA GLY A 69 -2.69 -8.43 4.45
C GLY A 69 -3.94 -8.15 5.25
N TYR A 70 -3.83 -8.20 6.57
CA TYR A 70 -4.96 -7.95 7.45
C TYR A 70 -5.64 -6.64 7.10
N GLU A 71 -6.94 -6.70 6.80
CA GLU A 71 -7.71 -5.52 6.44
C GLU A 71 -7.28 -4.33 7.28
N LYS A 72 -6.79 -4.60 8.49
CA LYS A 72 -6.34 -3.55 9.40
C LYS A 72 -4.91 -3.15 9.11
N ASN A 73 -3.98 -4.10 9.22
CA ASN A 73 -2.57 -3.85 8.97
C ASN A 73 -2.38 -3.18 7.62
N THR A 74 -3.25 -3.49 6.67
CA THR A 74 -3.18 -2.91 5.33
C THR A 74 -3.34 -1.40 5.38
N GLU A 75 -4.46 -0.94 5.94
CA GLU A 75 -4.74 0.48 6.05
C GLU A 75 -3.53 1.23 6.61
N ALA A 76 -2.94 0.69 7.67
CA ALA A 76 -1.78 1.30 8.29
C ALA A 76 -0.69 1.59 7.26
N ALA A 77 -0.53 0.69 6.31
CA ALA A 77 0.47 0.85 5.25
C ALA A 77 -0.03 1.77 4.15
N ARG A 78 -1.21 1.47 3.63
CA ARG A 78 -1.80 2.27 2.57
C ARG A 78 -1.85 3.74 2.95
N ASP A 79 -1.85 4.00 4.25
CA ASP A 79 -1.88 5.37 4.75
C ASP A 79 -0.59 6.10 4.42
N ALA A 80 0.54 5.43 4.64
CA ALA A 80 1.85 6.02 4.37
C ALA A 80 1.97 6.44 2.90
N ILE A 81 1.71 5.48 2.00
CA ILE A 81 1.79 5.75 0.58
C ILE A 81 1.17 7.10 0.24
N LEU A 82 0.08 7.44 0.92
CA LEU A 82 -0.61 8.70 0.69
C LEU A 82 0.09 9.85 1.41
N ARG A 83 0.32 9.69 2.70
CA ARG A 83 0.99 10.71 3.50
C ARG A 83 2.19 11.28 2.76
N ILE A 84 2.91 10.41 2.05
CA ILE A 84 4.08 10.83 1.29
C ILE A 84 3.69 11.73 0.13
N VAL A 85 2.80 11.24 -0.72
CA VAL A 85 2.33 12.01 -1.88
C VAL A 85 2.13 13.47 -1.51
N GLY A 86 1.22 13.72 -0.58
CA GLY A 86 0.94 15.08 -0.17
C GLY A 86 2.18 15.94 -0.13
N GLU A 87 3.23 15.44 0.54
CA GLU A 87 4.48 16.18 0.65
C GLU A 87 5.10 16.39 -0.72
N LEU A 88 5.19 15.32 -1.51
CA LEU A 88 5.77 15.39 -2.84
C LEU A 88 5.25 16.61 -3.59
N GLU A 89 3.96 16.89 -3.44
CA GLU A 89 3.34 18.03 -4.10
C GLU A 89 3.99 19.33 -3.68
N GLN A 90 3.97 19.60 -2.38
CA GLN A 90 4.56 20.81 -1.83
C GLN A 90 5.85 21.16 -2.56
N MET A 91 6.67 20.15 -2.82
CA MET A 91 7.94 20.35 -3.52
C MET A 91 7.71 20.81 -4.96
N SER A 92 7.11 19.94 -5.75
CA SER A 92 6.83 20.25 -7.16
C SER A 92 5.81 21.38 -7.27
N GLY A 93 5.80 22.04 -8.42
CA GLY A 93 4.87 23.14 -8.64
C GLY A 93 4.85 23.61 -10.07
N PRO A 94 4.11 22.89 -10.93
CA PRO A 94 4.00 23.21 -12.35
C PRO A 94 3.20 24.49 -12.59
N SER A 95 3.71 25.35 -13.47
CA SER A 95 3.03 26.61 -13.79
C SER A 95 2.23 26.49 -15.07
N SER A 96 0.92 26.32 -14.93
CA SER A 96 0.03 26.19 -16.08
C SER A 96 0.49 25.05 -16.99
N GLY A 97 0.89 23.94 -16.37
CA GLY A 97 1.33 22.78 -17.13
C GLY A 97 1.27 21.50 -16.33
#